data_2G40
# 
_entry.id   2G40 
# 
_audit_conform.dict_name       mmcif_pdbx.dic 
_audit_conform.dict_version    5.392 
_audit_conform.dict_location   http://mmcif.pdb.org/dictionaries/ascii/mmcif_pdbx.dic 
# 
loop_
_database_2.database_id 
_database_2.database_code 
_database_2.pdbx_database_accession 
_database_2.pdbx_DOI 
PDB   2G40         pdb_00002g40 10.2210/pdb2g40/pdb 
RCSB  RCSB036659   ?            ?                   
WWPDB D_1000036659 ?            ?                   
# 
loop_
_pdbx_audit_revision_history.ordinal 
_pdbx_audit_revision_history.data_content_type 
_pdbx_audit_revision_history.major_revision 
_pdbx_audit_revision_history.minor_revision 
_pdbx_audit_revision_history.revision_date 
1 'Structure model' 1 0 2006-03-07 
2 'Structure model' 1 1 2008-05-01 
3 'Structure model' 1 2 2011-07-13 
4 'Structure model' 1 3 2023-01-25 
5 'Structure model' 1 4 2024-05-29 
# 
_pdbx_audit_revision_details.ordinal             1 
_pdbx_audit_revision_details.revision_ordinal    1 
_pdbx_audit_revision_details.data_content_type   'Structure model' 
_pdbx_audit_revision_details.provider            repository 
_pdbx_audit_revision_details.type                'Initial release' 
_pdbx_audit_revision_details.description         ? 
_pdbx_audit_revision_details.details             ? 
# 
loop_
_pdbx_audit_revision_group.ordinal 
_pdbx_audit_revision_group.revision_ordinal 
_pdbx_audit_revision_group.data_content_type 
_pdbx_audit_revision_group.group 
1 2 'Structure model' 'Version format compliance' 
2 3 'Structure model' Advisory                    
3 3 'Structure model' 'Version format compliance' 
4 4 'Structure model' 'Database references'       
5 5 'Structure model' 'Data collection'           
# 
loop_
_pdbx_audit_revision_category.ordinal 
_pdbx_audit_revision_category.revision_ordinal 
_pdbx_audit_revision_category.data_content_type 
_pdbx_audit_revision_category.category 
1 4 'Structure model' database_2         
2 4 'Structure model' struct_ref_seq_dif 
3 5 'Structure model' chem_comp_atom     
4 5 'Structure model' chem_comp_bond     
# 
loop_
_pdbx_audit_revision_item.ordinal 
_pdbx_audit_revision_item.revision_ordinal 
_pdbx_audit_revision_item.data_content_type 
_pdbx_audit_revision_item.item 
1 4 'Structure model' '_database_2.pdbx_DOI'                
2 4 'Structure model' '_database_2.pdbx_database_accession' 
3 4 'Structure model' '_struct_ref_seq_dif.details'         
# 
_pdbx_database_status.SG_entry                        Y 
_pdbx_database_status.entry_id                        2G40 
_pdbx_database_status.deposit_site                    RCSB 
_pdbx_database_status.process_site                    RCSB 
_pdbx_database_status.recvd_initial_deposition_date   2006-02-21 
_pdbx_database_status.status_code                     REL 
_pdbx_database_status.status_code_sf                  REL 
_pdbx_database_status.status_code_mr                  ? 
_pdbx_database_status.status_code_cs                  ? 
_pdbx_database_status.pdb_format_compatible           Y 
_pdbx_database_status.status_code_nmr_data            ? 
_pdbx_database_status.methods_development_category    ? 
# 
_pdbx_database_related.db_name        TargetDB 
_pdbx_database_related.db_id          357226 
_pdbx_database_related.details        . 
_pdbx_database_related.content_type   unspecified 
# 
_audit_author.name           'Joint Center for Structural Genomics (JCSG)' 
_audit_author.pdbx_ordinal   1 
# 
_citation.id                        primary 
_citation.title                     
'Crystal structure of hypothetical protein (6459694) from Deinococcus radiodurans at 1.70 A resolution' 
_citation.journal_abbrev            'To be published' 
_citation.journal_volume            ? 
_citation.page_first                ? 
_citation.page_last                 ? 
_citation.year                      ? 
_citation.journal_id_ASTM           ? 
_citation.country                   ? 
_citation.journal_id_ISSN           ? 
_citation.journal_id_CSD            0353 
_citation.book_publisher            ? 
_citation.pdbx_database_id_PubMed   ? 
_citation.pdbx_database_id_DOI      ? 
# 
_citation_author.citation_id        primary 
_citation_author.name               'Joint Center for Structural Genomics (JCSG)' 
_citation_author.ordinal            1 
_citation_author.identifier_ORCID   ? 
# 
loop_
_entity.id 
_entity.type 
_entity.src_method 
_entity.pdbx_description 
_entity.formula_weight 
_entity.pdbx_number_of_molecules 
_entity.pdbx_ec 
_entity.pdbx_mutation 
_entity.pdbx_fragment 
_entity.details 
1 polymer man 'conserved hypothetical protein' 24108.564 1   ? ? ? ? 
2 water   nat water                            18.015    132 ? ? ? ? 
# 
_entity_poly.entity_id                      1 
_entity_poly.type                           'polypeptide(L)' 
_entity_poly.nstd_linkage                   no 
_entity_poly.nstd_monomer                   no 
_entity_poly.pdbx_seq_one_letter_code       
;MGSDKIHHHHHHMTTIPSTAEAKLEMLTTINRAIAGSRPEALPPYPVPAPLSRAEILHQFEDRILDYGAAYTHVSAAELP
GAIAKALGNARRVIVPAGIPAPWLTVGMDVLRDEPPLSHAELDRADAVLTGCAVAISETGTIILDHRADQGRRALSLIPD
FHICVVREDQIVQTVREGVEAVAASVREGRPLTWLSGGSATSDIELVRVEGVHGPRRLQVIVVG
;
_entity_poly.pdbx_seq_one_letter_code_can   
;MGSDKIHHHHHHMTTIPSTAEAKLEMLTTINRAIAGSRPEALPPYPVPAPLSRAEILHQFEDRILDYGAAYTHVSAAELP
GAIAKALGNARRVIVPAGIPAPWLTVGMDVLRDEPPLSHAELDRADAVLTGCAVAISETGTIILDHRADQGRRALSLIPD
FHICVVREDQIVQTVREGVEAVAASVREGRPLTWLSGGSATSDIELVRVEGVHGPRRLQVIVVG
;
_entity_poly.pdbx_strand_id                 A 
_entity_poly.pdbx_target_identifier         357226 
# 
_pdbx_entity_nonpoly.entity_id   2 
_pdbx_entity_nonpoly.name        water 
_pdbx_entity_nonpoly.comp_id     HOH 
# 
loop_
_entity_poly_seq.entity_id 
_entity_poly_seq.num 
_entity_poly_seq.mon_id 
_entity_poly_seq.hetero 
1 1   MET n 
1 2   GLY n 
1 3   SER n 
1 4   ASP n 
1 5   LYS n 
1 6   ILE n 
1 7   HIS n 
1 8   HIS n 
1 9   HIS n 
1 10  HIS n 
1 11  HIS n 
1 12  HIS n 
1 13  MET n 
1 14  THR n 
1 15  THR n 
1 16  ILE n 
1 17  PRO n 
1 18  SER n 
1 19  THR n 
1 20  ALA n 
1 21  GLU n 
1 22  ALA n 
1 23  LYS n 
1 24  LEU n 
1 25  GLU n 
1 26  MET n 
1 27  LEU n 
1 28  THR n 
1 29  THR n 
1 30  ILE n 
1 31  ASN n 
1 32  ARG n 
1 33  ALA n 
1 34  ILE n 
1 35  ALA n 
1 36  GLY n 
1 37  SER n 
1 38  ARG n 
1 39  PRO n 
1 40  GLU n 
1 41  ALA n 
1 42  LEU n 
1 43  PRO n 
1 44  PRO n 
1 45  TYR n 
1 46  PRO n 
1 47  VAL n 
1 48  PRO n 
1 49  ALA n 
1 50  PRO n 
1 51  LEU n 
1 52  SER n 
1 53  ARG n 
1 54  ALA n 
1 55  GLU n 
1 56  ILE n 
1 57  LEU n 
1 58  HIS n 
1 59  GLN n 
1 60  PHE n 
1 61  GLU n 
1 62  ASP n 
1 63  ARG n 
1 64  ILE n 
1 65  LEU n 
1 66  ASP n 
1 67  TYR n 
1 68  GLY n 
1 69  ALA n 
1 70  ALA n 
1 71  TYR n 
1 72  THR n 
1 73  HIS n 
1 74  VAL n 
1 75  SER n 
1 76  ALA n 
1 77  ALA n 
1 78  GLU n 
1 79  LEU n 
1 80  PRO n 
1 81  GLY n 
1 82  ALA n 
1 83  ILE n 
1 84  ALA n 
1 85  LYS n 
1 86  ALA n 
1 87  LEU n 
1 88  GLY n 
1 89  ASN n 
1 90  ALA n 
1 91  ARG n 
1 92  ARG n 
1 93  VAL n 
1 94  ILE n 
1 95  VAL n 
1 96  PRO n 
1 97  ALA n 
1 98  GLY n 
1 99  ILE n 
1 100 PRO n 
1 101 ALA n 
1 102 PRO n 
1 103 TRP n 
1 104 LEU n 
1 105 THR n 
1 106 VAL n 
1 107 GLY n 
1 108 MET n 
1 109 ASP n 
1 110 VAL n 
1 111 LEU n 
1 112 ARG n 
1 113 ASP n 
1 114 GLU n 
1 115 PRO n 
1 116 PRO n 
1 117 LEU n 
1 118 SER n 
1 119 HIS n 
1 120 ALA n 
1 121 GLU n 
1 122 LEU n 
1 123 ASP n 
1 124 ARG n 
1 125 ALA n 
1 126 ASP n 
1 127 ALA n 
1 128 VAL n 
1 129 LEU n 
1 130 THR n 
1 131 GLY n 
1 132 CYS n 
1 133 ALA n 
1 134 VAL n 
1 135 ALA n 
1 136 ILE n 
1 137 SER n 
1 138 GLU n 
1 139 THR n 
1 140 GLY n 
1 141 THR n 
1 142 ILE n 
1 143 ILE n 
1 144 LEU n 
1 145 ASP n 
1 146 HIS n 
1 147 ARG n 
1 148 ALA n 
1 149 ASP n 
1 150 GLN n 
1 151 GLY n 
1 152 ARG n 
1 153 ARG n 
1 154 ALA n 
1 155 LEU n 
1 156 SER n 
1 157 LEU n 
1 158 ILE n 
1 159 PRO n 
1 160 ASP n 
1 161 PHE n 
1 162 HIS n 
1 163 ILE n 
1 164 CYS n 
1 165 VAL n 
1 166 VAL n 
1 167 ARG n 
1 168 GLU n 
1 169 ASP n 
1 170 GLN n 
1 171 ILE n 
1 172 VAL n 
1 173 GLN n 
1 174 THR n 
1 175 VAL n 
1 176 ARG n 
1 177 GLU n 
1 178 GLY n 
1 179 VAL n 
1 180 GLU n 
1 181 ALA n 
1 182 VAL n 
1 183 ALA n 
1 184 ALA n 
1 185 SER n 
1 186 VAL n 
1 187 ARG n 
1 188 GLU n 
1 189 GLY n 
1 190 ARG n 
1 191 PRO n 
1 192 LEU n 
1 193 THR n 
1 194 TRP n 
1 195 LEU n 
1 196 SER n 
1 197 GLY n 
1 198 GLY n 
1 199 SER n 
1 200 ALA n 
1 201 THR n 
1 202 SER n 
1 203 ASP n 
1 204 ILE n 
1 205 GLU n 
1 206 LEU n 
1 207 VAL n 
1 208 ARG n 
1 209 VAL n 
1 210 GLU n 
1 211 GLY n 
1 212 VAL n 
1 213 HIS n 
1 214 GLY n 
1 215 PRO n 
1 216 ARG n 
1 217 ARG n 
1 218 LEU n 
1 219 GLN n 
1 220 VAL n 
1 221 ILE n 
1 222 VAL n 
1 223 VAL n 
1 224 GLY n 
# 
_entity_src_gen.entity_id                          1 
_entity_src_gen.pdbx_src_id                        1 
_entity_src_gen.pdbx_alt_source_flag               sample 
_entity_src_gen.pdbx_seq_type                      ? 
_entity_src_gen.pdbx_beg_seq_num                   ? 
_entity_src_gen.pdbx_end_seq_num                   ? 
_entity_src_gen.gene_src_common_name               ? 
_entity_src_gen.gene_src_genus                     Deinococcus 
_entity_src_gen.pdbx_gene_src_gene                 6459694 
_entity_src_gen.gene_src_species                   ? 
_entity_src_gen.gene_src_strain                    ? 
_entity_src_gen.gene_src_tissue                    ? 
_entity_src_gen.gene_src_tissue_fraction           ? 
_entity_src_gen.gene_src_details                   ? 
_entity_src_gen.pdbx_gene_src_fragment             ? 
_entity_src_gen.pdbx_gene_src_scientific_name      'Deinococcus radiodurans' 
_entity_src_gen.pdbx_gene_src_ncbi_taxonomy_id     1299 
_entity_src_gen.pdbx_gene_src_variant              ? 
_entity_src_gen.pdbx_gene_src_cell_line            ? 
_entity_src_gen.pdbx_gene_src_atcc                 ? 
_entity_src_gen.pdbx_gene_src_organ                ? 
_entity_src_gen.pdbx_gene_src_organelle            ? 
_entity_src_gen.pdbx_gene_src_cell                 ? 
_entity_src_gen.pdbx_gene_src_cellular_location    ? 
_entity_src_gen.host_org_common_name               ? 
_entity_src_gen.pdbx_host_org_scientific_name      'Escherichia coli' 
_entity_src_gen.pdbx_host_org_ncbi_taxonomy_id     562 
_entity_src_gen.host_org_genus                     Escherichia 
_entity_src_gen.pdbx_host_org_gene                 ? 
_entity_src_gen.pdbx_host_org_organ                ? 
_entity_src_gen.host_org_species                   ? 
_entity_src_gen.pdbx_host_org_tissue               ? 
_entity_src_gen.pdbx_host_org_tissue_fraction      ? 
_entity_src_gen.pdbx_host_org_strain               ? 
_entity_src_gen.pdbx_host_org_variant              ? 
_entity_src_gen.pdbx_host_org_cell_line            ? 
_entity_src_gen.pdbx_host_org_atcc                 ? 
_entity_src_gen.pdbx_host_org_culture_collection   ? 
_entity_src_gen.pdbx_host_org_cell                 ? 
_entity_src_gen.pdbx_host_org_organelle            ? 
_entity_src_gen.pdbx_host_org_cellular_location    ? 
_entity_src_gen.pdbx_host_org_vector_type          Plasmid 
_entity_src_gen.pdbx_host_org_vector               ? 
_entity_src_gen.host_org_details                   ? 
_entity_src_gen.expression_system_id               ? 
_entity_src_gen.plasmid_name                       ? 
_entity_src_gen.plasmid_details                    ? 
_entity_src_gen.pdbx_description                   ? 
# 
loop_
_chem_comp.id 
_chem_comp.type 
_chem_comp.mon_nstd_flag 
_chem_comp.name 
_chem_comp.pdbx_synonyms 
_chem_comp.formula 
_chem_comp.formula_weight 
ALA 'L-peptide linking' y ALANINE         ? 'C3 H7 N O2'     89.093  
ARG 'L-peptide linking' y ARGININE        ? 'C6 H15 N4 O2 1' 175.209 
ASN 'L-peptide linking' y ASPARAGINE      ? 'C4 H8 N2 O3'    132.118 
ASP 'L-peptide linking' y 'ASPARTIC ACID' ? 'C4 H7 N O4'     133.103 
CYS 'L-peptide linking' y CYSTEINE        ? 'C3 H7 N O2 S'   121.158 
GLN 'L-peptide linking' y GLUTAMINE       ? 'C5 H10 N2 O3'   146.144 
GLU 'L-peptide linking' y 'GLUTAMIC ACID' ? 'C5 H9 N O4'     147.129 
GLY 'peptide linking'   y GLYCINE         ? 'C2 H5 N O2'     75.067  
HIS 'L-peptide linking' y HISTIDINE       ? 'C6 H10 N3 O2 1' 156.162 
HOH non-polymer         . WATER           ? 'H2 O'           18.015  
ILE 'L-peptide linking' y ISOLEUCINE      ? 'C6 H13 N O2'    131.173 
LEU 'L-peptide linking' y LEUCINE         ? 'C6 H13 N O2'    131.173 
LYS 'L-peptide linking' y LYSINE          ? 'C6 H15 N2 O2 1' 147.195 
MET 'L-peptide linking' y METHIONINE      ? 'C5 H11 N O2 S'  149.211 
PHE 'L-peptide linking' y PHENYLALANINE   ? 'C9 H11 N O2'    165.189 
PRO 'L-peptide linking' y PROLINE         ? 'C5 H9 N O2'     115.130 
SER 'L-peptide linking' y SERINE          ? 'C3 H7 N O3'     105.093 
THR 'L-peptide linking' y THREONINE       ? 'C4 H9 N O3'     119.119 
TRP 'L-peptide linking' y TRYPTOPHAN      ? 'C11 H12 N2 O2'  204.225 
TYR 'L-peptide linking' y TYROSINE        ? 'C9 H11 N O3'    181.189 
VAL 'L-peptide linking' y VALINE          ? 'C5 H11 N O2'    117.146 
# 
loop_
_pdbx_poly_seq_scheme.asym_id 
_pdbx_poly_seq_scheme.entity_id 
_pdbx_poly_seq_scheme.seq_id 
_pdbx_poly_seq_scheme.mon_id 
_pdbx_poly_seq_scheme.ndb_seq_num 
_pdbx_poly_seq_scheme.pdb_seq_num 
_pdbx_poly_seq_scheme.auth_seq_num 
_pdbx_poly_seq_scheme.pdb_mon_id 
_pdbx_poly_seq_scheme.auth_mon_id 
_pdbx_poly_seq_scheme.pdb_strand_id 
_pdbx_poly_seq_scheme.pdb_ins_code 
_pdbx_poly_seq_scheme.hetero 
A 1 1   MET 1   -11 ?   ?   ?   A . n 
A 1 2   GLY 2   -10 ?   ?   ?   A . n 
A 1 3   SER 3   -9  ?   ?   ?   A . n 
A 1 4   ASP 4   -8  ?   ?   ?   A . n 
A 1 5   LYS 5   -7  ?   ?   ?   A . n 
A 1 6   ILE 6   -6  ?   ?   ?   A . n 
A 1 7   HIS 7   -5  ?   ?   ?   A . n 
A 1 8   HIS 8   -4  ?   ?   ?   A . n 
A 1 9   HIS 9   -3  ?   ?   ?   A . n 
A 1 10  HIS 10  -2  ?   ?   ?   A . n 
A 1 11  HIS 11  -1  ?   ?   ?   A . n 
A 1 12  HIS 12  0   ?   ?   ?   A . n 
A 1 13  MET 13  1   ?   ?   ?   A . n 
A 1 14  THR 14  2   ?   ?   ?   A . n 
A 1 15  THR 15  3   ?   ?   ?   A . n 
A 1 16  ILE 16  4   ?   ?   ?   A . n 
A 1 17  PRO 17  5   ?   ?   ?   A . n 
A 1 18  SER 18  6   ?   ?   ?   A . n 
A 1 19  THR 19  7   ?   ?   ?   A . n 
A 1 20  ALA 20  8   ?   ?   ?   A . n 
A 1 21  GLU 21  9   ?   ?   ?   A . n 
A 1 22  ALA 22  10  ?   ?   ?   A . n 
A 1 23  LYS 23  11  ?   ?   ?   A . n 
A 1 24  LEU 24  12  ?   ?   ?   A . n 
A 1 25  GLU 25  13  ?   ?   ?   A . n 
A 1 26  MET 26  14  ?   ?   ?   A . n 
A 1 27  LEU 27  15  ?   ?   ?   A . n 
A 1 28  THR 28  16  ?   ?   ?   A . n 
A 1 29  THR 29  17  ?   ?   ?   A . n 
A 1 30  ILE 30  18  ?   ?   ?   A . n 
A 1 31  ASN 31  19  ?   ?   ?   A . n 
A 1 32  ARG 32  20  ?   ?   ?   A . n 
A 1 33  ALA 33  21  ?   ?   ?   A . n 
A 1 34  ILE 34  22  ?   ?   ?   A . n 
A 1 35  ALA 35  23  ?   ?   ?   A . n 
A 1 36  GLY 36  24  ?   ?   ?   A . n 
A 1 37  SER 37  25  ?   ?   ?   A . n 
A 1 38  ARG 38  26  ?   ?   ?   A . n 
A 1 39  PRO 39  27  ?   ?   ?   A . n 
A 1 40  GLU 40  28  ?   ?   ?   A . n 
A 1 41  ALA 41  29  ?   ?   ?   A . n 
A 1 42  LEU 42  30  ?   ?   ?   A . n 
A 1 43  PRO 43  31  ?   ?   ?   A . n 
A 1 44  PRO 44  32  ?   ?   ?   A . n 
A 1 45  TYR 45  33  ?   ?   ?   A . n 
A 1 46  PRO 46  34  ?   ?   ?   A . n 
A 1 47  VAL 47  35  ?   ?   ?   A . n 
A 1 48  PRO 48  36  ?   ?   ?   A . n 
A 1 49  ALA 49  37  ?   ?   ?   A . n 
A 1 50  PRO 50  38  38  PRO PRO A . n 
A 1 51  LEU 51  39  39  LEU LEU A . n 
A 1 52  SER 52  40  40  SER SER A . n 
A 1 53  ARG 53  41  41  ARG ARG A . n 
A 1 54  ALA 54  42  42  ALA ALA A . n 
A 1 55  GLU 55  43  43  GLU GLU A . n 
A 1 56  ILE 56  44  44  ILE ILE A . n 
A 1 57  LEU 57  45  45  LEU LEU A . n 
A 1 58  HIS 58  46  46  HIS HIS A . n 
A 1 59  GLN 59  47  47  GLN GLN A . n 
A 1 60  PHE 60  48  48  PHE PHE A . n 
A 1 61  GLU 61  49  49  GLU GLU A . n 
A 1 62  ASP 62  50  50  ASP ASP A . n 
A 1 63  ARG 63  51  51  ARG ARG A . n 
A 1 64  ILE 64  52  52  ILE ILE A . n 
A 1 65  LEU 65  53  53  LEU LEU A . n 
A 1 66  ASP 66  54  54  ASP ASP A . n 
A 1 67  TYR 67  55  55  TYR TYR A . n 
A 1 68  GLY 68  56  56  GLY GLY A . n 
A 1 69  ALA 69  57  57  ALA ALA A . n 
A 1 70  ALA 70  58  58  ALA ALA A . n 
A 1 71  TYR 71  59  59  TYR TYR A . n 
A 1 72  THR 72  60  60  THR THR A . n 
A 1 73  HIS 73  61  61  HIS HIS A . n 
A 1 74  VAL 74  62  62  VAL VAL A . n 
A 1 75  SER 75  63  63  SER SER A . n 
A 1 76  ALA 76  64  64  ALA ALA A . n 
A 1 77  ALA 77  65  65  ALA ALA A . n 
A 1 78  GLU 78  66  66  GLU GLU A . n 
A 1 79  LEU 79  67  67  LEU LEU A . n 
A 1 80  PRO 80  68  68  PRO PRO A . n 
A 1 81  GLY 81  69  69  GLY GLY A . n 
A 1 82  ALA 82  70  70  ALA ALA A . n 
A 1 83  ILE 83  71  71  ILE ILE A . n 
A 1 84  ALA 84  72  72  ALA ALA A . n 
A 1 85  LYS 85  73  73  LYS LYS A . n 
A 1 86  ALA 86  74  74  ALA ALA A . n 
A 1 87  LEU 87  75  75  LEU LEU A . n 
A 1 88  GLY 88  76  76  GLY GLY A . n 
A 1 89  ASN 89  77  77  ASN ASN A . n 
A 1 90  ALA 90  78  78  ALA ALA A . n 
A 1 91  ARG 91  79  79  ARG ARG A . n 
A 1 92  ARG 92  80  80  ARG ARG A . n 
A 1 93  VAL 93  81  81  VAL VAL A . n 
A 1 94  ILE 94  82  82  ILE ILE A . n 
A 1 95  VAL 95  83  83  VAL VAL A . n 
A 1 96  PRO 96  84  84  PRO PRO A . n 
A 1 97  ALA 97  85  85  ALA ALA A . n 
A 1 98  GLY 98  86  86  GLY GLY A . n 
A 1 99  ILE 99  87  87  ILE ILE A . n 
A 1 100 PRO 100 88  88  PRO PRO A . n 
A 1 101 ALA 101 89  89  ALA ALA A . n 
A 1 102 PRO 102 90  90  PRO PRO A . n 
A 1 103 TRP 103 91  91  TRP TRP A . n 
A 1 104 LEU 104 92  92  LEU LEU A . n 
A 1 105 THR 105 93  93  THR THR A . n 
A 1 106 VAL 106 94  94  VAL VAL A . n 
A 1 107 GLY 107 95  95  GLY GLY A . n 
A 1 108 MET 108 96  96  MET MET A . n 
A 1 109 ASP 109 97  97  ASP ASP A . n 
A 1 110 VAL 110 98  98  VAL VAL A . n 
A 1 111 LEU 111 99  99  LEU LEU A . n 
A 1 112 ARG 112 100 100 ARG ARG A . n 
A 1 113 ASP 113 101 101 ASP ASP A . n 
A 1 114 GLU 114 102 102 GLU GLU A . n 
A 1 115 PRO 115 103 103 PRO PRO A . n 
A 1 116 PRO 116 104 104 PRO PRO A . n 
A 1 117 LEU 117 105 105 LEU LEU A . n 
A 1 118 SER 118 106 106 SER SER A . n 
A 1 119 HIS 119 107 107 HIS HIS A . n 
A 1 120 ALA 120 108 108 ALA ALA A . n 
A 1 121 GLU 121 109 109 GLU GLU A . n 
A 1 122 LEU 122 110 110 LEU LEU A . n 
A 1 123 ASP 123 111 111 ASP ASP A . n 
A 1 124 ARG 124 112 112 ARG ARG A . n 
A 1 125 ALA 125 113 113 ALA ALA A . n 
A 1 126 ASP 126 114 114 ASP ASP A . n 
A 1 127 ALA 127 115 115 ALA ALA A . n 
A 1 128 VAL 128 116 116 VAL VAL A . n 
A 1 129 LEU 129 117 117 LEU LEU A . n 
A 1 130 THR 130 118 118 THR THR A . n 
A 1 131 GLY 131 119 119 GLY GLY A . n 
A 1 132 CYS 132 120 120 CYS CYS A . n 
A 1 133 ALA 133 121 121 ALA ALA A . n 
A 1 134 VAL 134 122 122 VAL VAL A . n 
A 1 135 ALA 135 123 123 ALA ALA A . n 
A 1 136 ILE 136 124 124 ILE ILE A . n 
A 1 137 SER 137 125 125 SER SER A . n 
A 1 138 GLU 138 126 126 GLU GLU A . n 
A 1 139 THR 139 127 127 THR THR A . n 
A 1 140 GLY 140 128 128 GLY GLY A . n 
A 1 141 THR 141 129 129 THR THR A . n 
A 1 142 ILE 142 130 130 ILE ILE A . n 
A 1 143 ILE 143 131 131 ILE ILE A . n 
A 1 144 LEU 144 132 132 LEU LEU A . n 
A 1 145 ASP 145 133 133 ASP ASP A . n 
A 1 146 HIS 146 134 134 HIS HIS A . n 
A 1 147 ARG 147 135 135 ARG ARG A . n 
A 1 148 ALA 148 136 136 ALA ALA A . n 
A 1 149 ASP 149 137 137 ASP ASP A . n 
A 1 150 GLN 150 138 138 GLN GLN A . n 
A 1 151 GLY 151 139 139 GLY GLY A . n 
A 1 152 ARG 152 140 140 ARG ARG A . n 
A 1 153 ARG 153 141 141 ARG ARG A . n 
A 1 154 ALA 154 142 142 ALA ALA A . n 
A 1 155 LEU 155 143 143 LEU LEU A . n 
A 1 156 SER 156 144 144 SER SER A . n 
A 1 157 LEU 157 145 145 LEU LEU A . n 
A 1 158 ILE 158 146 146 ILE ILE A . n 
A 1 159 PRO 159 147 147 PRO PRO A . n 
A 1 160 ASP 160 148 148 ASP ASP A . n 
A 1 161 PHE 161 149 149 PHE PHE A . n 
A 1 162 HIS 162 150 150 HIS HIS A . n 
A 1 163 ILE 163 151 151 ILE ILE A . n 
A 1 164 CYS 164 152 152 CYS CYS A . n 
A 1 165 VAL 165 153 153 VAL VAL A . n 
A 1 166 VAL 166 154 154 VAL VAL A . n 
A 1 167 ARG 167 155 155 ARG ARG A . n 
A 1 168 GLU 168 156 156 GLU GLU A . n 
A 1 169 ASP 169 157 157 ASP ASP A . n 
A 1 170 GLN 170 158 158 GLN GLN A . n 
A 1 171 ILE 171 159 159 ILE ILE A . n 
A 1 172 VAL 172 160 160 VAL VAL A . n 
A 1 173 GLN 173 161 161 GLN GLN A . n 
A 1 174 THR 174 162 162 THR THR A . n 
A 1 175 VAL 175 163 163 VAL VAL A . n 
A 1 176 ARG 176 164 164 ARG ARG A . n 
A 1 177 GLU 177 165 165 GLU GLU A . n 
A 1 178 GLY 178 166 166 GLY GLY A . n 
A 1 179 VAL 179 167 167 VAL VAL A . n 
A 1 180 GLU 180 168 168 GLU GLU A . n 
A 1 181 ALA 181 169 169 ALA ALA A . n 
A 1 182 VAL 182 170 170 VAL VAL A . n 
A 1 183 ALA 183 171 171 ALA ALA A . n 
A 1 184 ALA 184 172 172 ALA ALA A . n 
A 1 185 SER 185 173 173 SER SER A . n 
A 1 186 VAL 186 174 174 VAL VAL A . n 
A 1 187 ARG 187 175 175 ARG ARG A . n 
A 1 188 GLU 188 176 176 GLU GLU A . n 
A 1 189 GLY 189 177 177 GLY GLY A . n 
A 1 190 ARG 190 178 178 ARG ARG A . n 
A 1 191 PRO 191 179 179 PRO PRO A . n 
A 1 192 LEU 192 180 180 LEU LEU A . n 
A 1 193 THR 193 181 181 THR THR A . n 
A 1 194 TRP 194 182 182 TRP TRP A . n 
A 1 195 LEU 195 183 183 LEU LEU A . n 
A 1 196 SER 196 184 184 SER SER A . n 
A 1 197 GLY 197 185 185 GLY GLY A . n 
A 1 198 GLY 198 186 186 GLY GLY A . n 
A 1 199 SER 199 187 187 SER SER A . n 
A 1 200 ALA 200 188 ?   ?   ?   A . n 
A 1 201 THR 201 189 ?   ?   ?   A . n 
A 1 202 SER 202 190 ?   ?   ?   A . n 
A 1 203 ASP 203 191 ?   ?   ?   A . n 
A 1 204 ILE 204 192 ?   ?   ?   A . n 
A 1 205 GLU 205 193 ?   ?   ?   A . n 
A 1 206 LEU 206 194 ?   ?   ?   A . n 
A 1 207 VAL 207 195 ?   ?   ?   A . n 
A 1 208 ARG 208 196 ?   ?   ?   A . n 
A 1 209 VAL 209 197 ?   ?   ?   A . n 
A 1 210 GLU 210 198 ?   ?   ?   A . n 
A 1 211 GLY 211 199 199 GLY GLY A . n 
A 1 212 VAL 212 200 200 VAL VAL A . n 
A 1 213 HIS 213 201 201 HIS HIS A . n 
A 1 214 GLY 214 202 202 GLY GLY A . n 
A 1 215 PRO 215 203 203 PRO PRO A . n 
A 1 216 ARG 216 204 204 ARG ARG A . n 
A 1 217 ARG 217 205 205 ARG ARG A . n 
A 1 218 LEU 218 206 206 LEU LEU A . n 
A 1 219 GLN 219 207 207 GLN GLN A . n 
A 1 220 VAL 220 208 208 VAL VAL A . n 
A 1 221 ILE 221 209 209 ILE ILE A . n 
A 1 222 VAL 222 210 210 VAL VAL A . n 
A 1 223 VAL 223 211 211 VAL VAL A . n 
A 1 224 GLY 224 212 212 GLY GLY A . n 
# 
loop_
_pdbx_nonpoly_scheme.asym_id 
_pdbx_nonpoly_scheme.entity_id 
_pdbx_nonpoly_scheme.mon_id 
_pdbx_nonpoly_scheme.ndb_seq_num 
_pdbx_nonpoly_scheme.pdb_seq_num 
_pdbx_nonpoly_scheme.auth_seq_num 
_pdbx_nonpoly_scheme.pdb_mon_id 
_pdbx_nonpoly_scheme.auth_mon_id 
_pdbx_nonpoly_scheme.pdb_strand_id 
_pdbx_nonpoly_scheme.pdb_ins_code 
B 2 HOH 1   213 1   HOH HOH A . 
B 2 HOH 2   214 2   HOH HOH A . 
B 2 HOH 3   215 3   HOH HOH A . 
B 2 HOH 4   216 4   HOH HOH A . 
B 2 HOH 5   217 5   HOH HOH A . 
B 2 HOH 6   218 6   HOH HOH A . 
B 2 HOH 7   219 7   HOH HOH A . 
B 2 HOH 8   220 8   HOH HOH A . 
B 2 HOH 9   221 9   HOH HOH A . 
B 2 HOH 10  222 10  HOH HOH A . 
B 2 HOH 11  223 11  HOH HOH A . 
B 2 HOH 12  224 12  HOH HOH A . 
B 2 HOH 13  225 13  HOH HOH A . 
B 2 HOH 14  226 14  HOH HOH A . 
B 2 HOH 15  227 15  HOH HOH A . 
B 2 HOH 16  228 16  HOH HOH A . 
B 2 HOH 17  229 17  HOH HOH A . 
B 2 HOH 18  230 18  HOH HOH A . 
B 2 HOH 19  231 19  HOH HOH A . 
B 2 HOH 20  232 20  HOH HOH A . 
B 2 HOH 21  233 21  HOH HOH A . 
B 2 HOH 22  234 22  HOH HOH A . 
B 2 HOH 23  235 23  HOH HOH A . 
B 2 HOH 24  236 24  HOH HOH A . 
B 2 HOH 25  237 25  HOH HOH A . 
B 2 HOH 26  238 26  HOH HOH A . 
B 2 HOH 27  239 27  HOH HOH A . 
B 2 HOH 28  240 28  HOH HOH A . 
B 2 HOH 29  241 29  HOH HOH A . 
B 2 HOH 30  242 30  HOH HOH A . 
B 2 HOH 31  243 31  HOH HOH A . 
B 2 HOH 32  244 32  HOH HOH A . 
B 2 HOH 33  245 33  HOH HOH A . 
B 2 HOH 34  246 34  HOH HOH A . 
B 2 HOH 35  247 35  HOH HOH A . 
B 2 HOH 36  248 36  HOH HOH A . 
B 2 HOH 37  249 37  HOH HOH A . 
B 2 HOH 38  250 38  HOH HOH A . 
B 2 HOH 39  251 39  HOH HOH A . 
B 2 HOH 40  252 40  HOH HOH A . 
B 2 HOH 41  253 41  HOH HOH A . 
B 2 HOH 42  254 42  HOH HOH A . 
B 2 HOH 43  255 43  HOH HOH A . 
B 2 HOH 44  256 44  HOH HOH A . 
B 2 HOH 45  257 45  HOH HOH A . 
B 2 HOH 46  258 46  HOH HOH A . 
B 2 HOH 47  259 47  HOH HOH A . 
B 2 HOH 48  260 48  HOH HOH A . 
B 2 HOH 49  261 49  HOH HOH A . 
B 2 HOH 50  262 50  HOH HOH A . 
B 2 HOH 51  263 51  HOH HOH A . 
B 2 HOH 52  264 52  HOH HOH A . 
B 2 HOH 53  265 53  HOH HOH A . 
B 2 HOH 54  266 54  HOH HOH A . 
B 2 HOH 55  267 55  HOH HOH A . 
B 2 HOH 56  268 56  HOH HOH A . 
B 2 HOH 57  269 57  HOH HOH A . 
B 2 HOH 58  270 58  HOH HOH A . 
B 2 HOH 59  271 59  HOH HOH A . 
B 2 HOH 60  272 60  HOH HOH A . 
B 2 HOH 61  273 61  HOH HOH A . 
B 2 HOH 62  274 62  HOH HOH A . 
B 2 HOH 63  275 63  HOH HOH A . 
B 2 HOH 64  276 64  HOH HOH A . 
B 2 HOH 65  277 65  HOH HOH A . 
B 2 HOH 66  278 66  HOH HOH A . 
B 2 HOH 67  279 67  HOH HOH A . 
B 2 HOH 68  280 68  HOH HOH A . 
B 2 HOH 69  281 69  HOH HOH A . 
B 2 HOH 70  282 70  HOH HOH A . 
B 2 HOH 71  283 71  HOH HOH A . 
B 2 HOH 72  284 72  HOH HOH A . 
B 2 HOH 73  285 73  HOH HOH A . 
B 2 HOH 74  286 74  HOH HOH A . 
B 2 HOH 75  287 75  HOH HOH A . 
B 2 HOH 76  288 76  HOH HOH A . 
B 2 HOH 77  289 77  HOH HOH A . 
B 2 HOH 78  290 78  HOH HOH A . 
B 2 HOH 79  291 79  HOH HOH A . 
B 2 HOH 80  292 80  HOH HOH A . 
B 2 HOH 81  293 81  HOH HOH A . 
B 2 HOH 82  294 82  HOH HOH A . 
B 2 HOH 83  295 83  HOH HOH A . 
B 2 HOH 84  296 84  HOH HOH A . 
B 2 HOH 85  297 85  HOH HOH A . 
B 2 HOH 86  298 86  HOH HOH A . 
B 2 HOH 87  299 87  HOH HOH A . 
B 2 HOH 88  300 88  HOH HOH A . 
B 2 HOH 89  301 89  HOH HOH A . 
B 2 HOH 90  302 90  HOH HOH A . 
B 2 HOH 91  303 91  HOH HOH A . 
B 2 HOH 92  304 92  HOH HOH A . 
B 2 HOH 93  305 93  HOH HOH A . 
B 2 HOH 94  306 94  HOH HOH A . 
B 2 HOH 95  307 95  HOH HOH A . 
B 2 HOH 96  308 96  HOH HOH A . 
B 2 HOH 97  309 97  HOH HOH A . 
B 2 HOH 98  310 98  HOH HOH A . 
B 2 HOH 99  311 99  HOH HOH A . 
B 2 HOH 100 312 100 HOH HOH A . 
B 2 HOH 101 313 101 HOH HOH A . 
B 2 HOH 102 314 102 HOH HOH A . 
B 2 HOH 103 315 103 HOH HOH A . 
B 2 HOH 104 316 104 HOH HOH A . 
B 2 HOH 105 317 105 HOH HOH A . 
B 2 HOH 106 318 106 HOH HOH A . 
B 2 HOH 107 319 107 HOH HOH A . 
B 2 HOH 108 320 108 HOH HOH A . 
B 2 HOH 109 321 109 HOH HOH A . 
B 2 HOH 110 322 110 HOH HOH A . 
B 2 HOH 111 323 111 HOH HOH A . 
B 2 HOH 112 324 112 HOH HOH A . 
B 2 HOH 113 325 113 HOH HOH A . 
B 2 HOH 114 326 114 HOH HOH A . 
B 2 HOH 115 327 115 HOH HOH A . 
B 2 HOH 116 328 116 HOH HOH A . 
B 2 HOH 117 329 117 HOH HOH A . 
B 2 HOH 118 330 118 HOH HOH A . 
B 2 HOH 119 331 119 HOH HOH A . 
B 2 HOH 120 332 120 HOH HOH A . 
B 2 HOH 121 333 121 HOH HOH A . 
B 2 HOH 122 334 122 HOH HOH A . 
B 2 HOH 123 335 123 HOH HOH A . 
B 2 HOH 124 336 124 HOH HOH A . 
B 2 HOH 125 337 125 HOH HOH A . 
B 2 HOH 126 338 126 HOH HOH A . 
B 2 HOH 127 339 127 HOH HOH A . 
B 2 HOH 128 340 128 HOH HOH A . 
B 2 HOH 129 341 129 HOH HOH A . 
B 2 HOH 130 342 130 HOH HOH A . 
B 2 HOH 131 343 131 HOH HOH A . 
B 2 HOH 132 344 132 HOH HOH A . 
# 
loop_
_pdbx_unobs_or_zero_occ_atoms.id 
_pdbx_unobs_or_zero_occ_atoms.PDB_model_num 
_pdbx_unobs_or_zero_occ_atoms.polymer_flag 
_pdbx_unobs_or_zero_occ_atoms.occupancy_flag 
_pdbx_unobs_or_zero_occ_atoms.auth_asym_id 
_pdbx_unobs_or_zero_occ_atoms.auth_comp_id 
_pdbx_unobs_or_zero_occ_atoms.auth_seq_id 
_pdbx_unobs_or_zero_occ_atoms.PDB_ins_code 
_pdbx_unobs_or_zero_occ_atoms.auth_atom_id 
_pdbx_unobs_or_zero_occ_atoms.label_alt_id 
_pdbx_unobs_or_zero_occ_atoms.label_asym_id 
_pdbx_unobs_or_zero_occ_atoms.label_comp_id 
_pdbx_unobs_or_zero_occ_atoms.label_seq_id 
_pdbx_unobs_or_zero_occ_atoms.label_atom_id 
1  1 Y 1 A ASN 77  ? OD1 ? A ASN 89  OD1 
2  1 Y 1 A ASN 77  ? ND2 ? A ASN 89  ND2 
3  1 Y 1 A ARG 79  ? CZ  ? A ARG 91  CZ  
4  1 Y 1 A ARG 79  ? NH1 ? A ARG 91  NH1 
5  1 Y 1 A ARG 79  ? NH2 ? A ARG 91  NH2 
6  1 Y 1 A ARG 112 ? NE  ? A ARG 124 NE  
7  1 Y 1 A ARG 112 ? CZ  ? A ARG 124 CZ  
8  1 Y 1 A ARG 112 ? NH1 ? A ARG 124 NH1 
9  1 Y 1 A ARG 112 ? NH2 ? A ARG 124 NH2 
10 1 Y 1 A ARG 164 ? CG  ? A ARG 176 CG  
11 1 Y 1 A ARG 164 ? CD  ? A ARG 176 CD  
12 1 Y 1 A ARG 164 ? NE  ? A ARG 176 NE  
13 1 Y 1 A ARG 164 ? CZ  ? A ARG 176 CZ  
14 1 Y 1 A ARG 164 ? NH1 ? A ARG 176 NH1 
15 1 Y 1 A ARG 164 ? NH2 ? A ARG 176 NH2 
16 1 Y 1 A GLU 168 ? CD  ? A GLU 180 CD  
17 1 Y 1 A GLU 168 ? OE1 ? A GLU 180 OE1 
18 1 Y 1 A GLU 168 ? OE2 ? A GLU 180 OE2 
# 
loop_
_software.name 
_software.version 
_software.date 
_software.type 
_software.contact_author 
_software.contact_author_email 
_software.classification 
_software.location 
_software.language 
_software.citation_id 
_software.pdbx_ordinal 
REFMAC      5.2.0005 ?              ?       'Murshudov, G.N.' ccp4@dl.ac.uk            refinement        
http://www.ccp4.ac.uk/main.html                                    Fortran ? 1 
XSCALE      .        ?              ?       'Wolfgang Kabsch' ?                        'data scaling'    
http://www.mpimf-heidelberg.mpg.de/~kabsch/xds/xscale_program.html ?       ? 2 
PDB_EXTRACT 1.701    'Nov. 1, 2005' package PDB               sw-help@rcsb.rutgers.edu 'data extraction' 
http://pdb.rutgers.edu/software/                                   C++     ? 3 
XDS         .        ?              ?       ?                 ?                        'data reduction'  ? ?       ? 4 
SHARP       .        ?              ?       ?                 ?                        phasing           ? ?       ? 5 
# 
_cell.entry_id           2G40 
_cell.length_a           53.410 
_cell.length_b           53.410 
_cell.length_c           118.310 
_cell.angle_alpha        90.000 
_cell.angle_beta         90.000 
_cell.angle_gamma        90.000 
_cell.pdbx_unique_axis   ? 
_cell.Z_PDB              8 
_cell.length_a_esd       ? 
_cell.length_b_esd       ? 
_cell.length_c_esd       ? 
_cell.angle_alpha_esd    ? 
_cell.angle_beta_esd     ? 
_cell.angle_gamma_esd    ? 
# 
_symmetry.Int_Tables_number                96 
_symmetry.space_group_name_H-M             'P 43 21 2' 
_symmetry.entry_id                         2G40 
_symmetry.pdbx_full_space_group_name_H-M   ? 
_symmetry.cell_setting                     ? 
_symmetry.space_group_name_Hall            ? 
# 
_exptl.crystals_number   2 
_exptl.method            'X-RAY DIFFRACTION' 
_exptl.entry_id          2G40 
# 
loop_
_exptl_crystal.id 
_exptl_crystal.density_percent_sol 
_exptl_crystal.density_Matthews 
_exptl_crystal.description 
_exptl_crystal.density_meas 
_exptl_crystal.F_000 
_exptl_crystal.preparation 
1 29.3 1.8 ? ? ? ? 
2 ?    ?   ? ? ? ? 
# 
loop_
_exptl_crystal_grow.crystal_id 
_exptl_crystal_grow.method 
_exptl_crystal_grow.pH 
_exptl_crystal_grow.temp 
_exptl_crystal_grow.pdbx_details 
_exptl_crystal_grow.temp_details 
_exptl_crystal_grow.pdbx_pH_range 
1 'VAPOR DIFFUSION, SITTING DROP, NANODROP' 8.3 277 
'20.0% PEG-3350, 0.2M K3Citrate, No Buffer, pH 8.3, VAPOR DIFFUSION, SITTING DROP, NANODROP, temperature 277K' ? . 
2 'VAPOR DIFFUSION, SITTING DROP, NANODROP' 7.5 277 
'0.2M MgCl2, 30.0% PEG-400, 0.1M HEPES, pH 7.5, VAPOR DIFFUSION, SITTING DROP, NANODROP, temperature 277K'     ? . 
# 
loop_
_diffrn.id 
_diffrn.ambient_temp 
_diffrn.ambient_temp_details 
_diffrn.crystal_id 
1 100 ? 1 
2 100 ? 2 
# 
loop_
_diffrn_detector.diffrn_id 
_diffrn_detector.detector 
_diffrn_detector.type 
_diffrn_detector.details 
_diffrn_detector.pdbx_collection_date 
1 CCD 'ADSC QUANTUM 4'   ?                                                                                2004-08-26 
2 CCD 'ADSC QUANTUM 315' '1m long Rh coated bent cylindrical mirror for horizontal and vertical focusing' 2006-01-12 
# 
loop_
_diffrn_radiation.diffrn_id 
_diffrn_radiation.pdbx_monochromatic_or_laue_m_l 
_diffrn_radiation.monochromator 
_diffrn_radiation.pdbx_diffrn_protocol 
_diffrn_radiation.wavelength_id 
_diffrn_radiation.pdbx_scattering_type 
1 M ?                                 'SINGLE WAVELENGTH' 1 x-ray 
2 M 'Si(111) 2-crystal monochromator' MAD                 2 x-ray 
# 
loop_
_diffrn_radiation_wavelength.id 
_diffrn_radiation_wavelength.wavelength 
_diffrn_radiation_wavelength.wt 
1 1.0000   1.0 
2 0.918381 1.0 
3 0.979310 1.0 
4 0.978359 1.0 
# 
loop_
_diffrn_source.diffrn_id 
_diffrn_source.source 
_diffrn_source.pdbx_synchrotron_beamline 
_diffrn_source.type 
_diffrn_source.pdbx_wavelength 
_diffrn_source.pdbx_wavelength_list 
_diffrn_source.pdbx_synchrotron_site 
1 SYNCHROTRON 5.0.3 'ALS BEAMLINE 5.0.3'  1.0000 ?                              ALS  
2 SYNCHROTRON BL1-5 'SSRL BEAMLINE BL1-5' ?      '0.918381, 0.979310, 0.978359' SSRL 
# 
_reflns.entry_id                     2G40 
_reflns.d_resolution_high            1.700 
_reflns.number_obs                   19674 
_reflns.pdbx_Rmerge_I_obs            0.067 
_reflns.pdbx_netI_over_sigmaI        18.380 
_reflns.percent_possible_obs         98.300 
_reflns.B_iso_Wilson_estimate        25.340 
_reflns.observed_criterion_sigma_F   ? 
_reflns.observed_criterion_sigma_I   ? 
_reflns.d_resolution_low             27.28 
_reflns.number_all                   ? 
_reflns.pdbx_Rsym_value              ? 
_reflns.pdbx_redundancy              ? 
_reflns.R_free_details               ? 
_reflns.limit_h_max                  ? 
_reflns.limit_h_min                  ? 
_reflns.limit_k_max                  ? 
_reflns.limit_k_min                  ? 
_reflns.limit_l_max                  ? 
_reflns.limit_l_min                  ? 
_reflns.observed_criterion_F_max     ? 
_reflns.observed_criterion_F_min     ? 
_reflns.pdbx_chi_squared             ? 
_reflns.pdbx_scaling_rejects         ? 
_reflns.pdbx_ordinal                 1 
_reflns.pdbx_diffrn_id               1,2 
# 
loop_
_reflns_shell.d_res_high 
_reflns_shell.d_res_low 
_reflns_shell.number_measured_obs 
_reflns_shell.number_measured_all 
_reflns_shell.number_unique_obs 
_reflns_shell.Rmerge_I_obs 
_reflns_shell.meanI_over_sigI_obs 
_reflns_shell.pdbx_Rsym_value 
_reflns_shell.pdbx_chi_squared 
_reflns_shell.pdbx_redundancy 
_reflns_shell.percent_possible_all 
_reflns_shell.number_unique_all 
_reflns_shell.percent_possible_obs 
_reflns_shell.pdbx_ordinal 
_reflns_shell.pdbx_diffrn_id 
1.70 1.76 13288 ? 3373 0.498 2.8  ? ? ? 94.70 ? ? 1 1,2 
1.76 1.83 18677 ? 3564 0.425 4.0  ? ? ? 98.90 ? ? 2 1,2 
1.83 1.91 20708 ? 3363 0.366 5.3  ? ? ? 95.80 ? ? 3 1,2 
1.91 2.02 25662 ? 3773 0.279 7.1  ? ? ? 96.90 ? ? 4 1,2 
2.02 2.14 21365 ? 3402 0.185 10.7 ? ? ? 99.00 ? ? 5 1,2 
2.14 2.31 23494 ? 3643 0.133 13.7 ? ? ? 98.90 ? ? 6 1,2 
2.31 2.54 25289 ? 3589 0.082 21.8 ? ? ? 99.90 ? ? 7 1,2 
2.54 2.90 25098 ? 3537 0.07  26.2 ? ? ? 99.90 ? ? 8 1,2 
2.90 ?    34301 ? 3636 0.057 37.2 ? ? ? 99.90 ? ? 9 1,2 
# 
_refine.ls_d_res_high                            1.700 
_refine.ls_d_res_low                             27.28 
_refine.pdbx_ls_sigma_F                          0.00 
_refine.ls_percent_reflns_obs                    99.790 
_refine.ls_number_reflns_obs                     19611 
_refine.pdbx_ls_cross_valid_method               THROUGHOUT 
_refine.pdbx_R_Free_selection_details            RANDOM 
_refine.details                                  
;1.HYDROGENS HAVE BEEN ADDED IN THE RIDING POSITIONS. 2.ELECTRON DENSITIES FOR THE 37 N-TERMINAL RESIDUES AND FOR RESIDUES 188-198 ARE DISORDERED; THEREFORE, COORDINATES FOR ATOMS IN THESE REGIONS ARE NOT INCLUDED IN THE MODEL. 3.THE DATA USED IN THE FINAL REFINEMENT WAS FROM A NATIVE CRYSTAL. THE REFINEMENT OF THE COORDINATES WAS RESTRAINED WITH THE EXPERIMENTAL PHASES FROM A CRYSTAL OF THE SELENOMETHIONINE-SUBSTITUTED PROTEIN THAT WAS USED FOR INITIAL PHASE DETERMINATION BY MULTIPLE WAVELENGTH ANOMALOUS DISPERSION.
;
_refine.ls_R_factor_all                          ? 
_refine.ls_R_factor_R_work                       0.178 
_refine.ls_R_factor_R_free                       0.22 
_refine.ls_percent_reflns_R_free                 5.000 
_refine.ls_number_reflns_R_free                  984 
_refine.B_iso_mean                               19.501 
_refine.aniso_B[1][1]                            -0.280 
_refine.aniso_B[2][2]                            -0.280 
_refine.aniso_B[3][3]                            0.570 
_refine.aniso_B[1][2]                            0.000 
_refine.aniso_B[1][3]                            0.000 
_refine.aniso_B[2][3]                            0.000 
_refine.correlation_coeff_Fo_to_Fc               0.961 
_refine.correlation_coeff_Fo_to_Fc_free          0.939 
_refine.pdbx_overall_ESU_R                       0.099 
_refine.pdbx_overall_ESU_R_Free                  0.103 
_refine.overall_SU_ML                            0.080 
_refine.overall_SU_B                             5.027 
_refine.solvent_model_details                    MASK 
_refine.pdbx_solvent_vdw_probe_radii             1.200 
_refine.pdbx_solvent_ion_probe_radii             0.800 
_refine.pdbx_solvent_shrinkage_radii             0.800 
_refine.pdbx_method_to_determine_struct          MAD 
_refine.pdbx_stereochemistry_target_values       'MAXIMUM LIKELIHOOD WITH PHASES' 
_refine.entry_id                                 2G40 
_refine.pdbx_ls_sigma_I                          ? 
_refine.ls_number_reflns_all                     ? 
_refine.ls_R_factor_obs                          0.18 
_refine.ls_redundancy_reflns_obs                 ? 
_refine.pdbx_data_cutoff_high_absF               ? 
_refine.pdbx_data_cutoff_low_absF                ? 
_refine.ls_number_parameters                     ? 
_refine.ls_number_restraints                     ? 
_refine.ls_R_factor_R_free_error                 ? 
_refine.ls_R_factor_R_free_error_details         ? 
_refine.pdbx_starting_model                      ? 
_refine.pdbx_stereochem_target_val_spec_case     ? 
_refine.solvent_model_param_bsol                 ? 
_refine.solvent_model_param_ksol                 ? 
_refine.occupancy_max                            ? 
_refine.occupancy_min                            ? 
_refine.pdbx_isotropic_thermal_model             ? 
_refine.B_iso_min                                ? 
_refine.B_iso_max                                ? 
_refine.overall_SU_R_Cruickshank_DPI             ? 
_refine.overall_SU_R_free                        ? 
_refine.pdbx_data_cutoff_high_rms_absF           ? 
_refine.ls_wR_factor_R_free                      ? 
_refine.ls_wR_factor_R_work                      ? 
_refine.overall_FOM_free_R_set                   ? 
_refine.overall_FOM_work_R_set                   ? 
_refine.pdbx_refine_id                           'X-RAY DIFFRACTION' 
_refine.pdbx_TLS_residual_ADP_flag               'LIKELY RESIDUAL' 
_refine.pdbx_diffrn_id                           1 
_refine.pdbx_overall_phase_error                 ? 
_refine.pdbx_overall_SU_R_free_Cruickshank_DPI   ? 
_refine.pdbx_overall_SU_R_Blow_DPI               ? 
_refine.pdbx_overall_SU_R_free_Blow_DPI          ? 
# 
_refine_hist.pdbx_refine_id                   'X-RAY DIFFRACTION' 
_refine_hist.cycle_id                         LAST 
_refine_hist.pdbx_number_atoms_protein        1216 
_refine_hist.pdbx_number_atoms_nucleic_acid   0 
_refine_hist.pdbx_number_atoms_ligand         0 
_refine_hist.number_atoms_solvent             132 
_refine_hist.number_atoms_total               1348 
_refine_hist.d_res_high                       1.700 
_refine_hist.d_res_low                        27.28 
# 
loop_
_refine_ls_restr.type 
_refine_ls_restr.number 
_refine_ls_restr.dev_ideal 
_refine_ls_restr.dev_ideal_target 
_refine_ls_restr.weight 
_refine_ls_restr.pdbx_refine_id 
_refine_ls_restr.pdbx_restraint_function 
r_bond_refined_d         1254 0.011  0.022  ? 'X-RAY DIFFRACTION' ? 
r_bond_other_d           1210 0.001  0.020  ? 'X-RAY DIFFRACTION' ? 
r_angle_refined_deg      1713 1.344  1.966  ? 'X-RAY DIFFRACTION' ? 
r_angle_other_deg        2782 0.780  3.000  ? 'X-RAY DIFFRACTION' ? 
r_dihedral_angle_1_deg   166  6.218  5.000  ? 'X-RAY DIFFRACTION' ? 
r_dihedral_angle_2_deg   49   40.646 22.653 ? 'X-RAY DIFFRACTION' ? 
r_dihedral_angle_3_deg   195  10.805 15.000 ? 'X-RAY DIFFRACTION' ? 
r_dihedral_angle_4_deg   12   19.185 15.000 ? 'X-RAY DIFFRACTION' ? 
r_chiral_restr           205  0.074  0.200  ? 'X-RAY DIFFRACTION' ? 
r_gen_planes_refined     1414 0.005  0.020  ? 'X-RAY DIFFRACTION' ? 
r_gen_planes_other       244  0.001  0.020  ? 'X-RAY DIFFRACTION' ? 
r_nbd_refined            252  0.211  0.200  ? 'X-RAY DIFFRACTION' ? 
r_nbd_other              1267 0.185  0.200  ? 'X-RAY DIFFRACTION' ? 
r_nbtor_refined          633  0.169  0.200  ? 'X-RAY DIFFRACTION' ? 
r_nbtor_other            849  0.081  0.200  ? 'X-RAY DIFFRACTION' ? 
r_xyhbond_nbd_refined    106  0.147  0.200  ? 'X-RAY DIFFRACTION' ? 
r_symmetry_vdw_refined   11   0.079  0.200  ? 'X-RAY DIFFRACTION' ? 
r_symmetry_vdw_other     62   0.246  0.200  ? 'X-RAY DIFFRACTION' ? 
r_symmetry_hbond_refined 10   0.177  0.200  ? 'X-RAY DIFFRACTION' ? 
r_mcbond_it              876  1.716  3.000  ? 'X-RAY DIFFRACTION' ? 
r_mcbond_other           338  0.434  3.000  ? 'X-RAY DIFFRACTION' ? 
r_mcangle_it             1325 2.317  5.000  ? 'X-RAY DIFFRACTION' ? 
r_scbond_it              455  4.089  8.000  ? 'X-RAY DIFFRACTION' ? 
r_scangle_it             387  5.939  11.000 ? 'X-RAY DIFFRACTION' ? 
# 
_refine_ls_shell.d_res_high                       1.699 
_refine_ls_shell.d_res_low                        1.743 
_refine_ls_shell.pdbx_total_number_of_bins_used   20 
_refine_ls_shell.percent_reflns_obs               97.870 
_refine_ls_shell.number_reflns_R_work             1299 
_refine_ls_shell.R_factor_all                     ? 
_refine_ls_shell.R_factor_R_work                  0.259 
_refine_ls_shell.R_factor_R_free                  0.331 
_refine_ls_shell.percent_reflns_R_free            ? 
_refine_ls_shell.number_reflns_R_free             77 
_refine_ls_shell.R_factor_R_free_error            ? 
_refine_ls_shell.number_reflns_all                ? 
_refine_ls_shell.number_reflns_obs                1376 
_refine_ls_shell.redundancy_reflns_obs            ? 
_refine_ls_shell.pdbx_refine_id                   'X-RAY DIFFRACTION' 
# 
_struct.entry_id                  2G40 
_struct.title                     
'Crystal structure of a duf162 family protein (dr_1909) from deinococcus radiodurans at 1.70 A resolution' 
_struct.pdbx_model_details        ? 
_struct.pdbx_CASP_flag            ? 
_struct.pdbx_model_type_details   ? 
# 
_struct_keywords.text            
'Structural genomics, Joint Center for Structural Genomics, JCSG, Protein Structure Initiative, PSI-2, unknown function' 
_struct_keywords.pdbx_keywords   'UNKNOWN FUNCTION' 
_struct_keywords.entry_id        2G40 
# 
loop_
_struct_asym.id 
_struct_asym.pdbx_blank_PDB_chainid_flag 
_struct_asym.pdbx_modified 
_struct_asym.entity_id 
_struct_asym.details 
A N N 1 ? 
B N N 2 ? 
# 
_struct_ref.id                         1 
_struct_ref.db_name                    UNP 
_struct_ref.db_code                    Q9RT57_DEIRA 
_struct_ref.pdbx_db_accession          Q9RT57 
_struct_ref.entity_id                  1 
_struct_ref.pdbx_align_begin           1 
_struct_ref.pdbx_db_isoform            ? 
_struct_ref.pdbx_seq_one_letter_code   ? 
# 
_struct_ref_seq.align_id                      1 
_struct_ref_seq.ref_id                        1 
_struct_ref_seq.pdbx_PDB_id_code              2G40 
_struct_ref_seq.pdbx_strand_id                A 
_struct_ref_seq.seq_align_beg                 13 
_struct_ref_seq.pdbx_seq_align_beg_ins_code   ? 
_struct_ref_seq.seq_align_end                 224 
_struct_ref_seq.pdbx_seq_align_end_ins_code   ? 
_struct_ref_seq.pdbx_db_accession             Q9RT57 
_struct_ref_seq.db_align_beg                  1 
_struct_ref_seq.pdbx_db_align_beg_ins_code    ? 
_struct_ref_seq.db_align_end                  212 
_struct_ref_seq.pdbx_db_align_end_ins_code    ? 
_struct_ref_seq.pdbx_auth_seq_align_beg       1 
_struct_ref_seq.pdbx_auth_seq_align_end       212 
# 
loop_
_struct_ref_seq_dif.align_id 
_struct_ref_seq_dif.pdbx_pdb_id_code 
_struct_ref_seq_dif.mon_id 
_struct_ref_seq_dif.pdbx_pdb_strand_id 
_struct_ref_seq_dif.seq_num 
_struct_ref_seq_dif.pdbx_pdb_ins_code 
_struct_ref_seq_dif.pdbx_seq_db_name 
_struct_ref_seq_dif.pdbx_seq_db_accession_code 
_struct_ref_seq_dif.db_mon_id 
_struct_ref_seq_dif.pdbx_seq_db_seq_num 
_struct_ref_seq_dif.details 
_struct_ref_seq_dif.pdbx_auth_seq_num 
_struct_ref_seq_dif.pdbx_ordinal 
1 2G40 MET A 1  ? UNP Q9RT57 ? ? 'expression tag' -11 1  
1 2G40 GLY A 2  ? UNP Q9RT57 ? ? 'expression tag' -10 2  
1 2G40 SER A 3  ? UNP Q9RT57 ? ? 'expression tag' -9  3  
1 2G40 ASP A 4  ? UNP Q9RT57 ? ? 'expression tag' -8  4  
1 2G40 LYS A 5  ? UNP Q9RT57 ? ? 'expression tag' -7  5  
1 2G40 ILE A 6  ? UNP Q9RT57 ? ? 'expression tag' -6  6  
1 2G40 HIS A 7  ? UNP Q9RT57 ? ? 'expression tag' -5  7  
1 2G40 HIS A 8  ? UNP Q9RT57 ? ? 'expression tag' -4  8  
1 2G40 HIS A 9  ? UNP Q9RT57 ? ? 'expression tag' -3  9  
1 2G40 HIS A 10 ? UNP Q9RT57 ? ? 'expression tag' -2  10 
1 2G40 HIS A 11 ? UNP Q9RT57 ? ? 'expression tag' -1  11 
1 2G40 HIS A 12 ? UNP Q9RT57 ? ? 'expression tag' 0   12 
# 
_pdbx_struct_assembly.id                   1 
_pdbx_struct_assembly.details              author_defined_assembly 
_pdbx_struct_assembly.method_details       ? 
_pdbx_struct_assembly.oligomeric_details   dimeric 
_pdbx_struct_assembly.oligomeric_count     2 
# 
_pdbx_struct_assembly_gen.assembly_id       1 
_pdbx_struct_assembly_gen.oper_expression   1,2 
_pdbx_struct_assembly_gen.asym_id_list      A,B 
# 
loop_
_pdbx_struct_oper_list.id 
_pdbx_struct_oper_list.type 
_pdbx_struct_oper_list.name 
_pdbx_struct_oper_list.symmetry_operation 
_pdbx_struct_oper_list.matrix[1][1] 
_pdbx_struct_oper_list.matrix[1][2] 
_pdbx_struct_oper_list.matrix[1][3] 
_pdbx_struct_oper_list.vector[1] 
_pdbx_struct_oper_list.matrix[2][1] 
_pdbx_struct_oper_list.matrix[2][2] 
_pdbx_struct_oper_list.matrix[2][3] 
_pdbx_struct_oper_list.vector[2] 
_pdbx_struct_oper_list.matrix[3][1] 
_pdbx_struct_oper_list.matrix[3][2] 
_pdbx_struct_oper_list.matrix[3][3] 
_pdbx_struct_oper_list.vector[3] 
1 'identity operation'         1_555 x,y,z      1.0000000000 0.0000000000 0.0000000000 0.0000000000 0.0000000000 1.0000000000  0.0000000000 0.0000000000   0.0000000000 0.0000000000 1.0000000000  0.0000000000 
2 'crystal symmetry operation' 7_465 y-1,x+1,-z 0.5682397681 0.4189336845 0.7082359309 4.0227648917 0.4189336845 -0.8880876282 0.1891954879 -24.8910388884 0.7082359309 0.1891954879 -0.6801521399 5.8159076269 
# 
_struct_biol.id   1 
# 
loop_
_struct_conf.conf_type_id 
_struct_conf.id 
_struct_conf.pdbx_PDB_helix_id 
_struct_conf.beg_label_comp_id 
_struct_conf.beg_label_asym_id 
_struct_conf.beg_label_seq_id 
_struct_conf.pdbx_beg_PDB_ins_code 
_struct_conf.end_label_comp_id 
_struct_conf.end_label_asym_id 
_struct_conf.end_label_seq_id 
_struct_conf.pdbx_end_PDB_ins_code 
_struct_conf.beg_auth_comp_id 
_struct_conf.beg_auth_asym_id 
_struct_conf.beg_auth_seq_id 
_struct_conf.end_auth_comp_id 
_struct_conf.end_auth_asym_id 
_struct_conf.end_auth_seq_id 
_struct_conf.pdbx_PDB_helix_class 
_struct_conf.details 
_struct_conf.pdbx_PDB_helix_length 
HELX_P HELX_P1 1 SER A 52  ? TYR A 67  ? SER A 40  TYR A 55  1 ? 16 
HELX_P HELX_P2 2 GLU A 78  ? GLY A 88  ? GLU A 66  GLY A 76  1 ? 11 
HELX_P HELX_P3 3 PRO A 100 ? LEU A 104 ? PRO A 88  LEU A 92  5 ? 5  
HELX_P HELX_P4 4 SER A 118 ? ALA A 125 ? SER A 106 ALA A 113 1 ? 8  
HELX_P HELX_P5 5 ARG A 152 ? LEU A 157 ? ARG A 140 LEU A 145 5 ? 6  
HELX_P HELX_P6 6 THR A 174 ? GLU A 188 ? THR A 162 GLU A 176 1 ? 15 
# 
_struct_conf_type.id          HELX_P 
_struct_conf_type.criteria    ? 
_struct_conf_type.reference   ? 
# 
_struct_mon_prot_cis.pdbx_id                1 
_struct_mon_prot_cis.label_comp_id          GLU 
_struct_mon_prot_cis.label_seq_id           114 
_struct_mon_prot_cis.label_asym_id          A 
_struct_mon_prot_cis.label_alt_id           . 
_struct_mon_prot_cis.pdbx_PDB_ins_code      ? 
_struct_mon_prot_cis.auth_comp_id           GLU 
_struct_mon_prot_cis.auth_seq_id            102 
_struct_mon_prot_cis.auth_asym_id           A 
_struct_mon_prot_cis.pdbx_label_comp_id_2   PRO 
_struct_mon_prot_cis.pdbx_label_seq_id_2    115 
_struct_mon_prot_cis.pdbx_label_asym_id_2   A 
_struct_mon_prot_cis.pdbx_PDB_ins_code_2    ? 
_struct_mon_prot_cis.pdbx_auth_comp_id_2    PRO 
_struct_mon_prot_cis.pdbx_auth_seq_id_2     103 
_struct_mon_prot_cis.pdbx_auth_asym_id_2    A 
_struct_mon_prot_cis.pdbx_PDB_model_num     1 
_struct_mon_prot_cis.pdbx_omega_angle       -1.80 
# 
loop_
_struct_sheet.id 
_struct_sheet.type 
_struct_sheet.number_strands 
_struct_sheet.details 
A ? 6 ? 
B ? 4 ? 
# 
loop_
_struct_sheet_order.sheet_id 
_struct_sheet_order.range_id_1 
_struct_sheet_order.range_id_2 
_struct_sheet_order.offset 
_struct_sheet_order.sense 
A 1 2 ? parallel      
A 2 3 ? parallel      
A 3 4 ? parallel      
A 4 5 ? parallel      
A 5 6 ? parallel      
B 1 2 ? parallel      
B 2 3 ? anti-parallel 
B 3 4 ? anti-parallel 
# 
loop_
_struct_sheet_range.sheet_id 
_struct_sheet_range.id 
_struct_sheet_range.beg_label_comp_id 
_struct_sheet_range.beg_label_asym_id 
_struct_sheet_range.beg_label_seq_id 
_struct_sheet_range.pdbx_beg_PDB_ins_code 
_struct_sheet_range.end_label_comp_id 
_struct_sheet_range.end_label_asym_id 
_struct_sheet_range.end_label_seq_id 
_struct_sheet_range.pdbx_end_PDB_ins_code 
_struct_sheet_range.beg_auth_comp_id 
_struct_sheet_range.beg_auth_asym_id 
_struct_sheet_range.beg_auth_seq_id 
_struct_sheet_range.end_auth_comp_id 
_struct_sheet_range.end_auth_asym_id 
_struct_sheet_range.end_auth_seq_id 
A 1 ALA A 70  ? VAL A 74  ? ALA A 58  VAL A 62  
A 2 ARG A 217 ? VAL A 223 ? ARG A 205 VAL A 211 
A 3 PHE A 161 ? ARG A 167 ? PHE A 149 ARG A 155 
A 4 ALA A 127 ? THR A 130 ? ALA A 115 THR A 118 
A 5 ARG A 92  ? ILE A 94  ? ARG A 80  ILE A 82  
A 6 ASP A 109 ? LEU A 111 ? ASP A 97  LEU A 99  
B 1 ILE A 171 ? VAL A 172 ? ILE A 159 VAL A 160 
B 2 VAL A 134 ? ILE A 136 ? VAL A 122 ILE A 124 
B 3 THR A 141 ? LEU A 144 ? THR A 129 LEU A 132 
B 4 THR A 193 ? SER A 196 ? THR A 181 SER A 184 
# 
loop_
_pdbx_struct_sheet_hbond.sheet_id 
_pdbx_struct_sheet_hbond.range_id_1 
_pdbx_struct_sheet_hbond.range_id_2 
_pdbx_struct_sheet_hbond.range_1_label_atom_id 
_pdbx_struct_sheet_hbond.range_1_label_comp_id 
_pdbx_struct_sheet_hbond.range_1_label_asym_id 
_pdbx_struct_sheet_hbond.range_1_label_seq_id 
_pdbx_struct_sheet_hbond.range_1_PDB_ins_code 
_pdbx_struct_sheet_hbond.range_1_auth_atom_id 
_pdbx_struct_sheet_hbond.range_1_auth_comp_id 
_pdbx_struct_sheet_hbond.range_1_auth_asym_id 
_pdbx_struct_sheet_hbond.range_1_auth_seq_id 
_pdbx_struct_sheet_hbond.range_2_label_atom_id 
_pdbx_struct_sheet_hbond.range_2_label_comp_id 
_pdbx_struct_sheet_hbond.range_2_label_asym_id 
_pdbx_struct_sheet_hbond.range_2_label_seq_id 
_pdbx_struct_sheet_hbond.range_2_PDB_ins_code 
_pdbx_struct_sheet_hbond.range_2_auth_atom_id 
_pdbx_struct_sheet_hbond.range_2_auth_comp_id 
_pdbx_struct_sheet_hbond.range_2_auth_asym_id 
_pdbx_struct_sheet_hbond.range_2_auth_seq_id 
A 1 2 N ALA A 70  ? N ALA A 58  O LEU A 218 ? O LEU A 206 
A 2 3 O GLN A 219 ? O GLN A 207 N HIS A 162 ? N HIS A 150 
A 3 4 O VAL A 165 ? O VAL A 153 N THR A 130 ? N THR A 118 
A 4 5 O ALA A 127 ? O ALA A 115 N ILE A 94  ? N ILE A 82  
A 5 6 N VAL A 93  ? N VAL A 81  O LEU A 111 ? O LEU A 99  
B 1 2 O VAL A 172 ? O VAL A 160 N ALA A 135 ? N ALA A 123 
B 2 3 N VAL A 134 ? N VAL A 122 O ILE A 143 ? O ILE A 131 
B 3 4 N ILE A 142 ? N ILE A 130 O LEU A 195 ? O LEU A 183 
# 
_pdbx_SG_project.project_name          'PSI, Protein Structure Initiative' 
_pdbx_SG_project.full_name_of_center   'Joint Center for Structural Genomics' 
_pdbx_SG_project.id                    1 
_pdbx_SG_project.initial_of_center     JCSG 
# 
_pdbx_refine_tls.id               1 
_pdbx_refine_tls.details          ? 
_pdbx_refine_tls.method           refined 
_pdbx_refine_tls.origin_x         0.0041 
_pdbx_refine_tls.origin_y         -0.0025 
_pdbx_refine_tls.origin_z         0.2839 
_pdbx_refine_tls.T[1][1]          -0.0251 
_pdbx_refine_tls.T[2][2]          -0.0532 
_pdbx_refine_tls.T[3][3]          -0.0762 
_pdbx_refine_tls.T[1][2]          -0.0145 
_pdbx_refine_tls.T[1][3]          -0.0164 
_pdbx_refine_tls.T[2][3]          -0.0092 
_pdbx_refine_tls.L[1][1]          1.2868 
_pdbx_refine_tls.L[2][2]          1.4013 
_pdbx_refine_tls.L[3][3]          1.0442 
_pdbx_refine_tls.L[1][2]          0.3871 
_pdbx_refine_tls.L[1][3]          -0.2795 
_pdbx_refine_tls.L[2][3]          -0.5004 
_pdbx_refine_tls.S[1][1]          -0.0855 
_pdbx_refine_tls.S[2][2]          0.0630 
_pdbx_refine_tls.S[3][3]          0.0225 
_pdbx_refine_tls.S[1][2]          -0.0513 
_pdbx_refine_tls.S[1][3]          0.0668 
_pdbx_refine_tls.S[2][3]          0.0333 
_pdbx_refine_tls.S[2][1]          -0.0358 
_pdbx_refine_tls.S[3][1]          -0.1037 
_pdbx_refine_tls.S[3][2]          -0.0340 
_pdbx_refine_tls.pdbx_refine_id   'X-RAY DIFFRACTION' 
# 
_pdbx_refine_tls_group.id                  1 
_pdbx_refine_tls_group.refine_tls_id       1 
_pdbx_refine_tls_group.beg_label_asym_id   A 
_pdbx_refine_tls_group.beg_label_seq_id    50 
_pdbx_refine_tls_group.end_label_asym_id   A 
_pdbx_refine_tls_group.end_label_seq_id    224 
_pdbx_refine_tls_group.selection           ALL 
_pdbx_refine_tls_group.beg_auth_asym_id    A 
_pdbx_refine_tls_group.beg_auth_seq_id     38 
_pdbx_refine_tls_group.end_auth_asym_id    A 
_pdbx_refine_tls_group.end_auth_seq_id     212 
_pdbx_refine_tls_group.pdbx_refine_id      'X-RAY DIFFRACTION' 
_pdbx_refine_tls_group.selection_details   ? 
# 
_phasing.method   MAD 
# 
loop_
_pdbx_unobs_or_zero_occ_residues.id 
_pdbx_unobs_or_zero_occ_residues.PDB_model_num 
_pdbx_unobs_or_zero_occ_residues.polymer_flag 
_pdbx_unobs_or_zero_occ_residues.occupancy_flag 
_pdbx_unobs_or_zero_occ_residues.auth_asym_id 
_pdbx_unobs_or_zero_occ_residues.auth_comp_id 
_pdbx_unobs_or_zero_occ_residues.auth_seq_id 
_pdbx_unobs_or_zero_occ_residues.PDB_ins_code 
_pdbx_unobs_or_zero_occ_residues.label_asym_id 
_pdbx_unobs_or_zero_occ_residues.label_comp_id 
_pdbx_unobs_or_zero_occ_residues.label_seq_id 
1  1 Y 1 A MET -11 ? A MET 1   
2  1 Y 1 A GLY -10 ? A GLY 2   
3  1 Y 1 A SER -9  ? A SER 3   
4  1 Y 1 A ASP -8  ? A ASP 4   
5  1 Y 1 A LYS -7  ? A LYS 5   
6  1 Y 1 A ILE -6  ? A ILE 6   
7  1 Y 1 A HIS -5  ? A HIS 7   
8  1 Y 1 A HIS -4  ? A HIS 8   
9  1 Y 1 A HIS -3  ? A HIS 9   
10 1 Y 1 A HIS -2  ? A HIS 10  
11 1 Y 1 A HIS -1  ? A HIS 11  
12 1 Y 1 A HIS 0   ? A HIS 12  
13 1 Y 1 A MET 1   ? A MET 13  
14 1 Y 1 A THR 2   ? A THR 14  
15 1 Y 1 A THR 3   ? A THR 15  
16 1 Y 1 A ILE 4   ? A ILE 16  
17 1 Y 1 A PRO 5   ? A PRO 17  
18 1 Y 1 A SER 6   ? A SER 18  
19 1 Y 1 A THR 7   ? A THR 19  
20 1 Y 1 A ALA 8   ? A ALA 20  
21 1 Y 1 A GLU 9   ? A GLU 21  
22 1 Y 1 A ALA 10  ? A ALA 22  
23 1 Y 1 A LYS 11  ? A LYS 23  
24 1 Y 1 A LEU 12  ? A LEU 24  
25 1 Y 1 A GLU 13  ? A GLU 25  
26 1 Y 1 A MET 14  ? A MET 26  
27 1 Y 1 A LEU 15  ? A LEU 27  
28 1 Y 1 A THR 16  ? A THR 28  
29 1 Y 1 A THR 17  ? A THR 29  
30 1 Y 1 A ILE 18  ? A ILE 30  
31 1 Y 1 A ASN 19  ? A ASN 31  
32 1 Y 1 A ARG 20  ? A ARG 32  
33 1 Y 1 A ALA 21  ? A ALA 33  
34 1 Y 1 A ILE 22  ? A ILE 34  
35 1 Y 1 A ALA 23  ? A ALA 35  
36 1 Y 1 A GLY 24  ? A GLY 36  
37 1 Y 1 A SER 25  ? A SER 37  
38 1 Y 1 A ARG 26  ? A ARG 38  
39 1 Y 1 A PRO 27  ? A PRO 39  
40 1 Y 1 A GLU 28  ? A GLU 40  
41 1 Y 1 A ALA 29  ? A ALA 41  
42 1 Y 1 A LEU 30  ? A LEU 42  
43 1 Y 1 A PRO 31  ? A PRO 43  
44 1 Y 1 A PRO 32  ? A PRO 44  
45 1 Y 1 A TYR 33  ? A TYR 45  
46 1 Y 1 A PRO 34  ? A PRO 46  
47 1 Y 1 A VAL 35  ? A VAL 47  
48 1 Y 1 A PRO 36  ? A PRO 48  
49 1 Y 1 A ALA 37  ? A ALA 49  
50 1 Y 1 A ALA 188 ? A ALA 200 
51 1 Y 1 A THR 189 ? A THR 201 
52 1 Y 1 A SER 190 ? A SER 202 
53 1 Y 1 A ASP 191 ? A ASP 203 
54 1 Y 1 A ILE 192 ? A ILE 204 
55 1 Y 1 A GLU 193 ? A GLU 205 
56 1 Y 1 A LEU 194 ? A LEU 206 
57 1 Y 1 A VAL 195 ? A VAL 207 
58 1 Y 1 A ARG 196 ? A ARG 208 
59 1 Y 1 A VAL 197 ? A VAL 209 
60 1 Y 1 A GLU 198 ? A GLU 210 
# 
loop_
_chem_comp_atom.comp_id 
_chem_comp_atom.atom_id 
_chem_comp_atom.type_symbol 
_chem_comp_atom.pdbx_aromatic_flag 
_chem_comp_atom.pdbx_stereo_config 
_chem_comp_atom.pdbx_ordinal 
ALA N    N N N 1   
ALA CA   C N S 2   
ALA C    C N N 3   
ALA O    O N N 4   
ALA CB   C N N 5   
ALA OXT  O N N 6   
ALA H    H N N 7   
ALA H2   H N N 8   
ALA HA   H N N 9   
ALA HB1  H N N 10  
ALA HB2  H N N 11  
ALA HB3  H N N 12  
ALA HXT  H N N 13  
ARG N    N N N 14  
ARG CA   C N S 15  
ARG C    C N N 16  
ARG O    O N N 17  
ARG CB   C N N 18  
ARG CG   C N N 19  
ARG CD   C N N 20  
ARG NE   N N N 21  
ARG CZ   C N N 22  
ARG NH1  N N N 23  
ARG NH2  N N N 24  
ARG OXT  O N N 25  
ARG H    H N N 26  
ARG H2   H N N 27  
ARG HA   H N N 28  
ARG HB2  H N N 29  
ARG HB3  H N N 30  
ARG HG2  H N N 31  
ARG HG3  H N N 32  
ARG HD2  H N N 33  
ARG HD3  H N N 34  
ARG HE   H N N 35  
ARG HH11 H N N 36  
ARG HH12 H N N 37  
ARG HH21 H N N 38  
ARG HH22 H N N 39  
ARG HXT  H N N 40  
ASN N    N N N 41  
ASN CA   C N S 42  
ASN C    C N N 43  
ASN O    O N N 44  
ASN CB   C N N 45  
ASN CG   C N N 46  
ASN OD1  O N N 47  
ASN ND2  N N N 48  
ASN OXT  O N N 49  
ASN H    H N N 50  
ASN H2   H N N 51  
ASN HA   H N N 52  
ASN HB2  H N N 53  
ASN HB3  H N N 54  
ASN HD21 H N N 55  
ASN HD22 H N N 56  
ASN HXT  H N N 57  
ASP N    N N N 58  
ASP CA   C N S 59  
ASP C    C N N 60  
ASP O    O N N 61  
ASP CB   C N N 62  
ASP CG   C N N 63  
ASP OD1  O N N 64  
ASP OD2  O N N 65  
ASP OXT  O N N 66  
ASP H    H N N 67  
ASP H2   H N N 68  
ASP HA   H N N 69  
ASP HB2  H N N 70  
ASP HB3  H N N 71  
ASP HD2  H N N 72  
ASP HXT  H N N 73  
CYS N    N N N 74  
CYS CA   C N R 75  
CYS C    C N N 76  
CYS O    O N N 77  
CYS CB   C N N 78  
CYS SG   S N N 79  
CYS OXT  O N N 80  
CYS H    H N N 81  
CYS H2   H N N 82  
CYS HA   H N N 83  
CYS HB2  H N N 84  
CYS HB3  H N N 85  
CYS HG   H N N 86  
CYS HXT  H N N 87  
GLN N    N N N 88  
GLN CA   C N S 89  
GLN C    C N N 90  
GLN O    O N N 91  
GLN CB   C N N 92  
GLN CG   C N N 93  
GLN CD   C N N 94  
GLN OE1  O N N 95  
GLN NE2  N N N 96  
GLN OXT  O N N 97  
GLN H    H N N 98  
GLN H2   H N N 99  
GLN HA   H N N 100 
GLN HB2  H N N 101 
GLN HB3  H N N 102 
GLN HG2  H N N 103 
GLN HG3  H N N 104 
GLN HE21 H N N 105 
GLN HE22 H N N 106 
GLN HXT  H N N 107 
GLU N    N N N 108 
GLU CA   C N S 109 
GLU C    C N N 110 
GLU O    O N N 111 
GLU CB   C N N 112 
GLU CG   C N N 113 
GLU CD   C N N 114 
GLU OE1  O N N 115 
GLU OE2  O N N 116 
GLU OXT  O N N 117 
GLU H    H N N 118 
GLU H2   H N N 119 
GLU HA   H N N 120 
GLU HB2  H N N 121 
GLU HB3  H N N 122 
GLU HG2  H N N 123 
GLU HG3  H N N 124 
GLU HE2  H N N 125 
GLU HXT  H N N 126 
GLY N    N N N 127 
GLY CA   C N N 128 
GLY C    C N N 129 
GLY O    O N N 130 
GLY OXT  O N N 131 
GLY H    H N N 132 
GLY H2   H N N 133 
GLY HA2  H N N 134 
GLY HA3  H N N 135 
GLY HXT  H N N 136 
HIS N    N N N 137 
HIS CA   C N S 138 
HIS C    C N N 139 
HIS O    O N N 140 
HIS CB   C N N 141 
HIS CG   C Y N 142 
HIS ND1  N Y N 143 
HIS CD2  C Y N 144 
HIS CE1  C Y N 145 
HIS NE2  N Y N 146 
HIS OXT  O N N 147 
HIS H    H N N 148 
HIS H2   H N N 149 
HIS HA   H N N 150 
HIS HB2  H N N 151 
HIS HB3  H N N 152 
HIS HD1  H N N 153 
HIS HD2  H N N 154 
HIS HE1  H N N 155 
HIS HE2  H N N 156 
HIS HXT  H N N 157 
HOH O    O N N 158 
HOH H1   H N N 159 
HOH H2   H N N 160 
ILE N    N N N 161 
ILE CA   C N S 162 
ILE C    C N N 163 
ILE O    O N N 164 
ILE CB   C N S 165 
ILE CG1  C N N 166 
ILE CG2  C N N 167 
ILE CD1  C N N 168 
ILE OXT  O N N 169 
ILE H    H N N 170 
ILE H2   H N N 171 
ILE HA   H N N 172 
ILE HB   H N N 173 
ILE HG12 H N N 174 
ILE HG13 H N N 175 
ILE HG21 H N N 176 
ILE HG22 H N N 177 
ILE HG23 H N N 178 
ILE HD11 H N N 179 
ILE HD12 H N N 180 
ILE HD13 H N N 181 
ILE HXT  H N N 182 
LEU N    N N N 183 
LEU CA   C N S 184 
LEU C    C N N 185 
LEU O    O N N 186 
LEU CB   C N N 187 
LEU CG   C N N 188 
LEU CD1  C N N 189 
LEU CD2  C N N 190 
LEU OXT  O N N 191 
LEU H    H N N 192 
LEU H2   H N N 193 
LEU HA   H N N 194 
LEU HB2  H N N 195 
LEU HB3  H N N 196 
LEU HG   H N N 197 
LEU HD11 H N N 198 
LEU HD12 H N N 199 
LEU HD13 H N N 200 
LEU HD21 H N N 201 
LEU HD22 H N N 202 
LEU HD23 H N N 203 
LEU HXT  H N N 204 
LYS N    N N N 205 
LYS CA   C N S 206 
LYS C    C N N 207 
LYS O    O N N 208 
LYS CB   C N N 209 
LYS CG   C N N 210 
LYS CD   C N N 211 
LYS CE   C N N 212 
LYS NZ   N N N 213 
LYS OXT  O N N 214 
LYS H    H N N 215 
LYS H2   H N N 216 
LYS HA   H N N 217 
LYS HB2  H N N 218 
LYS HB3  H N N 219 
LYS HG2  H N N 220 
LYS HG3  H N N 221 
LYS HD2  H N N 222 
LYS HD3  H N N 223 
LYS HE2  H N N 224 
LYS HE3  H N N 225 
LYS HZ1  H N N 226 
LYS HZ2  H N N 227 
LYS HZ3  H N N 228 
LYS HXT  H N N 229 
MET N    N N N 230 
MET CA   C N S 231 
MET C    C N N 232 
MET O    O N N 233 
MET CB   C N N 234 
MET CG   C N N 235 
MET SD   S N N 236 
MET CE   C N N 237 
MET OXT  O N N 238 
MET H    H N N 239 
MET H2   H N N 240 
MET HA   H N N 241 
MET HB2  H N N 242 
MET HB3  H N N 243 
MET HG2  H N N 244 
MET HG3  H N N 245 
MET HE1  H N N 246 
MET HE2  H N N 247 
MET HE3  H N N 248 
MET HXT  H N N 249 
PHE N    N N N 250 
PHE CA   C N S 251 
PHE C    C N N 252 
PHE O    O N N 253 
PHE CB   C N N 254 
PHE CG   C Y N 255 
PHE CD1  C Y N 256 
PHE CD2  C Y N 257 
PHE CE1  C Y N 258 
PHE CE2  C Y N 259 
PHE CZ   C Y N 260 
PHE OXT  O N N 261 
PHE H    H N N 262 
PHE H2   H N N 263 
PHE HA   H N N 264 
PHE HB2  H N N 265 
PHE HB3  H N N 266 
PHE HD1  H N N 267 
PHE HD2  H N N 268 
PHE HE1  H N N 269 
PHE HE2  H N N 270 
PHE HZ   H N N 271 
PHE HXT  H N N 272 
PRO N    N N N 273 
PRO CA   C N S 274 
PRO C    C N N 275 
PRO O    O N N 276 
PRO CB   C N N 277 
PRO CG   C N N 278 
PRO CD   C N N 279 
PRO OXT  O N N 280 
PRO H    H N N 281 
PRO HA   H N N 282 
PRO HB2  H N N 283 
PRO HB3  H N N 284 
PRO HG2  H N N 285 
PRO HG3  H N N 286 
PRO HD2  H N N 287 
PRO HD3  H N N 288 
PRO HXT  H N N 289 
SER N    N N N 290 
SER CA   C N S 291 
SER C    C N N 292 
SER O    O N N 293 
SER CB   C N N 294 
SER OG   O N N 295 
SER OXT  O N N 296 
SER H    H N N 297 
SER H2   H N N 298 
SER HA   H N N 299 
SER HB2  H N N 300 
SER HB3  H N N 301 
SER HG   H N N 302 
SER HXT  H N N 303 
THR N    N N N 304 
THR CA   C N S 305 
THR C    C N N 306 
THR O    O N N 307 
THR CB   C N R 308 
THR OG1  O N N 309 
THR CG2  C N N 310 
THR OXT  O N N 311 
THR H    H N N 312 
THR H2   H N N 313 
THR HA   H N N 314 
THR HB   H N N 315 
THR HG1  H N N 316 
THR HG21 H N N 317 
THR HG22 H N N 318 
THR HG23 H N N 319 
THR HXT  H N N 320 
TRP N    N N N 321 
TRP CA   C N S 322 
TRP C    C N N 323 
TRP O    O N N 324 
TRP CB   C N N 325 
TRP CG   C Y N 326 
TRP CD1  C Y N 327 
TRP CD2  C Y N 328 
TRP NE1  N Y N 329 
TRP CE2  C Y N 330 
TRP CE3  C Y N 331 
TRP CZ2  C Y N 332 
TRP CZ3  C Y N 333 
TRP CH2  C Y N 334 
TRP OXT  O N N 335 
TRP H    H N N 336 
TRP H2   H N N 337 
TRP HA   H N N 338 
TRP HB2  H N N 339 
TRP HB3  H N N 340 
TRP HD1  H N N 341 
TRP HE1  H N N 342 
TRP HE3  H N N 343 
TRP HZ2  H N N 344 
TRP HZ3  H N N 345 
TRP HH2  H N N 346 
TRP HXT  H N N 347 
TYR N    N N N 348 
TYR CA   C N S 349 
TYR C    C N N 350 
TYR O    O N N 351 
TYR CB   C N N 352 
TYR CG   C Y N 353 
TYR CD1  C Y N 354 
TYR CD2  C Y N 355 
TYR CE1  C Y N 356 
TYR CE2  C Y N 357 
TYR CZ   C Y N 358 
TYR OH   O N N 359 
TYR OXT  O N N 360 
TYR H    H N N 361 
TYR H2   H N N 362 
TYR HA   H N N 363 
TYR HB2  H N N 364 
TYR HB3  H N N 365 
TYR HD1  H N N 366 
TYR HD2  H N N 367 
TYR HE1  H N N 368 
TYR HE2  H N N 369 
TYR HH   H N N 370 
TYR HXT  H N N 371 
VAL N    N N N 372 
VAL CA   C N S 373 
VAL C    C N N 374 
VAL O    O N N 375 
VAL CB   C N N 376 
VAL CG1  C N N 377 
VAL CG2  C N N 378 
VAL OXT  O N N 379 
VAL H    H N N 380 
VAL H2   H N N 381 
VAL HA   H N N 382 
VAL HB   H N N 383 
VAL HG11 H N N 384 
VAL HG12 H N N 385 
VAL HG13 H N N 386 
VAL HG21 H N N 387 
VAL HG22 H N N 388 
VAL HG23 H N N 389 
VAL HXT  H N N 390 
# 
loop_
_chem_comp_bond.comp_id 
_chem_comp_bond.atom_id_1 
_chem_comp_bond.atom_id_2 
_chem_comp_bond.value_order 
_chem_comp_bond.pdbx_aromatic_flag 
_chem_comp_bond.pdbx_stereo_config 
_chem_comp_bond.pdbx_ordinal 
ALA N   CA   sing N N 1   
ALA N   H    sing N N 2   
ALA N   H2   sing N N 3   
ALA CA  C    sing N N 4   
ALA CA  CB   sing N N 5   
ALA CA  HA   sing N N 6   
ALA C   O    doub N N 7   
ALA C   OXT  sing N N 8   
ALA CB  HB1  sing N N 9   
ALA CB  HB2  sing N N 10  
ALA CB  HB3  sing N N 11  
ALA OXT HXT  sing N N 12  
ARG N   CA   sing N N 13  
ARG N   H    sing N N 14  
ARG N   H2   sing N N 15  
ARG CA  C    sing N N 16  
ARG CA  CB   sing N N 17  
ARG CA  HA   sing N N 18  
ARG C   O    doub N N 19  
ARG C   OXT  sing N N 20  
ARG CB  CG   sing N N 21  
ARG CB  HB2  sing N N 22  
ARG CB  HB3  sing N N 23  
ARG CG  CD   sing N N 24  
ARG CG  HG2  sing N N 25  
ARG CG  HG3  sing N N 26  
ARG CD  NE   sing N N 27  
ARG CD  HD2  sing N N 28  
ARG CD  HD3  sing N N 29  
ARG NE  CZ   sing N N 30  
ARG NE  HE   sing N N 31  
ARG CZ  NH1  sing N N 32  
ARG CZ  NH2  doub N N 33  
ARG NH1 HH11 sing N N 34  
ARG NH1 HH12 sing N N 35  
ARG NH2 HH21 sing N N 36  
ARG NH2 HH22 sing N N 37  
ARG OXT HXT  sing N N 38  
ASN N   CA   sing N N 39  
ASN N   H    sing N N 40  
ASN N   H2   sing N N 41  
ASN CA  C    sing N N 42  
ASN CA  CB   sing N N 43  
ASN CA  HA   sing N N 44  
ASN C   O    doub N N 45  
ASN C   OXT  sing N N 46  
ASN CB  CG   sing N N 47  
ASN CB  HB2  sing N N 48  
ASN CB  HB3  sing N N 49  
ASN CG  OD1  doub N N 50  
ASN CG  ND2  sing N N 51  
ASN ND2 HD21 sing N N 52  
ASN ND2 HD22 sing N N 53  
ASN OXT HXT  sing N N 54  
ASP N   CA   sing N N 55  
ASP N   H    sing N N 56  
ASP N   H2   sing N N 57  
ASP CA  C    sing N N 58  
ASP CA  CB   sing N N 59  
ASP CA  HA   sing N N 60  
ASP C   O    doub N N 61  
ASP C   OXT  sing N N 62  
ASP CB  CG   sing N N 63  
ASP CB  HB2  sing N N 64  
ASP CB  HB3  sing N N 65  
ASP CG  OD1  doub N N 66  
ASP CG  OD2  sing N N 67  
ASP OD2 HD2  sing N N 68  
ASP OXT HXT  sing N N 69  
CYS N   CA   sing N N 70  
CYS N   H    sing N N 71  
CYS N   H2   sing N N 72  
CYS CA  C    sing N N 73  
CYS CA  CB   sing N N 74  
CYS CA  HA   sing N N 75  
CYS C   O    doub N N 76  
CYS C   OXT  sing N N 77  
CYS CB  SG   sing N N 78  
CYS CB  HB2  sing N N 79  
CYS CB  HB3  sing N N 80  
CYS SG  HG   sing N N 81  
CYS OXT HXT  sing N N 82  
GLN N   CA   sing N N 83  
GLN N   H    sing N N 84  
GLN N   H2   sing N N 85  
GLN CA  C    sing N N 86  
GLN CA  CB   sing N N 87  
GLN CA  HA   sing N N 88  
GLN C   O    doub N N 89  
GLN C   OXT  sing N N 90  
GLN CB  CG   sing N N 91  
GLN CB  HB2  sing N N 92  
GLN CB  HB3  sing N N 93  
GLN CG  CD   sing N N 94  
GLN CG  HG2  sing N N 95  
GLN CG  HG3  sing N N 96  
GLN CD  OE1  doub N N 97  
GLN CD  NE2  sing N N 98  
GLN NE2 HE21 sing N N 99  
GLN NE2 HE22 sing N N 100 
GLN OXT HXT  sing N N 101 
GLU N   CA   sing N N 102 
GLU N   H    sing N N 103 
GLU N   H2   sing N N 104 
GLU CA  C    sing N N 105 
GLU CA  CB   sing N N 106 
GLU CA  HA   sing N N 107 
GLU C   O    doub N N 108 
GLU C   OXT  sing N N 109 
GLU CB  CG   sing N N 110 
GLU CB  HB2  sing N N 111 
GLU CB  HB3  sing N N 112 
GLU CG  CD   sing N N 113 
GLU CG  HG2  sing N N 114 
GLU CG  HG3  sing N N 115 
GLU CD  OE1  doub N N 116 
GLU CD  OE2  sing N N 117 
GLU OE2 HE2  sing N N 118 
GLU OXT HXT  sing N N 119 
GLY N   CA   sing N N 120 
GLY N   H    sing N N 121 
GLY N   H2   sing N N 122 
GLY CA  C    sing N N 123 
GLY CA  HA2  sing N N 124 
GLY CA  HA3  sing N N 125 
GLY C   O    doub N N 126 
GLY C   OXT  sing N N 127 
GLY OXT HXT  sing N N 128 
HIS N   CA   sing N N 129 
HIS N   H    sing N N 130 
HIS N   H2   sing N N 131 
HIS CA  C    sing N N 132 
HIS CA  CB   sing N N 133 
HIS CA  HA   sing N N 134 
HIS C   O    doub N N 135 
HIS C   OXT  sing N N 136 
HIS CB  CG   sing N N 137 
HIS CB  HB2  sing N N 138 
HIS CB  HB3  sing N N 139 
HIS CG  ND1  sing Y N 140 
HIS CG  CD2  doub Y N 141 
HIS ND1 CE1  doub Y N 142 
HIS ND1 HD1  sing N N 143 
HIS CD2 NE2  sing Y N 144 
HIS CD2 HD2  sing N N 145 
HIS CE1 NE2  sing Y N 146 
HIS CE1 HE1  sing N N 147 
HIS NE2 HE2  sing N N 148 
HIS OXT HXT  sing N N 149 
HOH O   H1   sing N N 150 
HOH O   H2   sing N N 151 
ILE N   CA   sing N N 152 
ILE N   H    sing N N 153 
ILE N   H2   sing N N 154 
ILE CA  C    sing N N 155 
ILE CA  CB   sing N N 156 
ILE CA  HA   sing N N 157 
ILE C   O    doub N N 158 
ILE C   OXT  sing N N 159 
ILE CB  CG1  sing N N 160 
ILE CB  CG2  sing N N 161 
ILE CB  HB   sing N N 162 
ILE CG1 CD1  sing N N 163 
ILE CG1 HG12 sing N N 164 
ILE CG1 HG13 sing N N 165 
ILE CG2 HG21 sing N N 166 
ILE CG2 HG22 sing N N 167 
ILE CG2 HG23 sing N N 168 
ILE CD1 HD11 sing N N 169 
ILE CD1 HD12 sing N N 170 
ILE CD1 HD13 sing N N 171 
ILE OXT HXT  sing N N 172 
LEU N   CA   sing N N 173 
LEU N   H    sing N N 174 
LEU N   H2   sing N N 175 
LEU CA  C    sing N N 176 
LEU CA  CB   sing N N 177 
LEU CA  HA   sing N N 178 
LEU C   O    doub N N 179 
LEU C   OXT  sing N N 180 
LEU CB  CG   sing N N 181 
LEU CB  HB2  sing N N 182 
LEU CB  HB3  sing N N 183 
LEU CG  CD1  sing N N 184 
LEU CG  CD2  sing N N 185 
LEU CG  HG   sing N N 186 
LEU CD1 HD11 sing N N 187 
LEU CD1 HD12 sing N N 188 
LEU CD1 HD13 sing N N 189 
LEU CD2 HD21 sing N N 190 
LEU CD2 HD22 sing N N 191 
LEU CD2 HD23 sing N N 192 
LEU OXT HXT  sing N N 193 
LYS N   CA   sing N N 194 
LYS N   H    sing N N 195 
LYS N   H2   sing N N 196 
LYS CA  C    sing N N 197 
LYS CA  CB   sing N N 198 
LYS CA  HA   sing N N 199 
LYS C   O    doub N N 200 
LYS C   OXT  sing N N 201 
LYS CB  CG   sing N N 202 
LYS CB  HB2  sing N N 203 
LYS CB  HB3  sing N N 204 
LYS CG  CD   sing N N 205 
LYS CG  HG2  sing N N 206 
LYS CG  HG3  sing N N 207 
LYS CD  CE   sing N N 208 
LYS CD  HD2  sing N N 209 
LYS CD  HD3  sing N N 210 
LYS CE  NZ   sing N N 211 
LYS CE  HE2  sing N N 212 
LYS CE  HE3  sing N N 213 
LYS NZ  HZ1  sing N N 214 
LYS NZ  HZ2  sing N N 215 
LYS NZ  HZ3  sing N N 216 
LYS OXT HXT  sing N N 217 
MET N   CA   sing N N 218 
MET N   H    sing N N 219 
MET N   H2   sing N N 220 
MET CA  C    sing N N 221 
MET CA  CB   sing N N 222 
MET CA  HA   sing N N 223 
MET C   O    doub N N 224 
MET C   OXT  sing N N 225 
MET CB  CG   sing N N 226 
MET CB  HB2  sing N N 227 
MET CB  HB3  sing N N 228 
MET CG  SD   sing N N 229 
MET CG  HG2  sing N N 230 
MET CG  HG3  sing N N 231 
MET SD  CE   sing N N 232 
MET CE  HE1  sing N N 233 
MET CE  HE2  sing N N 234 
MET CE  HE3  sing N N 235 
MET OXT HXT  sing N N 236 
PHE N   CA   sing N N 237 
PHE N   H    sing N N 238 
PHE N   H2   sing N N 239 
PHE CA  C    sing N N 240 
PHE CA  CB   sing N N 241 
PHE CA  HA   sing N N 242 
PHE C   O    doub N N 243 
PHE C   OXT  sing N N 244 
PHE CB  CG   sing N N 245 
PHE CB  HB2  sing N N 246 
PHE CB  HB3  sing N N 247 
PHE CG  CD1  doub Y N 248 
PHE CG  CD2  sing Y N 249 
PHE CD1 CE1  sing Y N 250 
PHE CD1 HD1  sing N N 251 
PHE CD2 CE2  doub Y N 252 
PHE CD2 HD2  sing N N 253 
PHE CE1 CZ   doub Y N 254 
PHE CE1 HE1  sing N N 255 
PHE CE2 CZ   sing Y N 256 
PHE CE2 HE2  sing N N 257 
PHE CZ  HZ   sing N N 258 
PHE OXT HXT  sing N N 259 
PRO N   CA   sing N N 260 
PRO N   CD   sing N N 261 
PRO N   H    sing N N 262 
PRO CA  C    sing N N 263 
PRO CA  CB   sing N N 264 
PRO CA  HA   sing N N 265 
PRO C   O    doub N N 266 
PRO C   OXT  sing N N 267 
PRO CB  CG   sing N N 268 
PRO CB  HB2  sing N N 269 
PRO CB  HB3  sing N N 270 
PRO CG  CD   sing N N 271 
PRO CG  HG2  sing N N 272 
PRO CG  HG3  sing N N 273 
PRO CD  HD2  sing N N 274 
PRO CD  HD3  sing N N 275 
PRO OXT HXT  sing N N 276 
SER N   CA   sing N N 277 
SER N   H    sing N N 278 
SER N   H2   sing N N 279 
SER CA  C    sing N N 280 
SER CA  CB   sing N N 281 
SER CA  HA   sing N N 282 
SER C   O    doub N N 283 
SER C   OXT  sing N N 284 
SER CB  OG   sing N N 285 
SER CB  HB2  sing N N 286 
SER CB  HB3  sing N N 287 
SER OG  HG   sing N N 288 
SER OXT HXT  sing N N 289 
THR N   CA   sing N N 290 
THR N   H    sing N N 291 
THR N   H2   sing N N 292 
THR CA  C    sing N N 293 
THR CA  CB   sing N N 294 
THR CA  HA   sing N N 295 
THR C   O    doub N N 296 
THR C   OXT  sing N N 297 
THR CB  OG1  sing N N 298 
THR CB  CG2  sing N N 299 
THR CB  HB   sing N N 300 
THR OG1 HG1  sing N N 301 
THR CG2 HG21 sing N N 302 
THR CG2 HG22 sing N N 303 
THR CG2 HG23 sing N N 304 
THR OXT HXT  sing N N 305 
TRP N   CA   sing N N 306 
TRP N   H    sing N N 307 
TRP N   H2   sing N N 308 
TRP CA  C    sing N N 309 
TRP CA  CB   sing N N 310 
TRP CA  HA   sing N N 311 
TRP C   O    doub N N 312 
TRP C   OXT  sing N N 313 
TRP CB  CG   sing N N 314 
TRP CB  HB2  sing N N 315 
TRP CB  HB3  sing N N 316 
TRP CG  CD1  doub Y N 317 
TRP CG  CD2  sing Y N 318 
TRP CD1 NE1  sing Y N 319 
TRP CD1 HD1  sing N N 320 
TRP CD2 CE2  doub Y N 321 
TRP CD2 CE3  sing Y N 322 
TRP NE1 CE2  sing Y N 323 
TRP NE1 HE1  sing N N 324 
TRP CE2 CZ2  sing Y N 325 
TRP CE3 CZ3  doub Y N 326 
TRP CE3 HE3  sing N N 327 
TRP CZ2 CH2  doub Y N 328 
TRP CZ2 HZ2  sing N N 329 
TRP CZ3 CH2  sing Y N 330 
TRP CZ3 HZ3  sing N N 331 
TRP CH2 HH2  sing N N 332 
TRP OXT HXT  sing N N 333 
TYR N   CA   sing N N 334 
TYR N   H    sing N N 335 
TYR N   H2   sing N N 336 
TYR CA  C    sing N N 337 
TYR CA  CB   sing N N 338 
TYR CA  HA   sing N N 339 
TYR C   O    doub N N 340 
TYR C   OXT  sing N N 341 
TYR CB  CG   sing N N 342 
TYR CB  HB2  sing N N 343 
TYR CB  HB3  sing N N 344 
TYR CG  CD1  doub Y N 345 
TYR CG  CD2  sing Y N 346 
TYR CD1 CE1  sing Y N 347 
TYR CD1 HD1  sing N N 348 
TYR CD2 CE2  doub Y N 349 
TYR CD2 HD2  sing N N 350 
TYR CE1 CZ   doub Y N 351 
TYR CE1 HE1  sing N N 352 
TYR CE2 CZ   sing Y N 353 
TYR CE2 HE2  sing N N 354 
TYR CZ  OH   sing N N 355 
TYR OH  HH   sing N N 356 
TYR OXT HXT  sing N N 357 
VAL N   CA   sing N N 358 
VAL N   H    sing N N 359 
VAL N   H2   sing N N 360 
VAL CA  C    sing N N 361 
VAL CA  CB   sing N N 362 
VAL CA  HA   sing N N 363 
VAL C   O    doub N N 364 
VAL C   OXT  sing N N 365 
VAL CB  CG1  sing N N 366 
VAL CB  CG2  sing N N 367 
VAL CB  HB   sing N N 368 
VAL CG1 HG11 sing N N 369 
VAL CG1 HG12 sing N N 370 
VAL CG1 HG13 sing N N 371 
VAL CG2 HG21 sing N N 372 
VAL CG2 HG22 sing N N 373 
VAL CG2 HG23 sing N N 374 
VAL OXT HXT  sing N N 375 
# 
_atom_sites.entry_id                    2G40 
_atom_sites.fract_transf_matrix[1][1]   0.00878608 
_atom_sites.fract_transf_matrix[1][2]   0.01599113 
_atom_sites.fract_transf_matrix[1][3]   0.00418651 
_atom_sites.fract_transf_matrix[2][1]   0.01465686 
_atom_sites.fract_transf_matrix[2][2]   -0.00972867 
_atom_sites.fract_transf_matrix[2][3]   0.00640061 
_atom_sites.fract_transf_matrix[3][1]   0.00345009 
_atom_sites.fract_transf_matrix[3][2]   0.00012357 
_atom_sites.fract_transf_matrix[3][3]   -0.00771259 
_atom_sites.fract_transf_vector[1]      -0.406250 
_atom_sites.fract_transf_vector[2]      0.255242 
_atom_sites.fract_transf_vector[3]      0.017026 
# 
loop_
_atom_type.symbol 
C 
N 
O 
S 
# 
loop_
_atom_site.group_PDB 
_atom_site.id 
_atom_site.type_symbol 
_atom_site.label_atom_id 
_atom_site.label_alt_id 
_atom_site.label_comp_id 
_atom_site.label_asym_id 
_atom_site.label_entity_id 
_atom_site.label_seq_id 
_atom_site.pdbx_PDB_ins_code 
_atom_site.Cartn_x 
_atom_site.Cartn_y 
_atom_site.Cartn_z 
_atom_site.occupancy 
_atom_site.B_iso_or_equiv 
_atom_site.pdbx_formal_charge 
_atom_site.auth_seq_id 
_atom_site.auth_comp_id 
_atom_site.auth_asym_id 
_atom_site.auth_atom_id 
_atom_site.pdbx_PDB_model_num 
ATOM   1    N N   . PRO A 1 50  ? 25.122  5.262   5.467   1.00 28.68 ? 38  PRO A N   1 
ATOM   2    C CA  . PRO A 1 50  ? 23.710  5.411   5.147   1.00 25.35 ? 38  PRO A CA  1 
ATOM   3    C C   . PRO A 1 50  ? 23.456  6.380   4.007   1.00 23.17 ? 38  PRO A C   1 
ATOM   4    O O   . PRO A 1 50  ? 24.137  7.383   3.894   1.00 23.41 ? 38  PRO A O   1 
ATOM   5    C CB  . PRO A 1 50  ? 23.101  5.958   6.454   1.00 25.54 ? 38  PRO A CB  1 
ATOM   6    C CG  . PRO A 1 50  ? 24.249  6.229   7.358   1.00 27.07 ? 38  PRO A CG  1 
ATOM   7    C CD  . PRO A 1 50  ? 25.355  5.350   6.915   1.00 27.94 ? 38  PRO A CD  1 
ATOM   8    N N   . LEU A 1 51  ? 22.474  6.068   3.169   1.00 21.37 ? 39  LEU A N   1 
ATOM   9    C CA  . LEU A 1 51  ? 22.039  6.988   2.124   1.00 19.77 ? 39  LEU A CA  1 
ATOM   10   C C   . LEU A 1 51  ? 21.280  8.156   2.760   1.00 19.46 ? 39  LEU A C   1 
ATOM   11   O O   . LEU A 1 51  ? 20.734  8.039   3.872   1.00 21.31 ? 39  LEU A O   1 
ATOM   12   C CB  . LEU A 1 51  ? 21.150  6.262   1.118   1.00 20.18 ? 39  LEU A CB  1 
ATOM   13   C CG  . LEU A 1 51  ? 21.826  5.213   0.222   1.00 18.71 ? 39  LEU A CG  1 
ATOM   14   C CD1 . LEU A 1 51  ? 20.795  4.568   -0.702  1.00 17.02 ? 39  LEU A CD1 1 
ATOM   15   C CD2 . LEU A 1 51  ? 22.973  5.814   -0.582  1.00 25.35 ? 39  LEU A CD2 1 
ATOM   16   N N   . SER A 1 52  ? 21.251  9.288   2.072   1.00 19.05 ? 40  SER A N   1 
ATOM   17   C CA  . SER A 1 52  ? 20.432  10.396  2.519   1.00 17.97 ? 40  SER A CA  1 
ATOM   18   C C   . SER A 1 52  ? 18.970  10.049  2.314   1.00 17.40 ? 40  SER A C   1 
ATOM   19   O O   . SER A 1 52  ? 18.637  9.147   1.536   1.00 15.21 ? 40  SER A O   1 
ATOM   20   C CB  . SER A 1 52  ? 20.783  11.658  1.748   1.00 18.23 ? 40  SER A CB  1 
ATOM   21   O OG  . SER A 1 52  ? 20.328  11.587  0.406   1.00 16.50 ? 40  SER A OG  1 
ATOM   22   N N   . ARG A 1 53  ? 18.086  10.775  2.985   1.00 15.50 ? 41  ARG A N   1 
ATOM   23   C CA  . ARG A 1 53  ? 16.653  10.600  2.767   1.00 17.56 ? 41  ARG A CA  1 
ATOM   24   C C   . ARG A 1 53  ? 16.279  10.832  1.315   1.00 16.42 ? 41  ARG A C   1 
ATOM   25   O O   . ARG A 1 53  ? 15.451  10.104  0.766   1.00 15.15 ? 41  ARG A O   1 
ATOM   26   C CB  . ARG A 1 53  ? 15.822  11.528  3.653   1.00 18.59 ? 41  ARG A CB  1 
ATOM   27   C CG  . ARG A 1 53  ? 15.967  11.269  5.154   1.00 24.45 ? 41  ARG A CG  1 
ATOM   28   C CD  . ARG A 1 53  ? 15.555  9.837   5.510   1.00 24.44 ? 41  ARG A CD  1 
ATOM   29   N NE  . ARG A 1 53  ? 14.210  9.517   5.027   1.00 19.59 ? 41  ARG A NE  1 
ATOM   30   C CZ  . ARG A 1 53  ? 13.695  8.293   4.998   1.00 22.98 ? 41  ARG A CZ  1 
ATOM   31   N NH1 . ARG A 1 53  ? 14.400  7.256   5.425   1.00 29.99 ? 41  ARG A NH1 1 
ATOM   32   N NH2 . ARG A 1 53  ? 12.460  8.105   4.562   1.00 27.44 ? 41  ARG A NH2 1 
ATOM   33   N N   . ALA A 1 54  ? 16.885  11.829  0.685   1.00 16.50 ? 42  ALA A N   1 
ATOM   34   C CA  . ALA A 1 54  ? 16.587  12.078  -0.728  1.00 16.22 ? 42  ALA A CA  1 
ATOM   35   C C   . ALA A 1 54  ? 16.970  10.891  -1.618  1.00 15.29 ? 42  ALA A C   1 
ATOM   36   O O   . ALA A 1 54  ? 16.191  10.482  -2.472  1.00 15.80 ? 42  ALA A O   1 
ATOM   37   C CB  . ALA A 1 54  ? 17.259  13.355  -1.204  1.00 17.25 ? 42  ALA A CB  1 
ATOM   38   N N   . GLU A 1 55  ? 18.166  10.348  -1.405  1.00 17.35 ? 43  GLU A N   1 
ATOM   39   C CA  . GLU A 1 55  ? 18.651  9.169   -2.132  1.00 15.39 ? 43  GLU A CA  1 
ATOM   40   C C   . GLU A 1 55  ? 17.800  7.930   -1.874  1.00 15.39 ? 43  GLU A C   1 
ATOM   41   O O   . GLU A 1 55  ? 17.546  7.126   -2.784  1.00 15.42 ? 43  GLU A O   1 
ATOM   42   C CB  . GLU A 1 55  ? 20.084  8.878   -1.736  1.00 15.29 ? 43  GLU A CB  1 
ATOM   43   C CG  . GLU A 1 55  ? 21.081  9.899   -2.221  1.00 21.16 ? 43  GLU A CG  1 
ATOM   44   C CD  . GLU A 1 55  ? 22.442  9.729   -1.590  1.00 16.09 ? 43  GLU A CD  1 
ATOM   45   O OE1 . GLU A 1 55  ? 22.537  9.405   -0.388  1.00 20.54 ? 43  GLU A OE1 1 
ATOM   46   O OE2 . GLU A 1 55  ? 23.444  9.942   -2.306  1.00 27.23 ? 43  GLU A OE2 1 
ATOM   47   N N   . ILE A 1 56  ? 17.350  7.787   -0.635  1.00 13.22 ? 44  ILE A N   1 
ATOM   48   C CA  . ILE A 1 56  ? 16.454  6.701   -0.260  1.00 15.00 ? 44  ILE A CA  1 
ATOM   49   C C   . ILE A 1 56  ? 15.124  6.793   -1.030  1.00 14.90 ? 44  ILE A C   1 
ATOM   50   O O   . ILE A 1 56  ? 14.669  5.803   -1.592  1.00 16.35 ? 44  ILE A O   1 
ATOM   51   C CB  . ILE A 1 56  ? 16.219  6.666   1.274   1.00 14.42 ? 44  ILE A CB  1 
ATOM   52   C CG1 . ILE A 1 56  ? 17.500  6.247   1.988   1.00 16.69 ? 44  ILE A CG1 1 
ATOM   53   C CG2 . ILE A 1 56  ? 15.084  5.708   1.627   1.00 13.45 ? 44  ILE A CG2 1 
ATOM   54   C CD1 . ILE A 1 56  ? 17.411  6.408   3.501   1.00 17.03 ? 44  ILE A CD1 1 
ATOM   55   N N   . LEU A 1 57  ? 14.509  7.977   -1.039  1.00 15.61 ? 45  LEU A N   1 
ATOM   56   C CA  . LEU A 1 57  ? 13.269  8.215   -1.765  1.00 17.97 ? 45  LEU A CA  1 
ATOM   57   C C   . LEU A 1 57  ? 13.432  7.928   -3.251  1.00 16.36 ? 45  LEU A C   1 
ATOM   58   O O   . LEU A 1 57  ? 12.609  7.236   -3.871  1.00 17.54 ? 45  LEU A O   1 
ATOM   59   C CB  . LEU A 1 57  ? 12.806  9.658   -1.541  1.00 18.74 ? 45  LEU A CB  1 
ATOM   60   C CG  . LEU A 1 57  ? 12.204  9.889   -0.145  1.00 26.10 ? 45  LEU A CG  1 
ATOM   61   C CD1 . LEU A 1 57  ? 11.977  11.356  0.123   1.00 33.41 ? 45  LEU A CD1 1 
ATOM   62   C CD2 . LEU A 1 57  ? 10.904  9.113   0.022   1.00 31.07 ? 45  LEU A CD2 1 
ATOM   63   N N   . HIS A 1 58  ? 14.528  8.418   -3.819  1.00 16.98 ? 46  HIS A N   1 
ATOM   64   C CA  . HIS A 1 58  ? 14.805  8.187   -5.230  1.00 17.94 ? 46  HIS A CA  1 
ATOM   65   C C   . HIS A 1 58  ? 15.045  6.720   -5.514  1.00 14.78 ? 46  HIS A C   1 
ATOM   66   O O   . HIS A 1 58  ? 14.549  6.184   -6.485  1.00 13.95 ? 46  HIS A O   1 
ATOM   67   C CB  . HIS A 1 58  ? 16.001  9.007   -5.679  1.00 18.96 ? 46  HIS A CB  1 
ATOM   68   C CG  . HIS A 1 58  ? 15.722  10.473  -5.745  1.00 19.51 ? 46  HIS A CG  1 
ATOM   69   N ND1 . HIS A 1 58  ? 16.722  11.412  -5.858  1.00 19.17 ? 46  HIS A ND1 1 
ATOM   70   C CD2 . HIS A 1 58  ? 14.557  11.165  -5.724  1.00 24.34 ? 46  HIS A CD2 1 
ATOM   71   C CE1 . HIS A 1 58  ? 16.187  12.619  -5.894  1.00 21.62 ? 46  HIS A CE1 1 
ATOM   72   N NE2 . HIS A 1 58  ? 14.875  12.494  -5.846  1.00 17.91 ? 46  HIS A NE2 1 
ATOM   73   N N   . GLN A 1 59  ? 15.767  6.054   -4.633  1.00 16.09 ? 47  GLN A N   1 
ATOM   74   C CA  . GLN A 1 59  ? 15.961  4.611   -4.766  1.00 15.49 ? 47  GLN A CA  1 
ATOM   75   C C   . GLN A 1 59  ? 14.665  3.801   -4.693  1.00 15.15 ? 47  GLN A C   1 
ATOM   76   O O   . GLN A 1 59  ? 14.454  2.884   -5.491  1.00 15.01 ? 47  GLN A O   1 
ATOM   77   C CB  . GLN A 1 59  ? 16.943  4.144   -3.696  1.00 15.73 ? 47  GLN A CB  1 
ATOM   78   C CG  . GLN A 1 59  ? 17.223  2.659   -3.727  1.00 15.43 ? 47  GLN A CG  1 
ATOM   79   C CD  . GLN A 1 59  ? 18.267  2.300   -2.732  1.00 16.83 ? 47  GLN A CD  1 
ATOM   80   O OE1 . GLN A 1 59  ? 18.036  2.337   -1.522  1.00 19.04 ? 47  GLN A OE1 1 
ATOM   81   N NE2 . GLN A 1 59  ? 19.421  1.953   -3.221  1.00 18.65 ? 47  GLN A NE2 1 
ATOM   82   N N   . PHE A 1 60  ? 13.804  4.134   -3.736  1.00 15.38 ? 48  PHE A N   1 
ATOM   83   C CA  . PHE A 1 60  ? 12.536  3.455   -3.548  1.00 15.09 ? 48  PHE A CA  1 
ATOM   84   C C   . PHE A 1 60  ? 11.719  3.618   -4.817  1.00 15.75 ? 48  PHE A C   1 
ATOM   85   O O   . PHE A 1 60  ? 11.215  2.635   -5.362  1.00 16.43 ? 48  PHE A O   1 
ATOM   86   C CB  . PHE A 1 60  ? 11.795  4.050   -2.348  1.00 14.50 ? 48  PHE A CB  1 
ATOM   87   C CG  . PHE A 1 60  ? 10.464  3.410   -2.046  1.00 13.57 ? 48  PHE A CG  1 
ATOM   88   C CD1 . PHE A 1 60  ? 10.362  2.050   -1.794  1.00 15.04 ? 48  PHE A CD1 1 
ATOM   89   C CD2 . PHE A 1 60  ? 9.307   4.192   -1.980  1.00 14.95 ? 48  PHE A CD2 1 
ATOM   90   C CE1 . PHE A 1 60  ? 9.129   1.464   -1.474  1.00 16.37 ? 48  PHE A CE1 1 
ATOM   91   C CE2 . PHE A 1 60  ? 8.085   3.634   -1.687  1.00 18.12 ? 48  PHE A CE2 1 
ATOM   92   C CZ  . PHE A 1 60  ? 7.991   2.244   -1.423  1.00 20.82 ? 48  PHE A CZ  1 
ATOM   93   N N   . GLU A 1 61  ? 11.628  4.864   -5.291  1.00 15.44 ? 49  GLU A N   1 
ATOM   94   C CA  . GLU A 1 61  ? 10.928  5.154   -6.541  1.00 15.91 ? 49  GLU A CA  1 
ATOM   95   C C   . GLU A 1 61  ? 11.438  4.269   -7.682  1.00 14.35 ? 49  GLU A C   1 
ATOM   96   O O   . GLU A 1 61  ? 10.645  3.637   -8.383  1.00 15.26 ? 49  GLU A O   1 
ATOM   97   C CB  . GLU A 1 61  ? 11.082  6.629   -6.925  1.00 14.66 ? 49  GLU A CB  1 
ATOM   98   C CG  . GLU A 1 61  ? 10.447  6.994   -8.282  1.00 15.38 ? 49  GLU A CG  1 
ATOM   99   C CD  . GLU A 1 61  ? 10.469  8.496   -8.576  1.00 19.33 ? 49  GLU A CD  1 
ATOM   100  O OE1 . GLU A 1 61  ? 11.256  9.217   -7.949  1.00 18.05 ? 49  GLU A OE1 1 
ATOM   101  O OE2 . GLU A 1 61  ? 9.698   8.953   -9.438  1.00 22.80 ? 49  GLU A OE2 1 
ATOM   102  N N   . ASP A 1 62  ? 12.758  4.233   -7.872  1.00 13.53 ? 50  ASP A N   1 
ATOM   103  C CA  . ASP A 1 62  ? 13.360  3.459   -8.959  1.00 14.66 ? 50  ASP A CA  1 
ATOM   104  C C   . ASP A 1 62  ? 12.965  1.990   -8.856  1.00 14.44 ? 50  ASP A C   1 
ATOM   105  O O   . ASP A 1 62  ? 12.672  1.356   -9.839  1.00 15.02 ? 50  ASP A O   1 
ATOM   106  C CB  . ASP A 1 62  ? 14.874  3.529   -8.925  1.00 16.23 ? 50  ASP A CB  1 
ATOM   107  C CG  . ASP A 1 62  ? 15.418  4.911   -9.228  1.00 22.22 ? 50  ASP A CG  1 
ATOM   108  O OD1 . ASP A 1 62  ? 14.640  5.778   -9.657  1.00 22.21 ? 50  ASP A OD1 1 
ATOM   109  O OD2 . ASP A 1 62  ? 16.637  5.124   -9.047  1.00 22.15 ? 50  ASP A OD2 1 
ATOM   110  N N   . ARG A 1 63  ? 13.002  1.459   -7.643  1.00 14.56 ? 51  ARG A N   1 
ATOM   111  C CA  . ARG A 1 63  ? 12.734  0.032   -7.459  1.00 17.23 ? 51  ARG A CA  1 
ATOM   112  C C   . ARG A 1 63  ? 11.254  -0.276  -7.671  1.00 18.11 ? 51  ARG A C   1 
ATOM   113  O O   . ARG A 1 63  ? 10.918  -1.330  -8.210  1.00 18.76 ? 51  ARG A O   1 
ATOM   114  C CB  . ARG A 1 63  ? 13.200  -0.447  -6.075  1.00 17.00 ? 51  ARG A CB  1 
ATOM   115  C CG  . ARG A 1 63  ? 14.707  -0.452  -5.850  1.00 18.74 ? 51  ARG A CG  1 
ATOM   116  C CD  . ARG A 1 63  ? 15.455  -1.441  -6.753  1.00 21.59 ? 51  ARG A CD  1 
ATOM   117  N NE  . ARG A 1 63  ? 15.799  -0.824  -8.029  1.00 32.67 ? 51  ARG A NE  1 
ATOM   118  C CZ  . ARG A 1 63  ? 16.768  0.075   -8.196  1.00 36.67 ? 51  ARG A CZ  1 
ATOM   119  N NH1 . ARG A 1 63  ? 17.508  0.481   -7.161  1.00 44.52 ? 51  ARG A NH1 1 
ATOM   120  N NH2 . ARG A 1 63  ? 16.990  0.591   -9.405  1.00 34.58 ? 51  ARG A NH2 1 
ATOM   121  N N   . ILE A 1 64  ? 10.378  0.640   -7.258  1.00 16.35 ? 52  ILE A N   1 
ATOM   122  C CA  . ILE A 1 64  ? 8.935   0.470   -7.444  1.00 19.37 ? 52  ILE A CA  1 
ATOM   123  C C   . ILE A 1 64  ? 8.606   0.567   -8.929  1.00 19.21 ? 52  ILE A C   1 
ATOM   124  O O   . ILE A 1 64  ? 7.841   -0.218  -9.446  1.00 21.46 ? 52  ILE A O   1 
ATOM   125  C CB  . ILE A 1 64  ? 8.148   1.531   -6.658  1.00 17.88 ? 52  ILE A CB  1 
ATOM   126  C CG1 . ILE A 1 64  ? 8.284   1.271   -5.156  1.00 15.04 ? 52  ILE A CG1 1 
ATOM   127  C CG2 . ILE A 1 64  ? 6.692   1.565   -7.083  1.00 22.19 ? 52  ILE A CG2 1 
ATOM   128  C CD1 . ILE A 1 64  ? 7.723   -0.010  -4.620  1.00 19.09 ? 52  ILE A CD1 1 
ATOM   129  N N   . LEU A 1 65  ? 9.204   1.534   -9.617  1.00 19.11 ? 53  LEU A N   1 
ATOM   130  C CA  . LEU A 1 65  ? 8.994   1.657   -11.050 1.00 21.54 ? 53  LEU A CA  1 
ATOM   131  C C   . LEU A 1 65  ? 9.495   0.407   -11.796 1.00 23.25 ? 53  LEU A C   1 
ATOM   132  O O   . LEU A 1 65  ? 8.829   -0.056  -12.730 1.00 23.01 ? 53  LEU A O   1 
ATOM   133  C CB  . LEU A 1 65  ? 9.608   2.949   -11.596 1.00 20.53 ? 53  LEU A CB  1 
ATOM   134  C CG  . LEU A 1 65  ? 8.927   4.237   -11.100 1.00 22.45 ? 53  LEU A CG  1 
ATOM   135  C CD1 . LEU A 1 65  ? 9.736   5.453   -11.549 1.00 23.98 ? 53  LEU A CD1 1 
ATOM   136  C CD2 . LEU A 1 65  ? 7.469   4.339   -11.558 1.00 21.62 ? 53  LEU A CD2 1 
ATOM   137  N N   . ASP A 1 66  ? 10.636  -0.152  -11.383 1.00 26.02 ? 54  ASP A N   1 
ATOM   138  C CA  . ASP A 1 66  ? 11.173  -1.359  -12.044 1.00 29.79 ? 54  ASP A CA  1 
ATOM   139  C C   . ASP A 1 66  ? 10.284  -2.587  -11.838 1.00 32.51 ? 54  ASP A C   1 
ATOM   140  O O   . ASP A 1 66  ? 10.259  -3.471  -12.692 1.00 38.70 ? 54  ASP A O   1 
ATOM   141  C CB  . ASP A 1 66  ? 12.577  -1.702  -11.548 1.00 30.12 ? 54  ASP A CB  1 
ATOM   142  C CG  . ASP A 1 66  ? 13.615  -0.690  -11.969 1.00 34.58 ? 54  ASP A CG  1 
ATOM   143  O OD1 . ASP A 1 66  ? 13.379  0.062   -12.934 1.00 41.57 ? 54  ASP A OD1 1 
ATOM   144  O OD2 . ASP A 1 66  ? 14.675  -0.641  -11.306 1.00 49.24 ? 54  ASP A OD2 1 
ATOM   145  N N   . TYR A 1 67  ? 9.611   -2.637  -10.694 1.00 34.42 ? 55  TYR A N   1 
ATOM   146  C CA  . TYR A 1 67  ? 8.557   -3.624  -10.342 1.00 33.36 ? 55  TYR A CA  1 
ATOM   147  C C   . TYR A 1 67  ? 7.384   -3.548  -11.336 1.00 32.53 ? 55  TYR A C   1 
ATOM   148  O O   . TYR A 1 67  ? 6.583   -4.482  -11.418 1.00 34.16 ? 55  TYR A O   1 
ATOM   149  C CB  . TYR A 1 67  ? 8.080   -3.295  -8.903  1.00 36.07 ? 55  TYR A CB  1 
ATOM   150  C CG  . TYR A 1 67  ? 7.120   -4.204  -8.145  1.00 37.81 ? 55  TYR A CG  1 
ATOM   151  C CD1 . TYR A 1 67  ? 6.894   -5.533  -8.502  1.00 46.28 ? 55  TYR A CD1 1 
ATOM   152  C CD2 . TYR A 1 67  ? 6.473   -3.719  -7.008  1.00 44.98 ? 55  TYR A CD2 1 
ATOM   153  C CE1 . TYR A 1 67  ? 6.012   -6.346  -7.756  1.00 46.18 ? 55  TYR A CE1 1 
ATOM   154  C CE2 . TYR A 1 67  ? 5.602   -4.521  -6.256  1.00 46.83 ? 55  TYR A CE2 1 
ATOM   155  C CZ  . TYR A 1 67  ? 5.369   -5.830  -6.631  1.00 48.18 ? 55  TYR A CZ  1 
ATOM   156  O OH  . TYR A 1 67  ? 4.497   -6.600  -5.863  1.00 44.44 ? 55  TYR A OH  1 
ATOM   157  N N   . GLY A 1 68  ? 7.282   -2.450  -12.090 1.00 28.46 ? 56  GLY A N   1 
ATOM   158  C CA  . GLY A 1 68  ? 6.133   -2.197  -12.965 1.00 27.45 ? 56  GLY A CA  1 
ATOM   159  C C   . GLY A 1 68  ? 4.954   -1.525  -12.262 1.00 24.62 ? 56  GLY A C   1 
ATOM   160  O O   . GLY A 1 68  ? 3.838   -1.479  -12.783 1.00 22.07 ? 56  GLY A O   1 
ATOM   161  N N   . ALA A 1 69  ? 5.205   -0.940  -11.100 1.00 21.01 ? 57  ALA A N   1 
ATOM   162  C CA  . ALA A 1 69  ? 4.150   -0.250  -10.387 1.00 21.60 ? 57  ALA A CA  1 
ATOM   163  C C   . ALA A 1 69  ? 4.113   1.217   -10.776 1.00 20.67 ? 57  ALA A C   1 
ATOM   164  O O   . ALA A 1 69  ? 5.095   1.757   -11.311 1.00 19.78 ? 57  ALA A O   1 
ATOM   165  C CB  . ALA A 1 69  ? 4.341   -0.391  -8.910  1.00 24.09 ? 57  ALA A CB  1 
ATOM   166  N N   . ALA A 1 70  ? 2.982   1.859   -10.507 1.00 18.10 ? 58  ALA A N   1 
ATOM   167  C CA  . ALA A 1 70  ? 2.901   3.306   -10.593 1.00 17.96 ? 58  ALA A CA  1 
ATOM   168  C C   . ALA A 1 70  ? 3.401   3.901   -9.290  1.00 16.23 ? 58  ALA A C   1 
ATOM   169  O O   . ALA A 1 70  ? 3.337   3.269   -8.241  1.00 14.89 ? 58  ALA A O   1 
ATOM   170  C CB  . ALA A 1 70  ? 1.502   3.776   -10.889 1.00 19.66 ? 58  ALA A CB  1 
ATOM   171  N N   . TYR A 1 71  ? 3.966   5.104   -9.380  1.00 16.07 ? 59  TYR A N   1 
ATOM   172  C CA  . TYR A 1 71  ? 4.550   5.770   -8.232  1.00 16.51 ? 59  TYR A CA  1 
ATOM   173  C C   . TYR A 1 71  ? 4.302   7.273   -8.303  1.00 18.01 ? 59  TYR A C   1 
ATOM   174  O O   . TYR A 1 71  ? 4.519   7.894   -9.340  1.00 18.94 ? 59  TYR A O   1 
ATOM   175  C CB  . TYR A 1 71  ? 6.061   5.514   -8.182  1.00 18.48 ? 59  TYR A CB  1 
ATOM   176  C CG  . TYR A 1 71  ? 6.769   6.136   -6.992  1.00 14.53 ? 59  TYR A CG  1 
ATOM   177  C CD1 . TYR A 1 71  ? 7.203   7.457   -7.028  1.00 20.18 ? 59  TYR A CD1 1 
ATOM   178  C CD2 . TYR A 1 71  ? 7.053   5.398   -5.868  1.00 18.69 ? 59  TYR A CD2 1 
ATOM   179  C CE1 . TYR A 1 71  ? 7.858   8.032   -5.950  1.00 20.47 ? 59  TYR A CE1 1 
ATOM   180  C CE2 . TYR A 1 71  ? 7.710   5.973   -4.778  1.00 23.20 ? 59  TYR A CE2 1 
ATOM   181  C CZ  . TYR A 1 71  ? 8.118   7.290   -4.840  1.00 19.82 ? 59  TYR A CZ  1 
ATOM   182  O OH  . TYR A 1 71  ? 8.783   7.847   -3.768  1.00 21.10 ? 59  TYR A OH  1 
ATOM   183  N N   . THR A 1 72  ? 3.918   7.854   -7.176  1.00 17.94 ? 60  THR A N   1 
ATOM   184  C CA  . THR A 1 72  ? 3.796   9.299   -7.068  1.00 20.11 ? 60  THR A CA  1 
ATOM   185  C C   . THR A 1 72  ? 4.132   9.705   -5.658  1.00 17.02 ? 60  THR A C   1 
ATOM   186  O O   . THR A 1 72  ? 3.877   8.968   -4.723  1.00 18.70 ? 60  THR A O   1 
ATOM   187  C CB  . THR A 1 72  ? 2.383   9.788   -7.472  1.00 21.89 ? 60  THR A CB  1 
ATOM   188  O OG1 . THR A 1 72  ? 2.376   11.225  -7.578  1.00 23.43 ? 60  THR A OG1 1 
ATOM   189  C CG2 . THR A 1 72  ? 1.342   9.337   -6.484  1.00 23.60 ? 60  THR A CG2 1 
ATOM   190  N N   . HIS A 1 73  ? 4.752   10.869  -5.506  1.00 16.73 ? 61  HIS A N   1 
ATOM   191  C CA  . HIS A 1 73  ? 5.046   11.412  -4.193  1.00 18.66 ? 61  HIS A CA  1 
ATOM   192  C C   . HIS A 1 73  ? 4.267   12.724  -4.098  1.00 16.92 ? 61  HIS A C   1 
ATOM   193  O O   . HIS A 1 73  ? 4.406   13.586  -4.946  1.00 19.23 ? 61  HIS A O   1 
ATOM   194  C CB  . HIS A 1 73  ? 6.543   11.651  -4.018  1.00 18.78 ? 61  HIS A CB  1 
ATOM   195  C CG  . HIS A 1 73  ? 6.943   12.043  -2.620  1.00 17.60 ? 61  HIS A CG  1 
ATOM   196  N ND1 . HIS A 1 73  ? 8.260   12.158  -2.240  1.00 27.40 ? 61  HIS A ND1 1 
ATOM   197  C CD2 . HIS A 1 73  ? 6.211   12.332  -1.517  1.00 27.13 ? 61  HIS A CD2 1 
ATOM   198  C CE1 . HIS A 1 73  ? 8.324   12.521  -0.972  1.00 31.03 ? 61  HIS A CE1 1 
ATOM   199  N NE2 . HIS A 1 73  ? 7.095   12.634  -0.508  1.00 25.17 ? 61  HIS A NE2 1 
ATOM   200  N N   . VAL A 1 74  ? 3.401   12.828  -3.098  1.00 18.97 ? 62  VAL A N   1 
ATOM   201  C CA  . VAL A 1 74  ? 2.526   13.982  -2.939  1.00 20.46 ? 62  VAL A CA  1 
ATOM   202  C C   . VAL A 1 74  ? 2.597   14.501  -1.501  1.00 21.39 ? 62  VAL A C   1 
ATOM   203  O O   . VAL A 1 74  ? 3.105   13.822  -0.619  1.00 19.44 ? 62  VAL A O   1 
ATOM   204  C CB  . VAL A 1 74  ? 1.048   13.617  -3.319  1.00 20.66 ? 62  VAL A CB  1 
ATOM   205  C CG1 . VAL A 1 74  ? 0.949   13.179  -4.763  1.00 22.86 ? 62  VAL A CG1 1 
ATOM   206  C CG2 . VAL A 1 74  ? 0.484   12.550  -2.374  1.00 22.80 ? 62  VAL A CG2 1 
ATOM   207  N N   . SER A 1 75  ? 2.096   15.716  -1.279  1.00 20.68 ? 63  SER A N   1 
ATOM   208  C CA  . SER A 1 75  ? 1.891   16.247  0.064   1.00 21.22 ? 63  SER A CA  1 
ATOM   209  C C   . SER A 1 75  ? 0.657   15.619  0.696   1.00 20.24 ? 63  SER A C   1 
ATOM   210  O O   . SER A 1 75  ? -0.196  15.084  -0.004  1.00 18.45 ? 63  SER A O   1 
ATOM   211  C CB  . SER A 1 75  ? 1.673   17.758  0.007   1.00 20.74 ? 63  SER A CB  1 
ATOM   212  O OG  . SER A 1 75  ? 0.450   18.056  -0.682  1.00 19.47 ? 63  SER A OG  1 
ATOM   213  N N   . ALA A 1 76  ? 0.538   15.741  2.019   1.00 21.85 ? 64  ALA A N   1 
ATOM   214  C CA  . ALA A 1 76  ? -0.671  15.288  2.723   1.00 22.75 ? 64  ALA A CA  1 
ATOM   215  C C   . ALA A 1 76  ? -1.929  15.902  2.126   1.00 22.79 ? 64  ALA A C   1 
ATOM   216  O O   . ALA A 1 76  ? -2.939  15.214  1.975   1.00 23.58 ? 64  ALA A O   1 
ATOM   217  C CB  . ALA A 1 76  ? -0.593  15.625  4.184   1.00 24.46 ? 64  ALA A CB  1 
ATOM   218  N N   . ALA A 1 77  ? -1.860  17.199  1.804   1.00 23.71 ? 65  ALA A N   1 
ATOM   219  C CA  . ALA A 1 77  ? -2.975  17.933  1.211   1.00 23.00 ? 65  ALA A CA  1 
ATOM   220  C C   . ALA A 1 77  ? -3.383  17.366  -0.141  1.00 22.87 ? 65  ALA A C   1 
ATOM   221  O O   . ALA A 1 77  ? -4.559  17.383  -0.500  1.00 25.32 ? 65  ALA A O   1 
ATOM   222  C CB  . ALA A 1 77  ? -2.614  19.408  1.050   1.00 23.50 ? 65  ALA A CB  1 
ATOM   223  N N   . GLU A 1 78  ? -2.396  16.895  -0.887  1.00 21.30 ? 66  GLU A N   1 
ATOM   224  C CA  . GLU A 1 78  ? -2.617  16.326  -2.208  1.00 23.13 ? 66  GLU A CA  1 
ATOM   225  C C   . GLU A 1 78  ? -3.090  14.873  -2.162  1.00 19.76 ? 66  GLU A C   1 
ATOM   226  O O   . GLU A 1 78  ? -3.572  14.349  -3.165  1.00 21.02 ? 66  GLU A O   1 
ATOM   227  C CB  . GLU A 1 78  ? -1.317  16.420  -3.013  1.00 23.01 ? 66  GLU A CB  1 
ATOM   228  C CG  . GLU A 1 78  ? -0.941  17.850  -3.398  1.00 27.24 ? 66  GLU A CG  1 
ATOM   229  C CD  . GLU A 1 78  ? 0.485   17.977  -3.946  1.00 29.67 ? 66  GLU A CD  1 
ATOM   230  O OE1 . GLU A 1 78  ? 1.378   17.164  -3.594  1.00 30.20 ? 66  GLU A OE1 1 
ATOM   231  O OE2 . GLU A 1 78  ? 0.715   18.923  -4.725  1.00 41.40 ? 66  GLU A OE2 1 
ATOM   232  N N   . LEU A 1 79  ? -2.947  14.217  -1.014  1.00 19.43 ? 67  LEU A N   1 
ATOM   233  C CA  . LEU A 1 79  ? -3.196  12.780  -0.935  1.00 18.36 ? 67  LEU A CA  1 
ATOM   234  C C   . LEU A 1 79  ? -4.587  12.348  -1.412  1.00 17.62 ? 67  LEU A C   1 
ATOM   235  O O   . LEU A 1 79  ? -4.677  11.490  -2.273  1.00 19.59 ? 67  LEU A O   1 
ATOM   236  C CB  . LEU A 1 79  ? -2.899  12.230  0.459   1.00 19.96 ? 67  LEU A CB  1 
ATOM   237  C CG  . LEU A 1 79  ? -3.183  10.736  0.685   1.00 18.65 ? 67  LEU A CG  1 
ATOM   238  C CD1 . LEU A 1 79  ? -2.359  9.838   -0.239  1.00 22.52 ? 67  LEU A CD1 1 
ATOM   239  C CD2 . LEU A 1 79  ? -2.899  10.389  2.104   1.00 19.64 ? 67  LEU A CD2 1 
ATOM   240  N N   . PRO A 1 80  ? -5.667  12.926  -0.855  1.00 19.59 ? 68  PRO A N   1 
ATOM   241  C CA  . PRO A 1 80  ? -6.986  12.473  -1.312  1.00 20.30 ? 68  PRO A CA  1 
ATOM   242  C C   . PRO A 1 80  ? -7.158  12.568  -2.821  1.00 18.95 ? 68  PRO A C   1 
ATOM   243  O O   . PRO A 1 80  ? -7.658  11.633  -3.429  1.00 18.37 ? 68  PRO A O   1 
ATOM   244  C CB  . PRO A 1 80  ? -7.978  13.371  -0.569  1.00 19.62 ? 68  PRO A CB  1 
ATOM   245  C CG  . PRO A 1 80  ? -7.177  14.367  0.164   1.00 19.73 ? 68  PRO A CG  1 
ATOM   246  C CD  . PRO A 1 80  ? -5.755  13.924  0.217   1.00 20.27 ? 68  PRO A CD  1 
ATOM   247  N N   . GLY A 1 81  ? -6.701  13.663  -3.410  1.00 19.77 ? 69  GLY A N   1 
ATOM   248  C CA  . GLY A 1 81  ? -6.722  13.833  -4.858  1.00 20.68 ? 69  GLY A CA  1 
ATOM   249  C C   . GLY A 1 81  ? -5.909  12.798  -5.613  1.00 20.66 ? 69  GLY A C   1 
ATOM   250  O O   . GLY A 1 81  ? -6.353  12.288  -6.649  1.00 21.11 ? 69  GLY A O   1 
ATOM   251  N N   . ALA A 1 82  ? -4.725  12.479  -5.092  1.00 18.62 ? 70  ALA A N   1 
ATOM   252  C CA  . ALA A 1 82  ? -3.843  11.461  -5.684  1.00 19.66 ? 70  ALA A CA  1 
ATOM   253  C C   . ALA A 1 82  ? -4.526  10.100  -5.719  1.00 18.25 ? 70  ALA A C   1 
ATOM   254  O O   . ALA A 1 82  ? -4.428  9.366   -6.708  1.00 20.95 ? 70  ALA A O   1 
ATOM   255  C CB  . ALA A 1 82  ? -2.531  11.358  -4.909  1.00 17.92 ? 70  ALA A CB  1 
ATOM   256  N N   . ILE A 1 83  ? -5.193  9.757   -4.624  1.00 17.36 ? 71  ILE A N   1 
ATOM   257  C CA  . ILE A 1 83  ? -5.901  8.480   -4.541  1.00 19.24 ? 71  ILE A CA  1 
ATOM   258  C C   . ILE A 1 83  ? -7.040  8.488   -5.528  1.00 19.19 ? 71  ILE A C   1 
ATOM   259  O O   . ILE A 1 83  ? -7.224  7.536   -6.292  1.00 19.69 ? 71  ILE A O   1 
ATOM   260  C CB  . ILE A 1 83  ? -6.453  8.216   -3.128  1.00 19.48 ? 71  ILE A CB  1 
ATOM   261  C CG1 . ILE A 1 83  ? -5.305  8.095   -2.121  1.00 20.78 ? 71  ILE A CG1 1 
ATOM   262  C CG2 . ILE A 1 83  ? -7.282  6.940   -3.118  1.00 20.32 ? 71  ILE A CG2 1 
ATOM   263  C CD1 . ILE A 1 83  ? -5.730  8.108   -0.686  1.00 16.57 ? 71  ILE A CD1 1 
ATOM   264  N N   . ALA A 1 84  ? -7.805  9.580   -5.528  1.00 19.65 ? 72  ALA A N   1 
ATOM   265  C CA  . ALA A 1 84  ? -8.889  9.750   -6.498  1.00 19.38 ? 72  ALA A CA  1 
ATOM   266  C C   . ALA A 1 84  ? -8.403  9.663   -7.933  1.00 18.88 ? 72  ALA A C   1 
ATOM   267  O O   . ALA A 1 84  ? -9.029  8.998   -8.760  1.00 18.93 ? 72  ALA A O   1 
ATOM   268  C CB  . ALA A 1 84  ? -9.612  11.053  -6.270  1.00 18.78 ? 72  ALA A CB  1 
ATOM   269  N N   . LYS A 1 85  ? -7.275  10.303  -8.216  1.00 18.22 ? 73  LYS A N   1 
ATOM   270  C CA  . LYS A 1 85  ? -6.704  10.286  -9.538  1.00 20.16 ? 73  LYS A CA  1 
ATOM   271  C C   . LYS A 1 85  ? -6.298  8.856   -9.926  1.00 19.98 ? 73  LYS A C   1 
ATOM   272  O O   . LYS A 1 85  ? -6.583  8.417   -11.030 1.00 20.73 ? 73  LYS A O   1 
ATOM   273  C CB  . LYS A 1 85  ? -5.511  11.242  -9.617  1.00 19.44 ? 73  LYS A CB  1 
ATOM   274  C CG  . LYS A 1 85  ? -4.946  11.405  -10.984 1.00 27.25 ? 73  LYS A CG  1 
ATOM   275  C CD  . LYS A 1 85  ? -3.833  12.441  -10.969 1.00 27.98 ? 73  LYS A CD  1 
ATOM   276  C CE  . LYS A 1 85  ? -3.210  12.615  -12.337 1.00 41.02 ? 73  LYS A CE  1 
ATOM   277  N NZ  . LYS A 1 85  ? -2.862  11.300  -12.943 1.00 45.49 ? 73  LYS A NZ  1 
ATOM   278  N N   . ALA A 1 86  ? -5.693  8.122   -8.996  1.00 19.81 ? 74  ALA A N   1 
ATOM   279  C CA  . ALA A 1 86  ? -5.284  6.723   -9.223  1.00 20.67 ? 74  ALA A CA  1 
ATOM   280  C C   . ALA A 1 86  ? -6.439  5.780   -9.563  1.00 21.46 ? 74  ALA A C   1 
ATOM   281  O O   . ALA A 1 86  ? -6.277  4.872   -10.386 1.00 22.98 ? 74  ALA A O   1 
ATOM   282  C CB  . ALA A 1 86  ? -4.548  6.198   -8.010  1.00 19.03 ? 74  ALA A CB  1 
ATOM   283  N N   . LEU A 1 87  ? -7.581  5.977   -8.917  1.00 21.95 ? 75  LEU A N   1 
ATOM   284  C CA  . LEU A 1 87  ? -8.792  5.195   -9.207  1.00 23.43 ? 75  LEU A CA  1 
ATOM   285  C C   . LEU A 1 87  ? -9.431  5.478   -10.557 1.00 26.17 ? 75  LEU A C   1 
ATOM   286  O O   . LEU A 1 87  ? -10.084 4.603   -11.137 1.00 27.54 ? 75  LEU A O   1 
ATOM   287  C CB  . LEU A 1 87  ? -9.855  5.476   -8.154  1.00 23.72 ? 75  LEU A CB  1 
ATOM   288  C CG  . LEU A 1 87  ? -9.581  4.858   -6.804  1.00 18.13 ? 75  LEU A CG  1 
ATOM   289  C CD1 . LEU A 1 87  ? -10.567 5.480   -5.827  1.00 20.48 ? 75  LEU A CD1 1 
ATOM   290  C CD2 . LEU A 1 87  ? -9.743  3.345   -6.878  1.00 20.81 ? 75  LEU A CD2 1 
ATOM   291  N N   . GLY A 1 88  ? -9.296  6.712   -11.035 1.00 26.53 ? 76  GLY A N   1 
ATOM   292  C CA  . GLY A 1 88  ? -9.914  7.108   -12.298 1.00 27.08 ? 76  GLY A CA  1 
ATOM   293  C C   . GLY A 1 88  ? -11.415 6.939   -12.261 1.00 26.59 ? 76  GLY A C   1 
ATOM   294  O O   . GLY A 1 88  ? -12.076 7.403   -11.333 1.00 23.41 ? 76  GLY A O   1 
ATOM   295  N N   . ASN A 1 89  ? -11.948 6.235   -13.259 1.00 27.39 ? 77  ASN A N   1 
ATOM   296  C CA  . ASN A 1 89  ? -13.396 6.050   -13.389 1.00 28.54 ? 77  ASN A CA  1 
ATOM   297  C C   . ASN A 1 89  ? -13.873 4.704   -12.827 1.00 27.95 ? 77  ASN A C   1 
ATOM   298  O O   . ASN A 1 89  ? -15.068 4.417   -12.833 1.00 29.38 ? 77  ASN A O   1 
ATOM   299  C CB  . ASN A 1 89  ? -13.841 6.247   -14.852 1.00 30.23 ? 77  ASN A CB  1 
ATOM   300  C CG  . ASN A 1 89  ? -12.979 5.478   -15.843 1.00 33.16 ? 77  ASN A CG  1 
ATOM   301  N N   . ALA A 1 90  ? -12.931 3.904   -12.325 1.00 27.26 ? 78  ALA A N   1 
ATOM   302  C CA  . ALA A 1 90  ? -13.218 2.639   -11.655 1.00 26.55 ? 78  ALA A CA  1 
ATOM   303  C C   . ALA A 1 90  ? -13.059 2.884   -10.155 1.00 25.41 ? 78  ALA A C   1 
ATOM   304  O O   . ALA A 1 90  ? -11.974 2.731   -9.622  1.00 25.37 ? 78  ALA A O   1 
ATOM   305  C CB  . ALA A 1 90  ? -12.236 1.579   -12.112 1.00 26.81 ? 78  ALA A CB  1 
ATOM   306  N N   . ARG A 1 91  ? -14.146 3.287   -9.508  1.00 24.33 ? 79  ARG A N   1 
ATOM   307  C CA  . ARG A 1 91  ? -14.074 3.909   -8.193  1.00 25.18 ? 79  ARG A CA  1 
ATOM   308  C C   . ARG A 1 91  ? -14.536 3.001   -7.050  1.00 23.61 ? 79  ARG A C   1 
ATOM   309  O O   . ARG A 1 91  ? -14.682 3.474   -5.918  1.00 22.39 ? 79  ARG A O   1 
ATOM   310  C CB  . ARG A 1 91  ? -14.883 5.211   -8.190  1.00 26.66 ? 79  ARG A CB  1 
ATOM   311  C CG  . ARG A 1 91  ? -14.419 6.251   -9.224  1.00 30.53 ? 79  ARG A CG  1 
ATOM   312  C CD  . ARG A 1 91  ? -15.397 7.425   -9.313  1.00 28.85 ? 79  ARG A CD  1 
ATOM   313  N NE  . ARG A 1 91  ? -15.161 8.265   -10.486 1.00 38.58 ? 79  ARG A NE  1 
ATOM   314  N N   . ARG A 1 92  ? -14.762 1.720   -7.346  1.00 21.63 ? 80  ARG A N   1 
ATOM   315  C CA  . ARG A 1 92  ? -15.216 0.739   -6.342  1.00 20.89 ? 80  ARG A CA  1 
ATOM   316  C C   . ARG A 1 92  ? -13.996 0.259   -5.559  1.00 18.99 ? 80  ARG A C   1 
ATOM   317  O O   . ARG A 1 92  ? -13.280 -0.662  -5.976  1.00 18.21 ? 80  ARG A O   1 
ATOM   318  C CB  . ARG A 1 92  ? -15.952 -0.429  -6.998  1.00 20.69 ? 80  ARG A CB  1 
ATOM   319  C CG  . ARG A 1 92  ? -16.556 -1.401  -6.016  1.00 23.02 ? 80  ARG A CG  1 
ATOM   320  C CD  . ARG A 1 92  ? -17.394 -2.507  -6.713  1.00 28.23 ? 80  ARG A CD  1 
ATOM   321  N NE  . ARG A 1 92  ? -18.565 -2.871  -5.917  1.00 37.12 ? 80  ARG A NE  1 
ATOM   322  C CZ  . ARG A 1 92  ? -19.672 -2.131  -5.820  1.00 44.12 ? 80  ARG A CZ  1 
ATOM   323  N NH1 . ARG A 1 92  ? -19.783 -0.961  -6.452  1.00 42.32 ? 80  ARG A NH1 1 
ATOM   324  N NH2 . ARG A 1 92  ? -20.676 -2.558  -5.063  1.00 45.04 ? 80  ARG A NH2 1 
ATOM   325  N N   . VAL A 1 93  ? -13.751 0.921   -4.434  1.00 16.59 ? 81  VAL A N   1 
ATOM   326  C CA  . VAL A 1 93  ? -12.503 0.765   -3.688  1.00 15.12 ? 81  VAL A CA  1 
ATOM   327  C C   . VAL A 1 93  ? -12.772 0.223   -2.286  1.00 15.12 ? 81  VAL A C   1 
ATOM   328  O O   . VAL A 1 93  ? -13.594 0.775   -1.535  1.00 16.54 ? 81  VAL A O   1 
ATOM   329  C CB  . VAL A 1 93  ? -11.708 2.112   -3.614  1.00 14.36 ? 81  VAL A CB  1 
ATOM   330  C CG1 . VAL A 1 93  ? -12.556 3.250   -3.001  1.00 16.14 ? 81  VAL A CG1 1 
ATOM   331  C CG2 . VAL A 1 93  ? -10.405 1.913   -2.868  1.00 18.86 ? 81  VAL A CG2 1 
ATOM   332  N N   . ILE A 1 94  ? -12.056 -0.846  -1.938  1.00 15.04 ? 82  ILE A N   1 
ATOM   333  C CA  . ILE A 1 94  ? -12.130 -1.446  -0.606  1.00 14.73 ? 82  ILE A CA  1 
ATOM   334  C C   . ILE A 1 94  ? -11.292 -0.624  0.346   1.00 15.03 ? 82  ILE A C   1 
ATOM   335  O O   . ILE A 1 94  ? -10.123 -0.390  0.075   1.00 11.90 ? 82  ILE A O   1 
ATOM   336  C CB  . ILE A 1 94  ? -11.585 -2.873  -0.624  1.00 14.26 ? 82  ILE A CB  1 
ATOM   337  C CG1 . ILE A 1 94  ? -12.443 -3.756  -1.508  1.00 13.82 ? 82  ILE A CG1 1 
ATOM   338  C CG2 . ILE A 1 94  ? -11.531 -3.465  0.787   1.00 17.71 ? 82  ILE A CG2 1 
ATOM   339  C CD1 . ILE A 1 94  ? -11.654 -4.941  -2.088  1.00 20.50 ? 82  ILE A CD1 1 
ATOM   340  N N   . VAL A 1 95  ? -11.889 -0.192  1.451   1.00 13.92 ? 83  VAL A N   1 
ATOM   341  C CA  . VAL A 1 95  ? -11.243 0.729   2.373   1.00 14.74 ? 83  VAL A CA  1 
ATOM   342  C C   . VAL A 1 95  ? -11.227 0.097   3.759   1.00 17.59 ? 83  VAL A C   1 
ATOM   343  O O   . VAL A 1 95  ? -12.265 0.003   4.403   1.00 17.41 ? 83  VAL A O   1 
ATOM   344  C CB  . VAL A 1 95  ? -11.965 2.106   2.393   1.00 14.65 ? 83  VAL A CB  1 
ATOM   345  C CG1 . VAL A 1 95  ? -11.268 3.092   3.326   1.00 17.29 ? 83  VAL A CG1 1 
ATOM   346  C CG2 . VAL A 1 95  ? -11.982 2.696   0.991   1.00 12.61 ? 83  VAL A CG2 1 
ATOM   347  N N   . PRO A 1 96  ? -10.053 -0.369  4.204   1.00 18.68 ? 84  PRO A N   1 
ATOM   348  C CA  . PRO A 1 96  ? -9.897  -0.846  5.575   1.00 17.58 ? 84  PRO A CA  1 
ATOM   349  C C   . PRO A 1 96  ? -10.322 0.204   6.600   1.00 14.81 ? 84  PRO A C   1 
ATOM   350  O O   . PRO A 1 96  ? -10.165 1.406   6.382   1.00 14.84 ? 84  PRO A O   1 
ATOM   351  C CB  . PRO A 1 96  ? -8.393  -1.083  5.690   1.00 17.70 ? 84  PRO A CB  1 
ATOM   352  C CG  . PRO A 1 96  ? -7.953  -1.373  4.288   1.00 18.25 ? 84  PRO A CG  1 
ATOM   353  C CD  . PRO A 1 96  ? -8.799  -0.482  3.446   1.00 16.88 ? 84  PRO A CD  1 
ATOM   354  N N   . ALA A 1 97  ? -10.858 -0.278  7.714   1.00 17.79 ? 85  ALA A N   1 
ATOM   355  C CA  . ALA A 1 97  ? -11.482 0.552   8.743   1.00 17.49 ? 85  ALA A CA  1 
ATOM   356  C C   . ALA A 1 97  ? -10.559 1.653   9.274   1.00 19.48 ? 85  ALA A C   1 
ATOM   357  O O   . ALA A 1 97  ? -11.014 2.734   9.668   1.00 20.14 ? 85  ALA A O   1 
ATOM   358  C CB  . ALA A 1 97  ? -11.985 -0.362  9.907   1.00 20.35 ? 85  ALA A CB  1 
ATOM   359  N N   . GLY A 1 98  ? -9.259  1.398   9.277   1.00 17.96 ? 86  GLY A N   1 
ATOM   360  C CA  . GLY A 1 98  ? -8.294  2.344   9.833   1.00 17.71 ? 86  GLY A CA  1 
ATOM   361  C C   . GLY A 1 98  ? -7.762  3.384   8.883   1.00 18.86 ? 86  GLY A C   1 
ATOM   362  O O   . GLY A 1 98  ? -6.893  4.186   9.254   1.00 19.58 ? 86  GLY A O   1 
ATOM   363  N N   . ILE A 1 99  ? -8.247  3.393   7.644   1.00 19.56 ? 87  ILE A N   1 
ATOM   364  C CA  . ILE A 1 99  ? -7.843  4.439   6.703   1.00 19.24 ? 87  ILE A CA  1 
ATOM   365  C C   . ILE A 1 99  ? -8.422  5.756   7.213   1.00 21.00 ? 87  ILE A C   1 
ATOM   366  O O   . ILE A 1 99  ? -9.626  5.830   7.459   1.00 18.40 ? 87  ILE A O   1 
ATOM   367  C CB  . ILE A 1 99  ? -8.374  4.126   5.282   1.00 18.32 ? 87  ILE A CB  1 
ATOM   368  C CG1 . ILE A 1 99  ? -7.600  2.951   4.670   1.00 14.94 ? 87  ILE A CG1 1 
ATOM   369  C CG2 . ILE A 1 99  ? -8.345  5.360   4.374   1.00 19.05 ? 87  ILE A CG2 1 
ATOM   370  C CD1 . ILE A 1 99  ? -6.146  3.230   4.359   1.00 22.43 ? 87  ILE A CD1 1 
ATOM   371  N N   . PRO A 1 100 ? -7.579  6.797   7.388   1.00 21.23 ? 88  PRO A N   1 
ATOM   372  C CA  . PRO A 1 100 ? -8.166  8.062   7.836   1.00 21.25 ? 88  PRO A CA  1 
ATOM   373  C C   . PRO A 1 100 ? -9.234  8.607   6.882   1.00 21.89 ? 88  PRO A C   1 
ATOM   374  O O   . PRO A 1 100 ? -9.018  8.674   5.686   1.00 18.92 ? 88  PRO A O   1 
ATOM   375  C CB  . PRO A 1 100 ? -6.964  9.008   7.923   1.00 23.25 ? 88  PRO A CB  1 
ATOM   376  C CG  . PRO A 1 100 ? -5.762  8.123   7.975   1.00 24.87 ? 88  PRO A CG  1 
ATOM   377  C CD  . PRO A 1 100 ? -6.114  6.868   7.254   1.00 21.34 ? 88  PRO A CD  1 
ATOM   378  N N   . ALA A 1 101 ? -10.379 9.012   7.428   1.00 22.22 ? 89  ALA A N   1 
ATOM   379  C CA  . ALA A 1 101 ? -11.442 9.645   6.628   1.00 23.68 ? 89  ALA A CA  1 
ATOM   380  C C   . ALA A 1 101 ? -10.955 10.705  5.620   1.00 23.58 ? 89  ALA A C   1 
ATOM   381  O O   . ALA A 1 101 ? -11.445 10.742  4.499   1.00 23.94 ? 89  ALA A O   1 
ATOM   382  C CB  . ALA A 1 101 ? -12.494 10.255  7.541   1.00 25.38 ? 89  ALA A CB  1 
ATOM   383  N N   . PRO A 1 102 ? -10.035 11.601  6.030   1.00 24.51 ? 90  PRO A N   1 
ATOM   384  C CA  . PRO A 1 102 ? -9.519  12.635  5.108   1.00 24.70 ? 90  PRO A CA  1 
ATOM   385  C C   . PRO A 1 102 ? -8.896  12.154  3.801   1.00 24.98 ? 90  PRO A C   1 
ATOM   386  O O   . PRO A 1 102 ? -8.790  12.928  2.863   1.00 25.48 ? 90  PRO A O   1 
ATOM   387  C CB  . PRO A 1 102 ? -8.467  13.365  5.958   1.00 24.29 ? 90  PRO A CB  1 
ATOM   388  C CG  . PRO A 1 102 ? -8.932  13.160  7.363   1.00 27.66 ? 90  PRO A CG  1 
ATOM   389  C CD  . PRO A 1 102 ? -9.485  11.774  7.389   1.00 25.44 ? 90  PRO A CD  1 
ATOM   390  N N   . TRP A 1 103 ? -8.488  10.893  3.732   1.00 22.38 ? 91  TRP A N   1 
ATOM   391  C CA  . TRP A 1 103 ? -7.956  10.335  2.487   1.00 23.05 ? 91  TRP A CA  1 
ATOM   392  C C   . TRP A 1 103 ? -9.025  10.052  1.446   1.00 21.29 ? 91  TRP A C   1 
ATOM   393  O O   . TRP A 1 103 ? -8.715  9.820   0.284   1.00 21.11 ? 91  TRP A O   1 
ATOM   394  C CB  . TRP A 1 103 ? -7.267  9.014   2.750   1.00 21.72 ? 91  TRP A CB  1 
ATOM   395  C CG  . TRP A 1 103 ? -6.072  9.072   3.626   1.00 20.36 ? 91  TRP A CG  1 
ATOM   396  C CD1 . TRP A 1 103 ? -5.677  10.085  4.454   1.00 23.61 ? 91  TRP A CD1 1 
ATOM   397  C CD2 . TRP A 1 103 ? -5.143  8.021   3.801   1.00 21.07 ? 91  TRP A CD2 1 
ATOM   398  N NE1 . TRP A 1 103 ? -4.540  9.727   5.120   1.00 25.03 ? 91  TRP A NE1 1 
ATOM   399  C CE2 . TRP A 1 103 ? -4.186  8.460   4.738   1.00 18.49 ? 91  TRP A CE2 1 
ATOM   400  C CE3 . TRP A 1 103 ? -5.017  6.746   3.251   1.00 20.86 ? 91  TRP A CE3 1 
ATOM   401  C CZ2 . TRP A 1 103 ? -3.113  7.661   5.130   1.00 22.54 ? 91  TRP A CZ2 1 
ATOM   402  C CZ3 . TRP A 1 103 ? -3.961  5.943   3.661   1.00 21.71 ? 91  TRP A CZ3 1 
ATOM   403  C CH2 . TRP A 1 103 ? -3.023  6.406   4.578   1.00 25.75 ? 91  TRP A CH2 1 
ATOM   404  N N   . LEU A 1 104 ? -10.275 10.015  1.895   1.00 22.96 ? 92  LEU A N   1 
ATOM   405  C CA  . LEU A 1 104 ? -11.366 9.540   1.086   1.00 22.58 ? 92  LEU A CA  1 
ATOM   406  C C   . LEU A 1 104 ? -12.117 10.724  0.519   1.00 24.19 ? 92  LEU A C   1 
ATOM   407  O O   . LEU A 1 104 ? -12.158 11.808  1.123   1.00 25.02 ? 92  LEU A O   1 
ATOM   408  C CB  . LEU A 1 104 ? -12.318 8.686   1.916   1.00 22.42 ? 92  LEU A CB  1 
ATOM   409  C CG  . LEU A 1 104 ? -11.719 7.568   2.780   1.00 21.55 ? 92  LEU A CG  1 
ATOM   410  C CD1 . LEU A 1 104 ? -12.877 6.826   3.457   1.00 20.59 ? 92  LEU A CD1 1 
ATOM   411  C CD2 . LEU A 1 104 ? -10.820 6.623   1.977   1.00 24.53 ? 92  LEU A CD2 1 
ATOM   412  N N   . THR A 1 105 ? -12.732 10.503  -0.630  1.00 24.07 ? 93  THR A N   1 
ATOM   413  C CA  . THR A 1 105 ? -13.397 11.574  -1.350  1.00 24.80 ? 93  THR A CA  1 
ATOM   414  C C   . THR A 1 105 ? -14.726 11.109  -1.906  1.00 27.02 ? 93  THR A C   1 
ATOM   415  O O   . THR A 1 105 ? -14.890 9.939   -2.247  1.00 25.28 ? 93  THR A O   1 
ATOM   416  C CB  . THR A 1 105 ? -12.503 12.078  -2.499  1.00 25.73 ? 93  THR A CB  1 
ATOM   417  O OG1 . THR A 1 105 ? -11.947 10.963  -3.206  1.00 30.85 ? 93  THR A OG1 1 
ATOM   418  C CG2 . THR A 1 105 ? -11.353 12.888  -1.942  1.00 26.46 ? 93  THR A CG2 1 
ATOM   419  N N   . VAL A 1 106 ? -15.674 12.045  -1.978  1.00 27.88 ? 94  VAL A N   1 
ATOM   420  C CA  . VAL A 1 106 ? -16.991 11.808  -2.574  1.00 28.43 ? 94  VAL A CA  1 
ATOM   421  C C   . VAL A 1 106 ? -16.792 11.359  -4.015  1.00 28.28 ? 94  VAL A C   1 
ATOM   422  O O   . VAL A 1 106 ? -15.935 11.886  -4.726  1.00 31.62 ? 94  VAL A O   1 
ATOM   423  C CB  . VAL A 1 106 ? -17.853 13.091  -2.492  1.00 29.58 ? 94  VAL A CB  1 
ATOM   424  C CG1 . VAL A 1 106 ? -19.015 13.084  -3.514  1.00 29.93 ? 94  VAL A CG1 1 
ATOM   425  C CG2 . VAL A 1 106 ? -18.372 13.269  -1.072  1.00 31.52 ? 94  VAL A CG2 1 
ATOM   426  N N   . GLY A 1 107 ? -17.563 10.371  -4.444  1.00 27.30 ? 95  GLY A N   1 
ATOM   427  C CA  . GLY A 1 107 ? -17.353 9.784   -5.767  1.00 28.29 ? 95  GLY A CA  1 
ATOM   428  C C   . GLY A 1 107 ? -16.643 8.451   -5.699  1.00 27.44 ? 95  GLY A C   1 
ATOM   429  O O   . GLY A 1 107 ? -16.785 7.624   -6.601  1.00 28.62 ? 95  GLY A O   1 
ATOM   430  N N   . MET A 1 108 ? -15.874 8.235   -4.634  1.00 27.55 ? 96  MET A N   1 
ATOM   431  C CA  . MET A 1 108 ? -15.406 6.885   -4.312  1.00 25.29 ? 96  MET A CA  1 
ATOM   432  C C   . MET A 1 108 ? -16.613 6.009   -4.000  1.00 24.82 ? 96  MET A C   1 
ATOM   433  O O   . MET A 1 108 ? -17.511 6.421   -3.256  1.00 27.28 ? 96  MET A O   1 
ATOM   434  C CB  . MET A 1 108 ? -14.505 6.887   -3.082  1.00 26.79 ? 96  MET A CB  1 
ATOM   435  C CG  . MET A 1 108 ? -13.108 7.392   -3.291  1.00 25.09 ? 96  MET A CG  1 
ATOM   436  S SD  . MET A 1 108 ? -12.232 7.289   -1.726  1.00 28.46 ? 96  MET A SD  1 
ATOM   437  C CE  . MET A 1 108 ? -10.547 7.207   -2.258  1.00 29.27 ? 96  MET A CE  1 
ATOM   438  N N   . ASP A 1 109 ? -16.647 4.819   -4.582  1.00 21.36 ? 97  ASP A N   1 
ATOM   439  C CA  . ASP A 1 109 ? -17.601 3.802   -4.174  1.00 21.18 ? 97  ASP A CA  1 
ATOM   440  C C   . ASP A 1 109 ? -16.886 2.949   -3.128  1.00 18.38 ? 97  ASP A C   1 
ATOM   441  O O   . ASP A 1 109 ? -16.211 1.960   -3.436  1.00 21.86 ? 97  ASP A O   1 
ATOM   442  C CB  . ASP A 1 109 ? -18.090 2.986   -5.378  1.00 21.45 ? 97  ASP A CB  1 
ATOM   443  C CG  . ASP A 1 109 ? -18.837 3.834   -6.394  1.00 30.86 ? 97  ASP A CG  1 
ATOM   444  O OD1 . ASP A 1 109 ? -19.215 4.981   -6.062  1.00 36.22 ? 97  ASP A OD1 1 
ATOM   445  O OD2 . ASP A 1 109 ? -19.041 3.347   -7.529  1.00 40.08 ? 97  ASP A OD2 1 
ATOM   446  N N   . VAL A 1 110 ? -17.014 3.380   -1.877  1.00 17.75 ? 98  VAL A N   1 
ATOM   447  C CA  . VAL A 1 110 ? -16.306 2.768   -0.753  1.00 15.80 ? 98  VAL A CA  1 
ATOM   448  C C   . VAL A 1 110 ? -16.960 1.439   -0.370  1.00 16.10 ? 98  VAL A C   1 
ATOM   449  O O   . VAL A 1 110 ? -18.155 1.405   -0.067  1.00 15.37 ? 98  VAL A O   1 
ATOM   450  C CB  . VAL A 1 110 ? -16.274 3.739   0.467   1.00 17.30 ? 98  VAL A CB  1 
ATOM   451  C CG1 . VAL A 1 110 ? -15.637 3.109   1.676   1.00 17.70 ? 98  VAL A CG1 1 
ATOM   452  C CG2 . VAL A 1 110 ? -15.538 5.014   0.078   1.00 17.17 ? 98  VAL A CG2 1 
ATOM   453  N N   . LEU A 1 111 ? -16.172 0.359   -0.405  1.00 14.29 ? 99  LEU A N   1 
ATOM   454  C CA  . LEU A 1 111 ? -16.546 -0.924  0.162   1.00 14.96 ? 99  LEU A CA  1 
ATOM   455  C C   . LEU A 1 111 ? -15.837 -1.116  1.475   1.00 14.84 ? 99  LEU A C   1 
ATOM   456  O O   . LEU A 1 111 ? -14.631 -0.952  1.581   1.00 15.44 ? 99  LEU A O   1 
ATOM   457  C CB  . LEU A 1 111 ? -16.148 -2.100  -0.742  1.00 13.72 ? 99  LEU A CB  1 
ATOM   458  C CG  . LEU A 1 111 ? -16.706 -2.140  -2.159  1.00 20.04 ? 99  LEU A CG  1 
ATOM   459  C CD1 . LEU A 1 111 ? -15.977 -3.188  -3.000  1.00 20.32 ? 99  LEU A CD1 1 
ATOM   460  C CD2 . LEU A 1 111 ? -18.191 -2.403  -2.112  1.00 20.34 ? 99  LEU A CD2 1 
ATOM   461  N N   . ARG A 1 112 ? -16.594 -1.527  2.474   1.00 14.95 ? 100 ARG A N   1 
ATOM   462  C CA  . ARG A 1 112 ? -16.047 -1.806  3.775   1.00 14.33 ? 100 ARG A CA  1 
ATOM   463  C C   . ARG A 1 112 ? -16.069 -3.307  3.986   1.00 16.57 ? 100 ARG A C   1 
ATOM   464  O O   . ARG A 1 112 ? -16.880 -4.026  3.386   1.00 16.70 ? 100 ARG A O   1 
ATOM   465  C CB  . ARG A 1 112 ? -16.839 -1.084  4.862   1.00 15.79 ? 100 ARG A CB  1 
ATOM   466  C CG  . ARG A 1 112 ? -16.800 0.435   4.742   1.00 16.81 ? 100 ARG A CG  1 
ATOM   467  C CD  . ARG A 1 112 ? -15.392 0.958   4.912   1.00 17.57 ? 100 ARG A CD  1 
ATOM   468  N NE  . ARG A 1 112 ? -15.413 2.391   5.094   1.00 18.18 ? 100 ARG A NE  1 
ATOM   469  C CZ  . ARG A 1 112 ? -14.397 3.114   5.550   1.00 23.94 ? 100 ARG A CZ  1 
ATOM   470  N NH1 . ARG A 1 112 ? -13.235 2.541   5.835   1.00 19.52 ? 100 ARG A NH1 1 
ATOM   471  N NH2 . ARG A 1 112 ? -14.543 4.424   5.691   1.00 21.52 ? 100 ARG A NH2 1 
ATOM   472  N N   . ASP A 1 113 ? -15.139 -3.764  4.817   1.00 18.93 ? 101 ASP A N   1 
ATOM   473  C CA  . ASP A 1 113 ? -14.917 -5.173  5.056   1.00 20.78 ? 101 ASP A CA  1 
ATOM   474  C C   . ASP A 1 113 ? -15.540 -5.631  6.363   1.00 21.54 ? 101 ASP A C   1 
ATOM   475  O O   . ASP A 1 113 ? -15.089 -6.605  6.946   1.00 18.91 ? 101 ASP A O   1 
ATOM   476  C CB  . ASP A 1 113 ? -13.420 -5.466  5.095   1.00 21.44 ? 101 ASP A CB  1 
ATOM   477  C CG  . ASP A 1 113 ? -13.133 -6.930  4.949   1.00 24.85 ? 101 ASP A CG  1 
ATOM   478  O OD1 . ASP A 1 113 ? -13.837 -7.572  4.141   1.00 21.92 ? 101 ASP A OD1 1 
ATOM   479  O OD2 . ASP A 1 113 ? -12.213 -7.427  5.643   1.00 23.20 ? 101 ASP A OD2 1 
ATOM   480  N N   . GLU A 1 114 ? -16.558 -4.903  6.815   1.00 21.13 ? 102 GLU A N   1 
ATOM   481  C CA  . GLU A 1 114 ? -17.357 -5.294  7.963   1.00 24.69 ? 102 GLU A CA  1 
ATOM   482  C C   . GLU A 1 114 ? -18.821 -5.211  7.529   1.00 22.72 ? 102 GLU A C   1 
ATOM   483  O O   . GLU A 1 114 ? -19.322 -4.112  7.276   1.00 22.24 ? 102 GLU A O   1 
ATOM   484  C CB  . GLU A 1 114 ? -17.072 -4.349  9.149   1.00 27.02 ? 102 GLU A CB  1 
ATOM   485  C CG  . GLU A 1 114 ? -15.627 -4.389  9.705   1.00 35.68 ? 102 GLU A CG  1 
ATOM   486  C CD  . GLU A 1 114 ? -14.602 -3.544  8.925   1.00 43.72 ? 102 GLU A CD  1 
ATOM   487  O OE1 . GLU A 1 114 ? -14.958 -2.472  8.367   1.00 56.76 ? 102 GLU A OE1 1 
ATOM   488  O OE2 . GLU A 1 114 ? -13.417 -3.948  8.893   1.00 51.28 ? 102 GLU A OE2 1 
ATOM   489  N N   . PRO A 1 115 ? -19.514 -6.368  7.374   1.00 20.90 ? 103 PRO A N   1 
ATOM   490  C CA  . PRO A 1 115 ? -19.012 -7.739  7.540   1.00 20.45 ? 103 PRO A CA  1 
ATOM   491  C C   . PRO A 1 115 ? -18.039 -8.101  6.417   1.00 19.54 ? 103 PRO A C   1 
ATOM   492  O O   . PRO A 1 115 ? -18.006 -7.410  5.390   1.00 16.88 ? 103 PRO A O   1 
ATOM   493  C CB  . PRO A 1 115 ? -20.279 -8.588  7.478   1.00 20.43 ? 103 PRO A CB  1 
ATOM   494  C CG  . PRO A 1 115 ? -21.243 -7.770  6.655   1.00 21.73 ? 103 PRO A CG  1 
ATOM   495  C CD  . PRO A 1 115 ? -20.929 -6.343  6.968   1.00 19.67 ? 103 PRO A CD  1 
ATOM   496  N N   . PRO A 1 116 ? -17.278 -9.193  6.582   1.00 19.49 ? 104 PRO A N   1 
ATOM   497  C CA  . PRO A 1 116 ? -16.212 -9.461  5.643   1.00 19.59 ? 104 PRO A CA  1 
ATOM   498  C C   . PRO A 1 116 ? -16.727 -9.632  4.225   1.00 20.62 ? 104 PRO A C   1 
ATOM   499  O O   . PRO A 1 116 ? -17.759 -10.279 4.009   1.00 22.48 ? 104 PRO A O   1 
ATOM   500  C CB  . PRO A 1 116 ? -15.584 -10.762 6.165   1.00 20.46 ? 104 PRO A CB  1 
ATOM   501  C CG  . PRO A 1 116 ? -15.994 -10.849 7.555   1.00 20.47 ? 104 PRO A CG  1 
ATOM   502  C CD  . PRO A 1 116 ? -17.367 -10.242 7.611   1.00 20.14 ? 104 PRO A CD  1 
ATOM   503  N N   . LEU A 1 117 ? -16.043 -9.002  3.278   1.00 19.96 ? 105 LEU A N   1 
ATOM   504  C CA  . LEU A 1 117 ? -16.412 -9.110  1.880   1.00 20.94 ? 105 LEU A CA  1 
ATOM   505  C C   . LEU A 1 117 ? -16.143 -10.528 1.384   1.00 19.17 ? 105 LEU A C   1 
ATOM   506  O O   . LEU A 1 117 ? -15.098 -11.088 1.661   1.00 18.79 ? 105 LEU A O   1 
ATOM   507  C CB  . LEU A 1 117 ? -15.597 -8.117  1.050   1.00 20.05 ? 105 LEU A CB  1 
ATOM   508  C CG  . LEU A 1 117 ? -15.836 -6.630  1.375   1.00 17.08 ? 105 LEU A CG  1 
ATOM   509  C CD1 . LEU A 1 117 ? -14.720 -5.815  0.886   1.00 17.61 ? 105 LEU A CD1 1 
ATOM   510  C CD2 . LEU A 1 117 ? -17.144 -6.146  0.765   1.00 19.06 ? 105 LEU A CD2 1 
ATOM   511  N N   . SER A 1 118 ? -17.065 -11.087 0.614   1.00 20.05 ? 106 SER A N   1 
ATOM   512  C CA  . SER A 1 118 ? -16.839 -12.403 0.019   1.00 20.24 ? 106 SER A CA  1 
ATOM   513  C C   . SER A 1 118 ? -15.730 -12.341 -1.032  1.00 21.84 ? 106 SER A C   1 
ATOM   514  O O   . SER A 1 118 ? -15.409 -11.267 -1.528  1.00 20.58 ? 106 SER A O   1 
ATOM   515  C CB  . SER A 1 118 ? -18.110 -12.872 -0.667  1.00 21.59 ? 106 SER A CB  1 
ATOM   516  O OG  . SER A 1 118 ? -18.390 -12.045 -1.779  1.00 20.97 ? 106 SER A OG  1 
ATOM   517  N N   . HIS A 1 119 ? -15.185 -13.497 -1.413  1.00 24.40 ? 107 HIS A N   1 
ATOM   518  C CA  . HIS A 1 119 ? -14.196 -13.547 -2.504  1.00 25.36 ? 107 HIS A CA  1 
ATOM   519  C C   . HIS A 1 119 ? -14.735 -12.849 -3.751  1.00 23.78 ? 107 HIS A C   1 
ATOM   520  O O   . HIS A 1 119 ? -14.022 -12.108 -4.426  1.00 23.47 ? 107 HIS A O   1 
ATOM   521  C CB  . HIS A 1 119 ? -13.850 -14.993 -2.876  1.00 27.00 ? 107 HIS A CB  1 
ATOM   522  C CG  . HIS A 1 119 ? -13.217 -15.774 -1.765  1.00 32.21 ? 107 HIS A CG  1 
ATOM   523  N ND1 . HIS A 1 119 ? -13.406 -17.133 -1.601  1.00 37.10 ? 107 HIS A ND1 1 
ATOM   524  C CD2 . HIS A 1 119 ? -12.412 -15.382 -0.747  1.00 31.83 ? 107 HIS A CD2 1 
ATOM   525  C CE1 . HIS A 1 119 ? -12.742 -17.543 -0.535  1.00 39.07 ? 107 HIS A CE1 1 
ATOM   526  N NE2 . HIS A 1 119 ? -12.130 -16.500 0.002   1.00 39.80 ? 107 HIS A NE2 1 
ATOM   527  N N   . ALA A 1 120 ? -16.001 -13.082 -4.051  1.00 23.77 ? 108 ALA A N   1 
ATOM   528  C CA  . ALA A 1 120 ? -16.622 -12.506 -5.246  1.00 22.45 ? 108 ALA A CA  1 
ATOM   529  C C   . ALA A 1 120 ? -16.721 -10.987 -5.135  1.00 21.74 ? 108 ALA A C   1 
ATOM   530  O O   . ALA A 1 120 ? -16.453 -10.282 -6.095  1.00 22.26 ? 108 ALA A O   1 
ATOM   531  C CB  . ALA A 1 120 ? -17.982 -13.111 -5.462  1.00 23.52 ? 108 ALA A CB  1 
ATOM   532  N N   . GLU A 1 121 ? -17.101 -10.492 -3.958  1.00 21.62 ? 109 GLU A N   1 
ATOM   533  C CA  . GLU A 1 121 ? -17.124 -9.046  -3.702  1.00 23.40 ? 109 GLU A CA  1 
ATOM   534  C C   . GLU A 1 121 ? -15.727 -8.451  -3.843  1.00 18.93 ? 109 GLU A C   1 
ATOM   535  O O   . GLU A 1 121 ? -15.543 -7.375  -4.421  1.00 21.51 ? 109 GLU A O   1 
ATOM   536  C CB  . GLU A 1 121 ? -17.714 -8.736  -2.321  1.00 21.34 ? 109 GLU A CB  1 
ATOM   537  C CG  . GLU A 1 121 ? -19.252 -8.787  -2.322  1.00 27.48 ? 109 GLU A CG  1 
ATOM   538  C CD  . GLU A 1 121 ? -19.895 -8.997  -0.947  1.00 27.37 ? 109 GLU A CD  1 
ATOM   539  O OE1 . GLU A 1 121 ? -19.252 -9.518  -0.009  1.00 24.86 ? 109 GLU A OE1 1 
ATOM   540  O OE2 . GLU A 1 121 ? -21.097 -8.673  -0.815  1.00 34.17 ? 109 GLU A OE2 1 
ATOM   541  N N   . LEU A 1 122 ? -14.734 -9.136  -3.296  1.00 17.37 ? 110 LEU A N   1 
ATOM   542  C CA  . LEU A 1 122 ? -13.343 -8.674  -3.447  1.00 18.54 ? 110 LEU A CA  1 
ATOM   543  C C   . LEU A 1 122 ? -12.878 -8.703  -4.897  1.00 20.41 ? 110 LEU A C   1 
ATOM   544  O O   . LEU A 1 122 ? -12.165 -7.813  -5.353  1.00 20.48 ? 110 LEU A O   1 
ATOM   545  C CB  . LEU A 1 122 ? -12.409 -9.537  -2.619  1.00 17.58 ? 110 LEU A CB  1 
ATOM   546  C CG  . LEU A 1 122 ? -12.646 -9.367  -1.128  1.00 21.15 ? 110 LEU A CG  1 
ATOM   547  C CD1 . LEU A 1 122 ? -11.865 -10.399 -0.385  1.00 23.16 ? 110 LEU A CD1 1 
ATOM   548  C CD2 . LEU A 1 122 ? -12.253 -7.958  -0.716  1.00 21.91 ? 110 LEU A CD2 1 
ATOM   549  N N   . ASP A 1 123 ? -13.275 -9.745  -5.615  1.00 23.43 ? 111 ASP A N   1 
ATOM   550  C CA  . ASP A 1 123 ? -12.875 -9.879  -7.010  1.00 23.50 ? 111 ASP A CA  1 
ATOM   551  C C   . ASP A 1 123 ? -13.551 -8.817  -7.879  1.00 24.54 ? 111 ASP A C   1 
ATOM   552  O O   . ASP A 1 123 ? -12.970 -8.358  -8.863  1.00 25.22 ? 111 ASP A O   1 
ATOM   553  C CB  . ASP A 1 123 ? -13.191 -11.286 -7.515  1.00 26.28 ? 111 ASP A CB  1 
ATOM   554  C CG  . ASP A 1 123 ? -12.642 -11.537 -8.887  1.00 30.29 ? 111 ASP A CG  1 
ATOM   555  O OD1 . ASP A 1 123 ? -11.426 -11.351 -9.072  1.00 33.11 ? 111 ASP A OD1 1 
ATOM   556  O OD2 . ASP A 1 123 ? -13.423 -11.903 -9.786  1.00 35.63 ? 111 ASP A OD2 1 
ATOM   557  N N   . ARG A 1 124 ? -14.757 -8.398  -7.499  1.00 23.52 ? 112 ARG A N   1 
ATOM   558  C CA  . ARG A 1 124 ? -15.503 -7.410  -8.278  1.00 24.96 ? 112 ARG A CA  1 
ATOM   559  C C   . ARG A 1 124 ? -15.124 -5.956  -7.961  1.00 23.13 ? 112 ARG A C   1 
ATOM   560  O O   . ARG A 1 124 ? -15.411 -5.054  -8.745  1.00 23.09 ? 112 ARG A O   1 
ATOM   561  C CB  . ARG A 1 124 ? -17.002 -7.637  -8.100  1.00 24.38 ? 112 ARG A CB  1 
ATOM   562  C CG  . ARG A 1 124 ? -17.496 -8.845  -8.914  1.00 28.86 ? 112 ARG A CG  1 
ATOM   563  C CD  . ARG A 1 124 ? -18.865 -9.368  -8.454  1.00 31.68 ? 112 ARG A CD  1 
ATOM   564  N N   . ALA A 1 125 ? -14.469 -5.746  -6.826  1.00 18.63 ? 113 ALA A N   1 
ATOM   565  C CA  . ALA A 1 125 ? -14.010 -4.429  -6.427  1.00 17.36 ? 113 ALA A CA  1 
ATOM   566  C C   . ALA A 1 125 ? -12.997 -3.948  -7.460  1.00 18.64 ? 113 ALA A C   1 
ATOM   567  O O   . ALA A 1 125 ? -12.304 -4.760  -8.081  1.00 22.08 ? 113 ALA A O   1 
ATOM   568  C CB  . ALA A 1 125 ? -13.380 -4.502  -5.030  1.00 16.93 ? 113 ALA A CB  1 
ATOM   569  N N   . ASP A 1 126 ? -12.911 -2.639  -7.657  1.00 19.38 ? 114 ASP A N   1 
ATOM   570  C CA  . ASP A 1 126 ? -11.966 -2.085  -8.628  1.00 19.94 ? 114 ASP A CA  1 
ATOM   571  C C   . ASP A 1 126 ? -10.574 -1.980  -8.036  1.00 21.95 ? 114 ASP A C   1 
ATOM   572  O O   . ASP A 1 126 ? -9.579  -2.143  -8.739  1.00 21.36 ? 114 ASP A O   1 
ATOM   573  C CB  . ASP A 1 126 ? -12.435 -0.714  -9.123  1.00 19.85 ? 114 ASP A CB  1 
ATOM   574  C CG  . ASP A 1 126 ? -13.686 -0.795  -9.980  1.00 20.44 ? 114 ASP A CG  1 
ATOM   575  O OD1 . ASP A 1 126 ? -13.815 -1.762  -10.759 1.00 21.01 ? 114 ASP A OD1 1 
ATOM   576  O OD2 . ASP A 1 126 ? -14.539 0.126   -9.900  1.00 19.90 ? 114 ASP A OD2 1 
ATOM   577  N N   . ALA A 1 127 ? -10.504 -1.721  -6.732  1.00 18.79 ? 115 ALA A N   1 
ATOM   578  C CA  . ALA A 1 127 ? -9.241  -1.464  -6.084  1.00 16.06 ? 115 ALA A CA  1 
ATOM   579  C C   . ALA A 1 127 ? -9.375  -1.700  -4.585  1.00 16.72 ? 115 ALA A C   1 
ATOM   580  O O   . ALA A 1 127 ? -10.478 -1.767  -4.039  1.00 16.40 ? 115 ALA A O   1 
ATOM   581  C CB  . ALA A 1 127 ? -8.796  -0.018  -6.344  1.00 16.83 ? 115 ALA A CB  1 
ATOM   582  N N   . VAL A 1 128 ? -8.228  -1.829  -3.943  1.00 17.80 ? 116 VAL A N   1 
ATOM   583  C CA  . VAL A 1 128 ? -8.123  -1.789  -2.505  1.00 15.81 ? 116 VAL A CA  1 
ATOM   584  C C   . VAL A 1 128 ? -7.127  -0.684  -2.173  1.00 16.20 ? 116 VAL A C   1 
ATOM   585  O O   . VAL A 1 128 ? -6.118  -0.509  -2.858  1.00 15.21 ? 116 VAL A O   1 
ATOM   586  C CB  . VAL A 1 128 ? -7.661  -3.148  -1.928  1.00 16.23 ? 116 VAL A CB  1 
ATOM   587  C CG1 . VAL A 1 128 ? -6.285  -3.612  -2.515  1.00 15.48 ? 116 VAL A CG1 1 
ATOM   588  C CG2 . VAL A 1 128 ? -7.635  -3.094  -0.408  1.00 16.58 ? 116 VAL A CG2 1 
ATOM   589  N N   . LEU A 1 129 ? -7.425  0.033   -1.099  1.00 16.94 ? 117 LEU A N   1 
ATOM   590  C CA  . LEU A 1 129 ? -6.618  1.143   -0.637  1.00 16.70 ? 117 LEU A CA  1 
ATOM   591  C C   . LEU A 1 129 ? -6.057  0.753   0.715   1.00 16.70 ? 117 LEU A C   1 
ATOM   592  O O   . LEU A 1 129 ? -6.813  0.362   1.601   1.00 16.78 ? 117 LEU A O   1 
ATOM   593  C CB  . LEU A 1 129 ? -7.488  2.395   -0.496  1.00 16.04 ? 117 LEU A CB  1 
ATOM   594  C CG  . LEU A 1 129 ? -6.833  3.589   0.199   1.00 20.43 ? 117 LEU A CG  1 
ATOM   595  C CD1 . LEU A 1 129 ? -5.680  4.109   -0.642  1.00 21.21 ? 117 LEU A CD1 1 
ATOM   596  C CD2 . LEU A 1 129 ? -7.817  4.675   0.477   1.00 18.55 ? 117 LEU A CD2 1 
ATOM   597  N N   . THR A 1 130 ? -4.733  0.803   0.867   1.00 16.95 ? 118 THR A N   1 
ATOM   598  C CA  . THR A 1 130 ? -4.123  0.477   2.151   1.00 18.48 ? 118 THR A CA  1 
ATOM   599  C C   . THR A 1 130 ? -2.976  1.397   2.487   1.00 17.17 ? 118 THR A C   1 
ATOM   600  O O   . THR A 1 130 ? -2.381  2.032   1.616   1.00 17.25 ? 118 THR A O   1 
ATOM   601  C CB  . THR A 1 130 ? -3.530  -0.976  2.231   1.00 19.87 ? 118 THR A CB  1 
ATOM   602  O OG1 . THR A 1 130 ? -2.268  -1.031  1.537   1.00 18.04 ? 118 THR A OG1 1 
ATOM   603  C CG2 . THR A 1 130 ? -4.473  -2.006  1.666   1.00 23.17 ? 118 THR A CG2 1 
ATOM   604  N N   . GLY A 1 131 ? -2.668  1.420   3.776   1.00 18.82 ? 119 GLY A N   1 
ATOM   605  C CA  . GLY A 1 131 ? -1.381  1.895   4.259   1.00 19.59 ? 119 GLY A CA  1 
ATOM   606  C C   . GLY A 1 131 ? -0.394  0.743   4.210   1.00 19.27 ? 119 GLY A C   1 
ATOM   607  O O   . GLY A 1 131 ? -0.573  -0.240  3.484   1.00 16.52 ? 119 GLY A O   1 
ATOM   608  N N   . CYS A 1 132 ? 0.664   0.863   4.985   1.00 18.54 ? 120 CYS A N   1 
ATOM   609  C CA  . CYS A 1 132 ? 1.616   -0.234  5.140   1.00 18.19 ? 120 CYS A CA  1 
ATOM   610  C C   . CYS A 1 132 ? 2.293   -0.113  6.478   1.00 17.85 ? 120 CYS A C   1 
ATOM   611  O O   . CYS A 1 132 ? 2.027   0.848   7.227   1.00 20.60 ? 120 CYS A O   1 
ATOM   612  C CB  . CYS A 1 132 ? 2.660   -0.200  4.058   1.00 16.22 ? 120 CYS A CB  1 
ATOM   613  S SG  . CYS A 1 132 ? 3.699   1.273   4.042   1.00 20.06 ? 120 CYS A SG  1 
ATOM   614  N N   . ALA A 1 133 ? 3.151   -1.078  6.782   1.00 19.11 ? 121 ALA A N   1 
ATOM   615  C CA  . ALA A 1 133 ? 3.919   -1.053  8.016   1.00 17.66 ? 121 ALA A CA  1 
ATOM   616  C C   . ALA A 1 133 ? 5.237   -0.310  7.838   1.00 18.51 ? 121 ALA A C   1 
ATOM   617  O O   . ALA A 1 133 ? 5.620   0.529   8.681   1.00 19.29 ? 121 ALA A O   1 
ATOM   618  C CB  . ALA A 1 133 ? 4.169   -2.451  8.527   1.00 17.73 ? 121 ALA A CB  1 
ATOM   619  N N   . VAL A 1 134 ? 5.922   -0.638  6.746   1.00 18.93 ? 122 VAL A N   1 
ATOM   620  C CA  . VAL A 1 134 ? 7.236   -0.074  6.421   1.00 17.25 ? 122 VAL A CA  1 
ATOM   621  C C   . VAL A 1 134 ? 7.537   -0.370  4.962   1.00 17.80 ? 122 VAL A C   1 
ATOM   622  O O   . VAL A 1 134 ? 6.954   -1.284  4.365   1.00 16.23 ? 122 VAL A O   1 
ATOM   623  C CB  . VAL A 1 134 ? 8.352   -0.642  7.346   1.00 21.48 ? 122 VAL A CB  1 
ATOM   624  C CG1 . VAL A 1 134 ? 8.594   -2.123  7.065   1.00 17.97 ? 122 VAL A CG1 1 
ATOM   625  C CG2 . VAL A 1 134 ? 9.639   0.199   7.233   1.00 19.39 ? 122 VAL A CG2 1 
ATOM   626  N N   . ALA A 1 135 ? 8.417   0.432   4.366   1.00 16.10 ? 123 ALA A N   1 
ATOM   627  C CA  . ALA A 1 135 ? 8.883   0.155   3.023   1.00 16.06 ? 123 ALA A CA  1 
ATOM   628  C C   . ALA A 1 135 ? 10.390  0.222   3.035   1.00 13.97 ? 123 ALA A C   1 
ATOM   629  O O   . ALA A 1 135 ? 10.975  0.948   3.821   1.00 17.20 ? 123 ALA A O   1 
ATOM   630  C CB  . ALA A 1 135 ? 8.346   1.161   2.020   1.00 15.66 ? 123 ALA A CB  1 
ATOM   631  N N   . ILE A 1 136 ? 10.995  -0.558  2.155   1.00 16.23 ? 124 ILE A N   1 
ATOM   632  C CA  . ILE A 1 136 ? 12.443  -0.653  2.070   1.00 17.10 ? 124 ILE A CA  1 
ATOM   633  C C   . ILE A 1 136 ? 12.888  -0.204  0.686   1.00 14.58 ? 124 ILE A C   1 
ATOM   634  O O   . ILE A 1 136 ? 12.479  -0.759  -0.353  1.00 16.36 ? 124 ILE A O   1 
ATOM   635  C CB  . ILE A 1 136 ? 12.908  -2.085  2.329   1.00 15.05 ? 124 ILE A CB  1 
ATOM   636  C CG1 . ILE A 1 136 ? 12.448  -2.570  3.703   1.00 21.31 ? 124 ILE A CG1 1 
ATOM   637  C CG2 . ILE A 1 136 ? 14.415  -2.169  2.212   1.00 14.20 ? 124 ILE A CG2 1 
ATOM   638  C CD1 . ILE A 1 136 ? 12.300  -4.071  3.754   1.00 15.50 ? 124 ILE A CD1 1 
ATOM   639  N N   . SER A 1 137 ? 13.742  0.811   0.674   1.00 17.92 ? 125 SER A N   1 
ATOM   640  C CA  . SER A 1 137 ? 14.167  1.404   -0.577  1.00 17.53 ? 125 SER A CA  1 
ATOM   641  C C   . SER A 1 137 ? 15.027  0.477   -1.420  1.00 18.60 ? 125 SER A C   1 
ATOM   642  O O   . SER A 1 137 ? 14.846  0.407   -2.625  1.00 19.81 ? 125 SER A O   1 
ATOM   643  C CB  . SER A 1 137 ? 14.872  2.735   -0.345  1.00 18.53 ? 125 SER A CB  1 
ATOM   644  O OG  . SER A 1 137 ? 16.173  2.599   0.191   1.00 18.06 ? 125 SER A OG  1 
ATOM   645  N N   A GLU A 1 138 ? 15.950  -0.250  -0.789  0.50 18.37 ? 126 GLU A N   1 
ATOM   646  N N   B GLU A 1 138 ? 15.943  -0.251  -0.787  0.50 18.75 ? 126 GLU A N   1 
ATOM   647  C CA  A GLU A 1 138 ? 16.942  -1.027  -1.555  0.50 17.61 ? 126 GLU A CA  1 
ATOM   648  C CA  B GLU A 1 138 ? 16.937  -1.036  -1.537  0.50 18.45 ? 126 GLU A CA  1 
ATOM   649  C C   A GLU A 1 138 ? 16.319  -2.100  -2.436  0.50 18.84 ? 126 GLU A C   1 
ATOM   650  C C   B GLU A 1 138 ? 16.339  -2.127  -2.409  0.50 19.32 ? 126 GLU A C   1 
ATOM   651  O O   A GLU A 1 138 ? 16.818  -2.380  -3.527  0.50 17.18 ? 126 GLU A O   1 
ATOM   652  O O   B GLU A 1 138 ? 16.886  -2.454  -3.465  0.50 18.06 ? 126 GLU A O   1 
ATOM   653  C CB  A GLU A 1 138 ? 18.039  -1.621  -0.646  0.50 17.84 ? 126 GLU A CB  1 
ATOM   654  C CB  B GLU A 1 138 ? 18.006  -1.605  -0.593  0.50 18.61 ? 126 GLU A CB  1 
ATOM   655  C CG  A GLU A 1 138 ? 17.609  -2.712  0.324   0.50 16.44 ? 126 GLU A CG  1 
ATOM   656  C CG  B GLU A 1 138 ? 19.042  -0.546  -0.234  0.50 18.66 ? 126 GLU A CG  1 
ATOM   657  C CD  A GLU A 1 138 ? 18.781  -3.345  1.068   0.50 17.65 ? 126 GLU A CD  1 
ATOM   658  C CD  B GLU A 1 138 ? 20.210  -1.057  0.585   0.50 19.56 ? 126 GLU A CD  1 
ATOM   659  O OE1 A GLU A 1 138 ? 19.924  -3.238  0.582   0.50 26.81 ? 126 GLU A OE1 1 
ATOM   660  O OE1 B GLU A 1 138 ? 20.042  -2.039  1.337   0.50 25.50 ? 126 GLU A OE1 1 
ATOM   661  O OE2 A GLU A 1 138 ? 18.569  -3.958  2.135   0.50 16.05 ? 126 GLU A OE2 1 
ATOM   662  O OE2 B GLU A 1 138 ? 21.299  -0.442  0.490   0.50 24.09 ? 126 GLU A OE2 1 
ATOM   663  N N   . THR A 1 139 ? 15.208  -2.673  -1.974  1.00 19.18 ? 127 THR A N   1 
ATOM   664  C CA  . THR A 1 139 ? 14.530  -3.741  -2.695  1.00 19.09 ? 127 THR A CA  1 
ATOM   665  C C   . THR A 1 139 ? 13.158  -3.336  -3.200  1.00 18.37 ? 127 THR A C   1 
ATOM   666  O O   . THR A 1 139 ? 12.478  -4.137  -3.807  1.00 20.50 ? 127 THR A O   1 
ATOM   667  C CB  . THR A 1 139 ? 14.432  -4.991  -1.817  1.00 18.63 ? 127 THR A CB  1 
ATOM   668  O OG1 . THR A 1 139 ? 13.820  -4.664  -0.573  1.00 19.18 ? 127 THR A OG1 1 
ATOM   669  C CG2 . THR A 1 139 ? 15.801  -5.558  -1.566  1.00 23.56 ? 127 THR A CG2 1 
ATOM   670  N N   . GLY A 1 140 ? 12.747  -2.091  -2.967  1.00 19.87 ? 128 GLY A N   1 
ATOM   671  C CA  . GLY A 1 140 ? 11.422  -1.648  -3.390  1.00 19.89 ? 128 GLY A CA  1 
ATOM   672  C C   . GLY A 1 140 ? 10.357  -2.504  -2.749  1.00 19.86 ? 128 GLY A C   1 
ATOM   673  O O   . GLY A 1 140 ? 9.409   -2.961  -3.415  1.00 20.04 ? 128 GLY A O   1 
ATOM   674  N N   . THR A 1 141 ? 10.534  -2.773  -1.461  1.00 18.30 ? 129 THR A N   1 
ATOM   675  C CA  . THR A 1 141 ? 9.615   -3.645  -0.715  1.00 17.25 ? 129 THR A CA  1 
ATOM   676  C C   . THR A 1 141 ? 8.638   -2.865  0.104   1.00 17.80 ? 129 THR A C   1 
ATOM   677  O O   . THR A 1 141 ? 9.013   -1.909  0.778   1.00 18.80 ? 129 THR A O   1 
ATOM   678  C CB  . THR A 1 141 ? 10.385  -4.544  0.274   1.00 17.56 ? 129 THR A CB  1 
ATOM   679  O OG1 . THR A 1 141 ? 11.277  -5.382  -0.453  1.00 16.89 ? 129 THR A OG1 1 
ATOM   680  C CG2 . THR A 1 141 ? 9.427   -5.423  1.116   1.00 19.81 ? 129 THR A CG2 1 
ATOM   681  N N   . ILE A 1 142 ? 7.388   -3.302  0.078   1.00 17.31 ? 130 ILE A N   1 
ATOM   682  C CA  . ILE A 1 142 ? 6.420   -2.765  0.965   1.00 17.70 ? 130 ILE A CA  1 
ATOM   683  C C   . ILE A 1 142 ? 5.992   -3.929  1.848   1.00 14.92 ? 130 ILE A C   1 
ATOM   684  O O   . ILE A 1 142 ? 5.625   -5.013  1.368   1.00 16.20 ? 130 ILE A O   1 
ATOM   685  C CB  . ILE A 1 142 ? 5.240   -2.148  0.227   1.00 19.67 ? 130 ILE A CB  1 
ATOM   686  C CG1 . ILE A 1 142 ? 5.686   -0.905  -0.555  1.00 19.82 ? 130 ILE A CG1 1 
ATOM   687  C CG2 . ILE A 1 142 ? 4.166   -1.787  1.220   1.00 22.13 ? 130 ILE A CG2 1 
ATOM   688  C CD1 . ILE A 1 142 ? 4.693   -0.441  -1.593  1.00 23.27 ? 130 ILE A CD1 1 
ATOM   689  N N   . ILE A 1 143 ? 6.070   -3.702  3.148   1.00 15.68 ? 131 ILE A N   1 
ATOM   690  C CA  . ILE A 1 143 ? 5.608   -4.693  4.107   1.00 14.77 ? 131 ILE A CA  1 
ATOM   691  C C   . ILE A 1 143 ? 4.288   -4.250  4.724   1.00 17.10 ? 131 ILE A C   1 
ATOM   692  O O   . ILE A 1 143 ? 4.164   -3.129  5.236   1.00 18.19 ? 131 ILE A O   1 
ATOM   693  C CB  . ILE A 1 143 ? 6.602   -4.910  5.239   1.00 15.89 ? 131 ILE A CB  1 
ATOM   694  C CG1 . ILE A 1 143 ? 7.965   -5.353  4.690   1.00 18.45 ? 131 ILE A CG1 1 
ATOM   695  C CG2 . ILE A 1 143 ? 6.026   -5.959  6.252   1.00 18.15 ? 131 ILE A CG2 1 
ATOM   696  C CD1 . ILE A 1 143 ? 9.104   -5.377  5.726   1.00 18.66 ? 131 ILE A CD1 1 
ATOM   697  N N   . LEU A 1 144 ? 3.323   -5.149  4.656   1.00 18.74 ? 132 LEU A N   1 
ATOM   698  C CA  . LEU A 1 144 ? 2.075   -5.018  5.349   1.00 18.98 ? 132 LEU A CA  1 
ATOM   699  C C   . LEU A 1 144 ? 2.083   -5.901  6.568   1.00 18.10 ? 132 LEU A C   1 
ATOM   700  O O   . LEU A 1 144 ? 2.471   -7.074  6.491   1.00 16.27 ? 132 LEU A O   1 
ATOM   701  C CB  . LEU A 1 144 ? 0.929   -5.480  4.465   1.00 18.28 ? 132 LEU A CB  1 
ATOM   702  C CG  . LEU A 1 144 ? 0.809   -4.906  3.052   1.00 23.92 ? 132 LEU A CG  1 
ATOM   703  C CD1 . LEU A 1 144 ? -0.565  -5.316  2.517   1.00 24.53 ? 132 LEU A CD1 1 
ATOM   704  C CD2 . LEU A 1 144 ? 0.989   -3.394  2.980   1.00 23.24 ? 132 LEU A CD2 1 
ATOM   705  N N   . ASP A 1 145 ? 1.559   -5.364  7.663   1.00 17.27 ? 133 ASP A N   1 
ATOM   706  C CA  . ASP A 1 145 ? 1.328   -6.144  8.874   1.00 16.27 ? 133 ASP A CA  1 
ATOM   707  C C   . ASP A 1 145 ? -0.156  -6.238  9.243   1.00 17.93 ? 133 ASP A C   1 
ATOM   708  O O   . ASP A 1 145 ? -0.485  -6.734  10.307  1.00 16.79 ? 133 ASP A O   1 
ATOM   709  C CB  . ASP A 1 145 ? 2.186   -5.654  10.057  1.00 16.05 ? 133 ASP A CB  1 
ATOM   710  C CG  . ASP A 1 145 ? 1.786   -4.272  10.569  1.00 19.33 ? 133 ASP A CG  1 
ATOM   711  O OD1 . ASP A 1 145 ? 0.884   -3.636  9.996   1.00 17.76 ? 133 ASP A OD1 1 
ATOM   712  O OD2 . ASP A 1 145 ? 2.419   -3.816  11.533  1.00 22.17 ? 133 ASP A OD2 1 
ATOM   713  N N   . HIS A 1 146 ? -1.026  -5.766  8.355   1.00 19.10 ? 134 HIS A N   1 
ATOM   714  C CA  . HIS A 1 146 ? -2.457  -6.073  8.390   1.00 17.27 ? 134 HIS A CA  1 
ATOM   715  C C   . HIS A 1 146 ? -3.159  -5.515  9.602   1.00 17.20 ? 134 HIS A C   1 
ATOM   716  O O   . HIS A 1 146 ? -4.109  -6.086  10.100  1.00 18.08 ? 134 HIS A O   1 
ATOM   717  C CB  . HIS A 1 146 ? -2.616  -7.581  8.174   1.00 15.84 ? 134 HIS A CB  1 
ATOM   718  C CG  . HIS A 1 146 ? -2.036  -8.009  6.867   1.00 16.87 ? 134 HIS A CG  1 
ATOM   719  N ND1 . HIS A 1 146 ? -2.603  -7.640  5.665   1.00 16.53 ? 134 HIS A ND1 1 
ATOM   720  C CD2 . HIS A 1 146 ? -0.891  -8.663  6.560   1.00 20.29 ? 134 HIS A CD2 1 
ATOM   721  C CE1 . HIS A 1 146 ? -1.854  -8.091  4.676   1.00 18.81 ? 134 HIS A CE1 1 
ATOM   722  N NE2 . HIS A 1 146 ? -0.823  -8.732  5.194   1.00 18.62 ? 134 HIS A NE2 1 
ATOM   723  N N   . ARG A 1 147 ? -2.633  -4.384  10.061  1.00 16.14 ? 135 ARG A N   1 
ATOM   724  C CA  . ARG A 1 147 ? -3.284  -3.562  11.045  1.00 16.11 ? 135 ARG A CA  1 
ATOM   725  C C   . ARG A 1 147 ? -4.495  -2.893  10.393  1.00 17.77 ? 135 ARG A C   1 
ATOM   726  O O   . ARG A 1 147 ? -4.843  -3.175  9.226   1.00 18.04 ? 135 ARG A O   1 
ATOM   727  C CB  . ARG A 1 147 ? -2.276  -2.590  11.625  1.00 17.58 ? 135 ARG A CB  1 
ATOM   728  C CG  . ARG A 1 147 ? -1.296  -3.280  12.569  1.00 19.35 ? 135 ARG A CG  1 
ATOM   729  C CD  . ARG A 1 147 ? -0.175  -2.352  12.927  1.00 21.27 ? 135 ARG A CD  1 
ATOM   730  N NE  . ARG A 1 147 ? 0.903   -3.000  13.661  1.00 21.74 ? 135 ARG A NE  1 
ATOM   731  C CZ  . ARG A 1 147 ? 0.916   -3.224  14.973  1.00 24.55 ? 135 ARG A CZ  1 
ATOM   732  N NH1 . ARG A 1 147 ? -0.111  -2.880  15.737  1.00 25.60 ? 135 ARG A NH1 1 
ATOM   733  N NH2 . ARG A 1 147 ? 1.963   -3.831  15.528  1.00 23.27 ? 135 ARG A NH2 1 
ATOM   734  N N   . ALA A 1 148 ? -5.163  -2.036  11.139  1.00 17.71 ? 136 ALA A N   1 
ATOM   735  C CA  . ALA A 1 148 ? -6.502  -1.580  10.748  1.00 17.69 ? 136 ALA A CA  1 
ATOM   736  C C   . ALA A 1 148 ? -6.507  -0.806  9.431   1.00 17.18 ? 136 ALA A C   1 
ATOM   737  O O   . ALA A 1 148 ? -7.505  -0.843  8.720   1.00 18.62 ? 136 ALA A O   1 
ATOM   738  C CB  . ALA A 1 148 ? -7.105  -0.725  11.860  1.00 18.85 ? 136 ALA A CB  1 
ATOM   739  N N   . ASP A 1 149 ? -5.409  -0.111  9.113   1.00 16.96 ? 137 ASP A N   1 
ATOM   740  C CA  . ASP A 1 149 ? -5.305  0.662   7.864   1.00 17.21 ? 137 ASP A CA  1 
ATOM   741  C C   . ASP A 1 149 ? -4.879  -0.188  6.658   1.00 17.38 ? 137 ASP A C   1 
ATOM   742  O O   . ASP A 1 149 ? -4.685  0.333   5.580   1.00 16.77 ? 137 ASP A O   1 
ATOM   743  C CB  . ASP A 1 149 ? -4.367  1.868   8.014   1.00 17.35 ? 137 ASP A CB  1 
ATOM   744  C CG  . ASP A 1 149 ? -2.898  1.467   8.269   1.00 23.86 ? 137 ASP A CG  1 
ATOM   745  O OD1 . ASP A 1 149 ? -2.625  0.309   8.633   1.00 26.63 ? 137 ASP A OD1 1 
ATOM   746  O OD2 . ASP A 1 149 ? -2.014  2.347   8.136   1.00 31.38 ? 137 ASP A OD2 1 
ATOM   747  N N   . GLN A 1 150 ? -4.749  -1.496  6.861   1.00 17.56 ? 138 GLN A N   1 
ATOM   748  C CA  . GLN A 1 150 ? -4.315  -2.414  5.842   1.00 17.07 ? 138 GLN A CA  1 
ATOM   749  C C   . GLN A 1 150 ? -5.289  -3.555  5.621   1.00 18.88 ? 138 GLN A C   1 
ATOM   750  O O   . GLN A 1 150 ? -5.434  -4.065  4.503   1.00 19.47 ? 138 GLN A O   1 
ATOM   751  C CB  . GLN A 1 150 ? -2.972  -2.983  6.258   1.00 16.97 ? 138 GLN A CB  1 
ATOM   752  C CG  . GLN A 1 150 ? -1.883  -1.969  6.219   1.00 19.67 ? 138 GLN A CG  1 
ATOM   753  C CD  . GLN A 1 150 ? -0.753  -2.408  7.069   1.00 21.33 ? 138 GLN A CD  1 
ATOM   754  O OE1 . GLN A 1 150 ? -0.072  -3.361  6.731   1.00 20.68 ? 138 GLN A OE1 1 
ATOM   755  N NE2 . GLN A 1 150 ? -0.579  -1.765  8.203   1.00 17.26 ? 138 GLN A NE2 1 
ATOM   756  N N   . GLY A 1 151 ? -5.947  -3.966  6.693   1.00 17.76 ? 139 GLY A N   1 
ATOM   757  C CA  . GLY A 1 151 ? -6.956  -5.000  6.618   1.00 19.78 ? 139 GLY A CA  1 
ATOM   758  C C   . GLY A 1 151 ? -6.393  -6.388  6.516   1.00 18.32 ? 139 GLY A C   1 
ATOM   759  O O   . GLY A 1 151 ? -5.178  -6.588  6.425   1.00 17.83 ? 139 GLY A O   1 
ATOM   760  N N   . ARG A 1 152 ? -7.290  -7.363  6.510   1.00 17.99 ? 140 ARG A N   1 
ATOM   761  C CA  . ARG A 1 152 ? -6.870  -8.770  6.458   1.00 18.20 ? 140 ARG A CA  1 
ATOM   762  C C   . ARG A 1 152 ? -6.182  -9.096  5.147   1.00 17.85 ? 140 ARG A C   1 
ATOM   763  O O   . ARG A 1 152 ? -6.275  -8.353  4.183   1.00 18.35 ? 140 ARG A O   1 
ATOM   764  C CB  . ARG A 1 152 ? -8.051  -9.706  6.707   1.00 17.88 ? 140 ARG A CB  1 
ATOM   765  C CG  . ARG A 1 152 ? -9.129  -9.645  5.638   1.00 18.83 ? 140 ARG A CG  1 
ATOM   766  C CD  . ARG A 1 152 ? -10.424 -10.254 6.118   1.00 18.33 ? 140 ARG A CD  1 
ATOM   767  N NE  . ARG A 1 152 ? -11.521 -9.904  5.253   1.00 17.90 ? 140 ARG A NE  1 
ATOM   768  C CZ  . ARG A 1 152 ? -12.032 -10.689 4.309   1.00 21.48 ? 140 ARG A CZ  1 
ATOM   769  N NH1 . ARG A 1 152 ? -11.650 -11.958 4.168   1.00 18.92 ? 140 ARG A NH1 1 
ATOM   770  N NH2 . ARG A 1 152 ? -13.005 -10.230 3.557   1.00 18.96 ? 140 ARG A NH2 1 
ATOM   771  N N   . ARG A 1 153 ? -5.513  -10.240 5.124   1.00 18.46 ? 141 ARG A N   1 
ATOM   772  C CA  . ARG A 1 153 ? -4.680  -10.610 3.990   1.00 17.50 ? 141 ARG A CA  1 
ATOM   773  C C   . ARG A 1 153 ? -5.456  -10.666 2.680   1.00 20.16 ? 141 ARG A C   1 
ATOM   774  O O   . ARG A 1 153 ? -4.936  -10.280 1.653   1.00 18.56 ? 141 ARG A O   1 
ATOM   775  C CB  . ARG A 1 153 ? -3.970  -11.919 4.286   1.00 19.68 ? 141 ARG A CB  1 
ATOM   776  C CG  . ARG A 1 153 ? -2.909  -11.753 5.361   1.00 23.05 ? 141 ARG A CG  1 
ATOM   777  C CD  . ARG A 1 153 ? -1.864  -12.818 5.266   1.00 33.70 ? 141 ARG A CD  1 
ATOM   778  N NE  . ARG A 1 153 ? -2.307  -14.028 5.912   1.00 36.51 ? 141 ARG A NE  1 
ATOM   779  C CZ  . ARG A 1 153 ? -2.139  -15.267 5.445   1.00 37.97 ? 141 ARG A CZ  1 
ATOM   780  N NH1 . ARG A 1 153 ? -1.550  -15.519 4.275   1.00 37.32 ? 141 ARG A NH1 1 
ATOM   781  N NH2 . ARG A 1 153 ? -2.592  -16.273 6.176   1.00 42.99 ? 141 ARG A NH2 1 
ATOM   782  N N   . ALA A 1 154 ? -6.712  -11.099 2.733   1.00 17.72 ? 142 ALA A N   1 
ATOM   783  C CA  . ALA A 1 154 ? -7.494  -11.256 1.515   1.00 19.23 ? 142 ALA A CA  1 
ATOM   784  C C   . ALA A 1 154 ? -7.666  -9.947  0.762   1.00 19.53 ? 142 ALA A C   1 
ATOM   785  O O   . ALA A 1 154 ? -7.783  -9.968  -0.447  1.00 19.07 ? 142 ALA A O   1 
ATOM   786  C CB  . ALA A 1 154 ? -8.863  -11.847 1.818   1.00 19.65 ? 142 ALA A CB  1 
ATOM   787  N N   . LEU A 1 155 ? -7.713  -8.828  1.483   1.00 21.45 ? 143 LEU A N   1 
ATOM   788  C CA  . LEU A 1 155 ? -8.038  -7.538  0.877   1.00 22.13 ? 143 LEU A CA  1 
ATOM   789  C C   . LEU A 1 155 ? -6.971  -7.058  -0.084  1.00 23.37 ? 143 LEU A C   1 
ATOM   790  O O   . LEU A 1 155 ? -7.275  -6.323  -1.012  1.00 24.54 ? 143 LEU A O   1 
ATOM   791  C CB  . LEU A 1 155 ? -8.226  -6.472  1.949   1.00 19.75 ? 143 LEU A CB  1 
ATOM   792  C CG  . LEU A 1 155 ? -9.327  -6.643  2.979   1.00 21.76 ? 143 LEU A CG  1 
ATOM   793  C CD1 . LEU A 1 155 ? -9.530  -5.317  3.703   1.00 23.04 ? 143 LEU A CD1 1 
ATOM   794  C CD2 . LEU A 1 155 ? -10.598 -7.105  2.337   1.00 23.46 ? 143 LEU A CD2 1 
ATOM   795  N N   . SER A 1 156 ? -5.728  -7.446  0.146   1.00 21.78 ? 144 SER A N   1 
ATOM   796  C CA  . SER A 1 156 ? -4.629  -7.053  -0.737  1.00 24.06 ? 144 SER A CA  1 
ATOM   797  C C   . SER A 1 156 ? -4.171  -8.218  -1.616  1.00 23.47 ? 144 SER A C   1 
ATOM   798  O O   . SER A 1 156 ? -3.210  -8.097  -2.373  1.00 25.67 ? 144 SER A O   1 
ATOM   799  C CB  . SER A 1 156 ? -3.471  -6.469  0.081   1.00 25.06 ? 144 SER A CB  1 
ATOM   800  O OG  . SER A 1 156 ? -3.174  -7.262  1.227   1.00 27.84 ? 144 SER A OG  1 
ATOM   801  N N   . LEU A 1 157 ? -4.878  -9.337  -1.557  1.00 21.83 ? 145 LEU A N   1 
ATOM   802  C CA  . LEU A 1 157 ? -4.553  -10.454 -2.415  1.00 22.65 ? 145 LEU A CA  1 
ATOM   803  C C   . LEU A 1 157 ? -5.517  -10.623 -3.562  1.00 22.73 ? 145 LEU A C   1 
ATOM   804  O O   . LEU A 1 157 ? -5.107  -10.922 -4.668  1.00 21.93 ? 145 LEU A O   1 
ATOM   805  C CB  . LEU A 1 157 ? -4.527  -11.759 -1.623  1.00 24.20 ? 145 LEU A CB  1 
ATOM   806  C CG  . LEU A 1 157 ? -4.200  -12.957 -2.531  1.00 31.97 ? 145 LEU A CG  1 
ATOM   807  C CD1 . LEU A 1 157 ? -2.746  -12.885 -2.996  1.00 33.81 ? 145 LEU A CD1 1 
ATOM   808  C CD2 . LEU A 1 157 ? -4.484  -14.261 -1.867  1.00 28.91 ? 145 LEU A CD2 1 
ATOM   809  N N   . ILE A 1 158 ? -6.805  -10.491 -3.275  1.00 19.43 ? 146 ILE A N   1 
ATOM   810  C CA  A ILE A 1 158 ? -7.848  -10.814 -4.244  0.50 20.60 ? 146 ILE A CA  1 
ATOM   811  C CA  B ILE A 1 158 ? -7.828  -10.822 -4.257  0.50 19.90 ? 146 ILE A CA  1 
ATOM   812  C C   . ILE A 1 158 ? -8.166  -9.681  -5.233  1.00 18.34 ? 146 ILE A C   1 
ATOM   813  O O   . ILE A 1 158 ? -8.296  -9.930  -6.436  1.00 19.16 ? 146 ILE A O   1 
ATOM   814  C CB  A ILE A 1 158 ? -9.141  -11.277 -3.531  0.50 20.26 ? 146 ILE A CB  1 
ATOM   815  C CB  B ILE A 1 158 ? -9.085  -11.403 -3.575  0.50 18.94 ? 146 ILE A CB  1 
ATOM   816  C CG1 A ILE A 1 158 ? -8.840  -12.440 -2.569  0.50 24.32 ? 146 ILE A CG1 1 
ATOM   817  C CG1 B ILE A 1 158 ? -8.706  -12.696 -2.829  0.50 20.73 ? 146 ILE A CG1 1 
ATOM   818  C CG2 A ILE A 1 158 ? -10.204 -11.673 -4.552  0.50 18.64 ? 146 ILE A CG2 1 
ATOM   819  C CG2 B ILE A 1 158 ? -10.182 -11.661 -4.608  0.50 16.91 ? 146 ILE A CG2 1 
ATOM   820  C CD1 A ILE A 1 158 ? -8.209  -13.639 -3.223  0.50 29.07 ? 146 ILE A CD1 1 
ATOM   821  C CD1 B ILE A 1 158 ? -9.858  -13.379 -2.098  0.50 19.22 ? 146 ILE A CD1 1 
ATOM   822  N N   . PRO A 1 159 ? -8.322  -8.425  -4.740  1.00 16.47 ? 147 PRO A N   1 
ATOM   823  C CA  . PRO A 1 159 ? -8.573  -7.380  -5.735  1.00 16.39 ? 147 PRO A CA  1 
ATOM   824  C C   . PRO A 1 159 ? -7.380  -7.199  -6.683  1.00 19.14 ? 147 PRO A C   1 
ATOM   825  O O   . PRO A 1 159 ? -6.250  -7.501  -6.317  1.00 20.76 ? 147 PRO A O   1 
ATOM   826  C CB  . PRO A 1 159 ? -8.766  -6.116  -4.878  1.00 18.99 ? 147 PRO A CB  1 
ATOM   827  C CG  . PRO A 1 159 ? -9.136  -6.642  -3.531  1.00 17.78 ? 147 PRO A CG  1 
ATOM   828  C CD  . PRO A 1 159 ? -8.316  -7.872  -3.385  1.00 17.84 ? 147 PRO A CD  1 
ATOM   829  N N   . ASP A 1 160 ? -7.633  -6.696  -7.879  1.00 17.46 ? 148 ASP A N   1 
ATOM   830  C CA  . ASP A 1 160 ? -6.600  -6.679  -8.915  1.00 16.28 ? 148 ASP A CA  1 
ATOM   831  C C   . ASP A 1 160 ? -5.748  -5.426  -8.961  1.00 14.78 ? 148 ASP A C   1 
ATOM   832  O O   . ASP A 1 160 ? -4.774  -5.380  -9.704  1.00 15.42 ? 148 ASP A O   1 
ATOM   833  C CB  . ASP A 1 160 ? -7.259  -6.879  -10.252 1.00 14.86 ? 148 ASP A CB  1 
ATOM   834  C CG  . ASP A 1 160 ? -6.307  -7.413  -11.304 1.00 20.86 ? 148 ASP A CG  1 
ATOM   835  O OD1 . ASP A 1 160 ? -5.474  -8.288  -10.995 1.00 17.18 ? 148 ASP A OD1 1 
ATOM   836  O OD2 . ASP A 1 160 ? -6.435  -6.972  -12.450 1.00 21.85 ? 148 ASP A OD2 1 
ATOM   837  N N   . PHE A 1 161 ? -6.106  -4.411  -8.185  1.00 14.69 ? 149 PHE A N   1 
ATOM   838  C CA  . PHE A 1 161 ? -5.437  -3.131  -8.195  1.00 14.80 ? 149 PHE A CA  1 
ATOM   839  C C   . PHE A 1 161 ? -5.302  -2.682  -6.760  1.00 14.93 ? 149 PHE A C   1 
ATOM   840  O O   . PHE A 1 161 ? -6.298  -2.577  -6.061  1.00 16.07 ? 149 PHE A O   1 
ATOM   841  C CB  . PHE A 1 161 ? -6.255  -2.112  -8.986  1.00 14.78 ? 149 PHE A CB  1 
ATOM   842  C CG  . PHE A 1 161 ? -5.695  -0.697  -9.005  1.00 12.93 ? 149 PHE A CG  1 
ATOM   843  C CD1 . PHE A 1 161 ? -4.345  -0.430  -8.885  1.00 14.95 ? 149 PHE A CD1 1 
ATOM   844  C CD2 . PHE A 1 161 ? -6.563  0.367   -9.198  1.00 17.94 ? 149 PHE A CD2 1 
ATOM   845  C CE1 . PHE A 1 161 ? -3.859  0.886   -8.934  1.00 12.43 ? 149 PHE A CE1 1 
ATOM   846  C CE2 . PHE A 1 161 ? -6.087  1.672   -9.253  1.00 21.70 ? 149 PHE A CE2 1 
ATOM   847  C CZ  . PHE A 1 161 ? -4.753  1.929   -9.129  1.00 16.60 ? 149 PHE A CZ  1 
ATOM   848  N N   . HIS A 1 162 ? -4.052  -2.514  -6.314  1.00 14.60 ? 150 HIS A N   1 
ATOM   849  C CA  . HIS A 1 162 ? -3.716  -2.125  -4.951  1.00 16.15 ? 150 HIS A CA  1 
ATOM   850  C C   . HIS A 1 162 ? -3.160  -0.716  -5.038  1.00 16.90 ? 150 HIS A C   1 
ATOM   851  O O   . HIS A 1 162 ? -2.246  -0.446  -5.815  1.00 18.46 ? 150 HIS A O   1 
ATOM   852  C CB  . HIS A 1 162 ? -2.669  -3.106  -4.405  1.00 16.29 ? 150 HIS A CB  1 
ATOM   853  C CG  . HIS A 1 162 ? -2.261  -2.884  -2.978  1.00 16.46 ? 150 HIS A CG  1 
ATOM   854  N ND1 . HIS A 1 162 ? -1.205  -3.558  -2.409  1.00 21.85 ? 150 HIS A ND1 1 
ATOM   855  C CD2 . HIS A 1 162 ? -2.756  -2.073  -2.012  1.00 16.99 ? 150 HIS A CD2 1 
ATOM   856  C CE1 . HIS A 1 162 ? -1.066  -3.174  -1.152  1.00 21.43 ? 150 HIS A CE1 1 
ATOM   857  N NE2 . HIS A 1 162 ? -1.989  -2.266  -0.888  1.00 18.30 ? 150 HIS A NE2 1 
ATOM   858  N N   . ILE A 1 163 ? -3.779  0.184   -4.292  1.00 16.37 ? 151 ILE A N   1 
ATOM   859  C CA  . ILE A 1 163 ? -3.265  1.519   -4.045  1.00 17.88 ? 151 ILE A CA  1 
ATOM   860  C C   . ILE A 1 163 ? -2.720  1.532   -2.624  1.00 17.37 ? 151 ILE A C   1 
ATOM   861  O O   . ILE A 1 163 ? -3.472  1.379   -1.655  1.00 15.75 ? 151 ILE A O   1 
ATOM   862  C CB  . ILE A 1 163 ? -4.336  2.604   -4.153  1.00 16.66 ? 151 ILE A CB  1 
ATOM   863  C CG1 . ILE A 1 163 ? -4.988  2.573   -5.551  1.00 15.70 ? 151 ILE A CG1 1 
ATOM   864  C CG2 . ILE A 1 163 ? -3.707  3.972   -3.885  1.00 20.63 ? 151 ILE A CG2 1 
ATOM   865  C CD1 . ILE A 1 163 ? -6.207  3.485   -5.700  1.00 15.59 ? 151 ILE A CD1 1 
ATOM   866  N N   . CYS A 1 164 ? -1.409  1.703   -2.510  1.00 16.41 ? 152 CYS A N   1 
ATOM   867  C CA  . CYS A 1 164 ? -0.748  1.588   -1.231  1.00 16.66 ? 152 CYS A CA  1 
ATOM   868  C C   . CYS A 1 164 ? -0.099  2.914   -0.869  1.00 16.20 ? 152 CYS A C   1 
ATOM   869  O O   . CYS A 1 164 ? 0.774   3.422   -1.593  1.00 15.66 ? 152 CYS A O   1 
ATOM   870  C CB  . CYS A 1 164 ? 0.297   0.484   -1.304  1.00 17.24 ? 152 CYS A CB  1 
ATOM   871  S SG  . CYS A 1 164 ? 1.132   0.256   0.230   1.00 20.53 ? 152 CYS A SG  1 
ATOM   872  N N   . VAL A 1 165 ? -0.533  3.477   0.251   1.00 15.66 ? 153 VAL A N   1 
ATOM   873  C CA  . VAL A 1 165 ? -0.046  4.790   0.695   1.00 17.61 ? 153 VAL A CA  1 
ATOM   874  C C   . VAL A 1 165 ? 1.082   4.550   1.681   1.00 17.31 ? 153 VAL A C   1 
ATOM   875  O O   . VAL A 1 165 ? 0.901   3.855   2.663   1.00 16.35 ? 153 VAL A O   1 
ATOM   876  C CB  . VAL A 1 165 ? -1.161  5.624   1.369   1.00 17.70 ? 153 VAL A CB  1 
ATOM   877  C CG1 . VAL A 1 165 ? -0.595  6.899   1.971   1.00 18.06 ? 153 VAL A CG1 1 
ATOM   878  C CG2 . VAL A 1 165 ? -2.253  5.944   0.380   1.00 19.05 ? 153 VAL A CG2 1 
ATOM   879  N N   . VAL A 1 166 ? 2.234   5.138   1.390   1.00 15.97 ? 154 VAL A N   1 
ATOM   880  C CA  . VAL A 1 166 ? 3.451   4.950   2.165   1.00 17.11 ? 154 VAL A CA  1 
ATOM   881  C C   . VAL A 1 166 ? 3.857   6.319   2.662   1.00 17.22 ? 154 VAL A C   1 
ATOM   882  O O   . VAL A 1 166 ? 4.131   7.197   1.877   1.00 16.02 ? 154 VAL A O   1 
ATOM   883  C CB  . VAL A 1 166 ? 4.559   4.385   1.271   1.00 15.80 ? 154 VAL A CB  1 
ATOM   884  C CG1 . VAL A 1 166 ? 5.868   4.253   2.074   1.00 21.01 ? 154 VAL A CG1 1 
ATOM   885  C CG2 . VAL A 1 166 ? 4.129   3.054   0.647   1.00 18.39 ? 154 VAL A CG2 1 
ATOM   886  N N   . ARG A 1 167 ? 3.890   6.527   3.972   1.00 18.55 ? 155 ARG A N   1 
ATOM   887  C CA  . ARG A 1 167 ? 4.357   7.806   4.480   1.00 18.53 ? 155 ARG A CA  1 
ATOM   888  C C   . ARG A 1 167 ? 5.848   7.894   4.228   1.00 19.46 ? 155 ARG A C   1 
ATOM   889  O O   . ARG A 1 167 ? 6.527   6.900   4.355   1.00 17.44 ? 155 ARG A O   1 
ATOM   890  C CB  . ARG A 1 167 ? 4.095   7.921   5.959   1.00 20.83 ? 155 ARG A CB  1 
ATOM   891  C CG  . ARG A 1 167 ? 2.654   7.828   6.340   1.00 22.85 ? 155 ARG A CG  1 
ATOM   892  C CD  . ARG A 1 167 ? 2.417   8.433   7.705   1.00 32.95 ? 155 ARG A CD  1 
ATOM   893  N NE  . ARG A 1 167 ? 3.288   7.823   8.699   1.00 32.75 ? 155 ARG A NE  1 
ATOM   894  C CZ  . ARG A 1 167 ? 3.052   6.649   9.281   1.00 38.86 ? 155 ARG A CZ  1 
ATOM   895  N NH1 . ARG A 1 167 ? 1.950   5.956   8.996   1.00 39.39 ? 155 ARG A NH1 1 
ATOM   896  N NH2 . ARG A 1 167 ? 3.915   6.168   10.168  1.00 41.16 ? 155 ARG A NH2 1 
ATOM   897  N N   . GLU A 1 168 ? 6.354   9.069   3.864   1.00 20.44 ? 156 GLU A N   1 
ATOM   898  C CA  . GLU A 1 168 ? 7.786   9.252   3.669   1.00 21.56 ? 156 GLU A CA  1 
ATOM   899  C C   . GLU A 1 168 ? 8.587   8.650   4.834   1.00 21.46 ? 156 GLU A C   1 
ATOM   900  O O   . GLU A 1 168 ? 9.595   7.975   4.605   1.00 21.08 ? 156 GLU A O   1 
ATOM   901  C CB  . GLU A 1 168 ? 8.122   10.732  3.483   1.00 22.85 ? 156 GLU A CB  1 
ATOM   902  C CG  . GLU A 1 168 ? 9.595   11.037  3.263   1.00 29.83 ? 156 GLU A CG  1 
ATOM   903  C CD  . GLU A 1 168 ? 10.418  11.176  4.542   1.00 36.53 ? 156 GLU A CD  1 
ATOM   904  O OE1 . GLU A 1 168 ? 9.849   11.365  5.645   1.00 35.95 ? 156 GLU A OE1 1 
ATOM   905  O OE2 . GLU A 1 168 ? 11.657  11.098  4.427   1.00 37.82 ? 156 GLU A OE2 1 
ATOM   906  N N   . ASP A 1 169 ? 8.112   8.855   6.068   1.00 21.27 ? 157 ASP A N   1 
ATOM   907  C CA  . ASP A 1 169 ? 8.805   8.379   7.277   1.00 23.73 ? 157 ASP A CA  1 
ATOM   908  C C   . ASP A 1 169 ? 8.724   6.882   7.518   1.00 22.07 ? 157 ASP A C   1 
ATOM   909  O O   . ASP A 1 169 ? 9.328   6.373   8.457   1.00 22.99 ? 157 ASP A O   1 
ATOM   910  C CB  . ASP A 1 169 ? 8.329   9.139   8.528   1.00 24.60 ? 157 ASP A CB  1 
ATOM   911  C CG  . ASP A 1 169 ? 6.870   8.870   8.882   1.00 32.91 ? 157 ASP A CG  1 
ATOM   912  O OD1 . ASP A 1 169 ? 6.256   7.939   8.335   1.00 37.51 ? 157 ASP A OD1 1 
ATOM   913  O OD2 . ASP A 1 169 ? 6.332   9.607   9.728   1.00 42.02 ? 157 ASP A OD2 1 
ATOM   914  N N   . GLN A 1 170 ? 7.988   6.171   6.677   1.00 20.18 ? 158 GLN A N   1 
ATOM   915  C CA  . GLN A 1 170 ? 7.923   4.718   6.754   1.00 20.64 ? 158 GLN A CA  1 
ATOM   916  C C   . GLN A 1 170 ? 8.930   4.058   5.820   1.00 19.10 ? 158 GLN A C   1 
ATOM   917  O O   . GLN A 1 170 ? 9.036   2.832   5.786   1.00 18.30 ? 158 GLN A O   1 
ATOM   918  C CB  . GLN A 1 170 ? 6.524   4.217   6.364   1.00 20.07 ? 158 GLN A CB  1 
ATOM   919  C CG  . GLN A 1 170 ? 5.470   4.456   7.400   1.00 24.95 ? 158 GLN A CG  1 
ATOM   920  C CD  . GLN A 1 170 ? 4.142   3.938   6.933   1.00 21.54 ? 158 GLN A CD  1 
ATOM   921  O OE1 . GLN A 1 170 ? 3.613   4.405   5.936   1.00 19.85 ? 158 GLN A OE1 1 
ATOM   922  N NE2 . GLN A 1 170 ? 3.594   2.983   7.649   1.00 24.98 ? 158 GLN A NE2 1 
ATOM   923  N N   . ILE A 1 171 ? 9.637   4.853   5.033   1.00 17.91 ? 159 ILE A N   1 
ATOM   924  C CA  . ILE A 1 171 ? 10.584  4.292   4.088   1.00 15.80 ? 159 ILE A CA  1 
ATOM   925  C C   . ILE A 1 171 ? 11.963  4.239   4.751   1.00 19.57 ? 159 ILE A C   1 
ATOM   926  O O   . ILE A 1 171 ? 12.457  5.254   5.219   1.00 19.13 ? 159 ILE A O   1 
ATOM   927  C CB  . ILE A 1 171 ? 10.656  5.125   2.808   1.00 17.20 ? 159 ILE A CB  1 
ATOM   928  C CG1 . ILE A 1 171 ? 9.275   5.208   2.143   1.00 15.38 ? 159 ILE A CG1 1 
ATOM   929  C CG2 . ILE A 1 171 ? 11.699  4.538   1.882   1.00 14.54 ? 159 ILE A CG2 1 
ATOM   930  C CD1 . ILE A 1 171 ? 9.162   6.356   1.129   1.00 17.92 ? 159 ILE A CD1 1 
ATOM   931  N N   . VAL A 1 172 ? 12.562  3.058   4.797   1.00 18.74 ? 160 VAL A N   1 
ATOM   932  C CA  . VAL A 1 172 ? 13.907  2.881   5.331   1.00 19.29 ? 160 VAL A CA  1 
ATOM   933  C C   . VAL A 1 172 ? 14.766  2.371   4.206   1.00 18.51 ? 160 VAL A C   1 
ATOM   934  O O   . VAL A 1 172 ? 14.254  1.924   3.182   1.00 19.91 ? 160 VAL A O   1 
ATOM   935  C CB  . VAL A 1 172 ? 13.953  1.887   6.540   1.00 18.75 ? 160 VAL A CB  1 
ATOM   936  C CG1 . VAL A 1 172 ? 13.065  2.401   7.653   1.00 20.76 ? 160 VAL A CG1 1 
ATOM   937  C CG2 . VAL A 1 172 ? 13.544  0.471   6.124   1.00 21.41 ? 160 VAL A CG2 1 
ATOM   938  N N   . GLN A 1 173 ? 16.071  2.439   4.387   1.00 18.19 ? 161 GLN A N   1 
ATOM   939  C CA  . GLN A 1 173 ? 16.973  2.058   3.316   1.00 17.06 ? 161 GLN A CA  1 
ATOM   940  C C   . GLN A 1 173 ? 17.105  0.554   3.170   1.00 16.53 ? 161 GLN A C   1 
ATOM   941  O O   . GLN A 1 173 ? 16.994  0.016   2.063   1.00 16.37 ? 161 GLN A O   1 
ATOM   942  C CB  . GLN A 1 173 ? 18.342  2.679   3.528   1.00 16.88 ? 161 GLN A CB  1 
ATOM   943  C CG  . GLN A 1 173 ? 19.352  2.207   2.506   1.00 16.36 ? 161 GLN A CG  1 
ATOM   944  C CD  . GLN A 1 173 ? 20.710  2.784   2.724   1.00 17.82 ? 161 GLN A CD  1 
ATOM   945  O OE1 . GLN A 1 173 ? 20.892  3.717   3.513   1.00 21.87 ? 161 GLN A OE1 1 
ATOM   946  N NE2 . GLN A 1 173 ? 21.694  2.227   2.022   1.00 24.46 ? 161 GLN A NE2 1 
ATOM   947  N N   . THR A 1 174 ? 17.381  -0.125  4.277   1.00 18.42 ? 162 THR A N   1 
ATOM   948  C CA  . THR A 1 174 ? 17.826  -1.504  4.225   1.00 18.94 ? 162 THR A CA  1 
ATOM   949  C C   . THR A 1 174 ? 16.767  -2.469  4.741   1.00 18.93 ? 162 THR A C   1 
ATOM   950  O O   . THR A 1 174 ? 15.920  -2.111  5.566   1.00 17.46 ? 162 THR A O   1 
ATOM   951  C CB  . THR A 1 174 ? 19.090  -1.687  5.079   1.00 18.01 ? 162 THR A CB  1 
ATOM   952  O OG1 . THR A 1 174 ? 18.775  -1.369  6.444   1.00 20.76 ? 162 THR A OG1 1 
ATOM   953  C CG2 . THR A 1 174 ? 20.219  -0.778  4.578   1.00 19.77 ? 162 THR A CG2 1 
ATOM   954  N N   . VAL A 1 175 ? 16.857  -3.708  4.273   1.00 22.39 ? 163 VAL A N   1 
ATOM   955  C CA  . VAL A 1 175 ? 16.021  -4.792  4.764   1.00 21.52 ? 163 VAL A CA  1 
ATOM   956  C C   . VAL A 1 175 ? 16.147  -4.945  6.285   1.00 24.08 ? 163 VAL A C   1 
ATOM   957  O O   . VAL A 1 175 ? 15.147  -5.093  6.980   1.00 22.81 ? 163 VAL A O   1 
ATOM   958  C CB  . VAL A 1 175 ? 16.353  -6.112  4.028   1.00 23.47 ? 163 VAL A CB  1 
ATOM   959  C CG1 . VAL A 1 175 ? 15.673  -7.285  4.687   1.00 23.21 ? 163 VAL A CG1 1 
ATOM   960  C CG2 . VAL A 1 175 ? 15.929  -6.030  2.568   1.00 24.23 ? 163 VAL A CG2 1 
ATOM   961  N N   . ARG A 1 176 ? 17.374  -4.873  6.792   1.00 23.11 ? 164 ARG A N   1 
ATOM   962  C CA  . ARG A 1 176 ? 17.630  -4.907  8.230   1.00 23.55 ? 164 ARG A CA  1 
ATOM   963  C C   . ARG A 1 176 ? 16.758  -3.919  9.009   1.00 22.86 ? 164 ARG A C   1 
ATOM   964  O O   . ARG A 1 176 ? 16.130  -4.284  10.002  1.00 25.26 ? 164 ARG A O   1 
ATOM   965  C CB  . ARG A 1 176 ? 19.108  -4.631  8.501   1.00 24.54 ? 164 ARG A CB  1 
ATOM   966  N N   . GLU A 1 177 ? 16.708  -2.672  8.546   1.00 20.76 ? 165 GLU A N   1 
ATOM   967  C CA  . GLU A 1 177 ? 15.896  -1.642  9.191   1.00 21.56 ? 165 GLU A CA  1 
ATOM   968  C C   . GLU A 1 177 ? 14.402  -1.939  9.060   1.00 20.52 ? 165 GLU A C   1 
ATOM   969  O O   . GLU A 1 177 ? 13.610  -1.671  9.977   1.00 23.78 ? 165 GLU A O   1 
ATOM   970  C CB  . GLU A 1 177 ? 16.175  -0.280  8.576   1.00 19.41 ? 165 GLU A CB  1 
ATOM   971  C CG  . GLU A 1 177 ? 17.551  0.257   8.806   1.00 24.36 ? 165 GLU A CG  1 
ATOM   972  C CD  . GLU A 1 177 ? 17.820  1.422   7.880   1.00 23.22 ? 165 GLU A CD  1 
ATOM   973  O OE1 . GLU A 1 177 ? 17.425  2.557   8.233   1.00 28.28 ? 165 GLU A OE1 1 
ATOM   974  O OE2 . GLU A 1 177 ? 18.385  1.180   6.788   1.00 26.81 ? 165 GLU A OE2 1 
ATOM   975  N N   . GLY A 1 178 ? 14.022  -2.470  7.905   1.00 21.23 ? 166 GLY A N   1 
ATOM   976  C CA  . GLY A 1 178 ? 12.626  -2.811  7.627   1.00 22.47 ? 166 GLY A CA  1 
ATOM   977  C C   . GLY A 1 178 ? 12.127  -3.847  8.613   1.00 24.15 ? 166 GLY A C   1 
ATOM   978  O O   . GLY A 1 178 ? 11.032  -3.736  9.141   1.00 25.31 ? 166 GLY A O   1 
ATOM   979  N N   . VAL A 1 179 ? 12.963  -4.842  8.864   1.00 23.77 ? 167 VAL A N   1 
ATOM   980  C CA  . VAL A 1 179 ? 12.630  -5.922  9.793   1.00 24.59 ? 167 VAL A CA  1 
ATOM   981  C C   . VAL A 1 179 ? 12.550  -5.405  11.223  1.00 23.98 ? 167 VAL A C   1 
ATOM   982  O O   . VAL A 1 179 ? 11.626  -5.752  11.971  1.00 23.59 ? 167 VAL A O   1 
ATOM   983  C CB  . VAL A 1 179 ? 13.663  -7.039  9.689   1.00 27.07 ? 167 VAL A CB  1 
ATOM   984  C CG1 . VAL A 1 179 ? 13.438  -8.090  10.754  1.00 31.85 ? 167 VAL A CG1 1 
ATOM   985  C CG2 . VAL A 1 179 ? 13.586  -7.664  8.306   1.00 32.54 ? 167 VAL A CG2 1 
ATOM   986  N N   . GLU A 1 180 ? 13.514  -4.570  11.595  1.00 22.29 ? 168 GLU A N   1 
ATOM   987  C CA  . GLU A 1 180 ? 13.477  -3.883  12.883  1.00 23.64 ? 168 GLU A CA  1 
ATOM   988  C C   . GLU A 1 180 ? 12.149  -3.154  13.082  1.00 23.40 ? 168 GLU A C   1 
ATOM   989  O O   . GLU A 1 180 ? 11.592  -3.176  14.175  1.00 22.67 ? 168 GLU A O   1 
ATOM   990  C CB  . GLU A 1 180 ? 14.646  -2.898  13.021  1.00 26.18 ? 168 GLU A CB  1 
ATOM   991  C CG  . GLU A 1 180 ? 16.021  -3.537  12.996  1.00 27.77 ? 168 GLU A CG  1 
ATOM   992  N N   . ALA A 1 181 ? 11.641  -2.530  12.018  1.00 22.75 ? 169 ALA A N   1 
ATOM   993  C CA  . ALA A 1 181 ? 10.406  -1.753  12.091  1.00 23.38 ? 169 ALA A CA  1 
ATOM   994  C C   . ALA A 1 181 ? 9.201   -2.626  12.321  1.00 22.90 ? 169 ALA A C   1 
ATOM   995  O O   . ALA A 1 181 ? 8.229   -2.178  12.905  1.00 26.11 ? 169 ALA A O   1 
ATOM   996  C CB  . ALA A 1 181 ? 10.196  -0.953  10.826  1.00 24.10 ? 169 ALA A CB  1 
ATOM   997  N N   . VAL A 1 182 ? 9.236   -3.856  11.817  1.00 23.79 ? 170 VAL A N   1 
ATOM   998  C CA  . VAL A 1 182 ? 8.092   -4.766  11.962  1.00 23.20 ? 170 VAL A CA  1 
ATOM   999  C C   . VAL A 1 182 ? 8.320   -5.864  13.003  1.00 22.01 ? 170 VAL A C   1 
ATOM   1000 O O   . VAL A 1 182 ? 7.464   -6.720  13.188  1.00 21.16 ? 170 VAL A O   1 
ATOM   1001 C CB  . VAL A 1 182 ? 7.684   -5.404  10.619  1.00 22.32 ? 170 VAL A CB  1 
ATOM   1002 C CG1 . VAL A 1 182 ? 7.210   -4.340  9.658   1.00 28.08 ? 170 VAL A CG1 1 
ATOM   1003 C CG2 . VAL A 1 182 ? 8.813   -6.218  10.005  1.00 24.86 ? 170 VAL A CG2 1 
ATOM   1004 N N   . ALA A 1 183 ? 9.468   -5.832  13.678  1.00 21.15 ? 171 ALA A N   1 
ATOM   1005 C CA  . ALA A 1 183 ? 9.791   -6.824  14.696  1.00 21.64 ? 171 ALA A CA  1 
ATOM   1006 C C   . ALA A 1 183 ? 8.683   -6.953  15.742  1.00 19.13 ? 171 ALA A C   1 
ATOM   1007 O O   . ALA A 1 183 ? 8.321   -8.058  16.148  1.00 19.26 ? 171 ALA A O   1 
ATOM   1008 C CB  . ALA A 1 183 ? 11.115  -6.474  15.372  1.00 22.98 ? 171 ALA A CB  1 
ATOM   1009 N N   . ALA A 1 184 ? 8.145   -5.827  16.198  1.00 18.69 ? 172 ALA A N   1 
ATOM   1010 C CA  . ALA A 1 184 ? 7.114   -5.873  17.234  1.00 18.58 ? 172 ALA A CA  1 
ATOM   1011 C C   . ALA A 1 184 ? 5.836   -6.549  16.759  1.00 18.44 ? 172 ALA A C   1 
ATOM   1012 O O   . ALA A 1 184 ? 5.197   -7.269  17.512  1.00 19.16 ? 172 ALA A O   1 
ATOM   1013 C CB  . ALA A 1 184 ? 6.793   -4.487  17.743  1.00 18.67 ? 172 ALA A CB  1 
ATOM   1014 N N   . SER A 1 185 ? 5.461   -6.295  15.511  1.00 15.97 ? 173 SER A N   1 
ATOM   1015 C CA  . SER A 1 185 ? 4.315   -6.962  14.883  1.00 17.15 ? 173 SER A CA  1 
ATOM   1016 C C   . SER A 1 185 ? 4.534   -8.466  14.851  1.00 15.99 ? 173 SER A C   1 
ATOM   1017 O O   . SER A 1 185 ? 3.623   -9.235  15.142  1.00 15.81 ? 173 SER A O   1 
ATOM   1018 C CB  . SER A 1 185 ? 4.117   -6.430  13.469  1.00 16.55 ? 173 SER A CB  1 
ATOM   1019 O OG  . SER A 1 185 ? 3.778   -5.066  13.505  1.00 19.34 ? 173 SER A OG  1 
ATOM   1020 N N   . VAL A 1 186 ? 5.761   -8.874  14.536  1.00 15.60 ? 174 VAL A N   1 
ATOM   1021 C CA  . VAL A 1 186 ? 6.100   -10.287 14.461  1.00 15.24 ? 174 VAL A CA  1 
ATOM   1022 C C   . VAL A 1 186 ? 5.983   -10.895 15.845  1.00 17.87 ? 174 VAL A C   1 
ATOM   1023 O O   . VAL A 1 186 ? 5.384   -11.952 16.012  1.00 17.54 ? 174 VAL A O   1 
ATOM   1024 C CB  . VAL A 1 186 ? 7.514   -10.544 13.869  1.00 15.07 ? 174 VAL A CB  1 
ATOM   1025 C CG1 . VAL A 1 186 ? 7.839   -12.024 13.883  1.00 16.42 ? 174 VAL A CG1 1 
ATOM   1026 C CG2 . VAL A 1 186 ? 7.574   -10.034 12.450  1.00 17.77 ? 174 VAL A CG2 1 
ATOM   1027 N N   . ARG A 1 187 ? 6.533   -10.197 16.839  1.00 19.90 ? 175 ARG A N   1 
ATOM   1028 C CA  . ARG A 1 187 ? 6.438   -10.649 18.215  1.00 19.77 ? 175 ARG A CA  1 
ATOM   1029 C C   . ARG A 1 187 ? 4.980   -10.750 18.700  1.00 18.77 ? 175 ARG A C   1 
ATOM   1030 O O   . ARG A 1 187 ? 4.660   -11.598 19.533  1.00 18.66 ? 175 ARG A O   1 
ATOM   1031 C CB  . ARG A 1 187 ? 7.268   -9.752  19.138  1.00 20.42 ? 175 ARG A CB  1 
ATOM   1032 C CG  . ARG A 1 187 ? 8.781   -9.875  18.934  1.00 17.57 ? 175 ARG A CG  1 
ATOM   1033 C CD  . ARG A 1 187 ? 9.527   -9.323  20.117  1.00 24.84 ? 175 ARG A CD  1 
ATOM   1034 N NE  . ARG A 1 187 ? 9.257   -7.898  20.268  1.00 29.52 ? 175 ARG A NE  1 
ATOM   1035 C CZ  . ARG A 1 187 ? 9.946   -6.923  19.684  1.00 29.42 ? 175 ARG A CZ  1 
ATOM   1036 N NH1 . ARG A 1 187 ? 10.989  -7.195  18.904  1.00 35.84 ? 175 ARG A NH1 1 
ATOM   1037 N NH2 . ARG A 1 187 ? 9.590   -5.659  19.900  1.00 34.40 ? 175 ARG A NH2 1 
ATOM   1038 N N   . GLU A 1 188 ? 4.113   -9.897  18.152  1.00 18.90 ? 176 GLU A N   1 
ATOM   1039 C CA  . GLU A 1 188 ? 2.668   -9.901  18.411  1.00 20.78 ? 176 GLU A CA  1 
ATOM   1040 C C   . GLU A 1 188 ? 1.891   -10.990 17.680  1.00 20.66 ? 176 GLU A C   1 
ATOM   1041 O O   . GLU A 1 188 ? 0.695   -11.204 17.944  1.00 19.03 ? 176 GLU A O   1 
ATOM   1042 C CB  . GLU A 1 188 ? 2.062   -8.550  18.014  1.00 20.13 ? 176 GLU A CB  1 
ATOM   1043 C CG  . GLU A 1 188 ? 2.173   -7.492  19.082  1.00 22.58 ? 176 GLU A CG  1 
ATOM   1044 C CD  . GLU A 1 188 ? 1.988   -6.090  18.538  1.00 24.94 ? 176 GLU A CD  1 
ATOM   1045 O OE1 . GLU A 1 188 ? 1.327   -5.926  17.485  1.00 23.98 ? 176 GLU A OE1 1 
ATOM   1046 O OE2 . GLU A 1 188 ? 2.495   -5.159  19.182  1.00 37.32 ? 176 GLU A OE2 1 
ATOM   1047 N N   . GLY A 1 189 ? 2.561   -11.681 16.763  1.00 18.88 ? 177 GLY A N   1 
ATOM   1048 C CA  . GLY A 1 189 ? 1.928   -12.716 15.981  1.00 17.12 ? 177 GLY A CA  1 
ATOM   1049 C C   . GLY A 1 189 ? 1.170   -12.200 14.776  1.00 17.51 ? 177 GLY A C   1 
ATOM   1050 O O   . GLY A 1 189 ? 0.386   -12.949 14.163  1.00 18.75 ? 177 GLY A O   1 
ATOM   1051 N N   . ARG A 1 190 ? 1.397   -10.941 14.394  1.00 17.08 ? 178 ARG A N   1 
ATOM   1052 C CA  . ARG A 1 190 ? 0.704   -10.401 13.235  1.00 17.00 ? 178 ARG A CA  1 
ATOM   1053 C C   . ARG A 1 190 ? 1.358   -10.973 11.998  1.00 18.52 ? 178 ARG A C   1 
ATOM   1054 O O   . ARG A 1 190 ? 2.578   -11.096 11.938  1.00 18.09 ? 178 ARG A O   1 
ATOM   1055 C CB  . ARG A 1 190 ? 0.793   -8.895  13.163  1.00 16.55 ? 178 ARG A CB  1 
ATOM   1056 C CG  . ARG A 1 190 ? 0.081   -8.183  14.280  1.00 17.34 ? 178 ARG A CG  1 
ATOM   1057 C CD  . ARG A 1 190 ? 0.121   -6.696  14.084  1.00 17.29 ? 178 ARG A CD  1 
ATOM   1058 N NE  . ARG A 1 190 ? -0.395  -6.033  15.274  1.00 27.11 ? 178 ARG A NE  1 
ATOM   1059 C CZ  . ARG A 1 190 ? -1.683  -5.872  15.553  1.00 27.80 ? 178 ARG A CZ  1 
ATOM   1060 N NH1 . ARG A 1 190 ? -2.608  -6.323  14.733  1.00 26.11 ? 178 ARG A NH1 1 
ATOM   1061 N NH2 . ARG A 1 190 ? -2.044  -5.239  16.662  1.00 35.54 ? 178 ARG A NH2 1 
ATOM   1062 N N   . PRO A 1 191 ? 0.548   -11.308 10.999  1.00 18.77 ? 179 PRO A N   1 
ATOM   1063 C CA  . PRO A 1 191 ? 1.111   -11.752 9.736   1.00 18.79 ? 179 PRO A CA  1 
ATOM   1064 C C   . PRO A 1 191 ? 1.769   -10.621 8.990   1.00 18.25 ? 179 PRO A C   1 
ATOM   1065 O O   . PRO A 1 191 ? 1.337   -9.463  9.098   1.00 19.20 ? 179 PRO A O   1 
ATOM   1066 C CB  . PRO A 1 191 ? -0.115  -12.222 8.963   1.00 20.04 ? 179 PRO A CB  1 
ATOM   1067 C CG  . PRO A 1 191 ? -1.241  -11.406 9.547   1.00 18.50 ? 179 PRO A CG  1 
ATOM   1068 C CD  . PRO A 1 191 ? -0.932  -11.272 10.972  1.00 20.40 ? 179 PRO A CD  1 
ATOM   1069 N N   . LEU A 1 192 ? 2.792   -10.954 8.218   1.00 15.44 ? 180 LEU A N   1 
ATOM   1070 C CA  . LEU A 1 192 ? 3.428   -9.959  7.354   1.00 15.71 ? 180 LEU A CA  1 
ATOM   1071 C C   . LEU A 1 192 ? 3.347   -10.404 5.930   1.00 15.92 ? 180 LEU A C   1 
ATOM   1072 O O   . LEU A 1 192 ? 3.509   -11.589 5.631   1.00 18.13 ? 180 LEU A O   1 
ATOM   1073 C CB  . LEU A 1 192 ? 4.895   -9.755  7.686   1.00 16.36 ? 180 LEU A CB  1 
ATOM   1074 C CG  . LEU A 1 192 ? 5.324   -9.416  9.104   1.00 18.23 ? 180 LEU A CG  1 
ATOM   1075 C CD1 . LEU A 1 192 ? 6.808   -9.232  9.082   1.00 13.06 ? 180 LEU A CD1 1 
ATOM   1076 C CD2 . LEU A 1 192 ? 4.658   -8.173  9.635   1.00 16.13 ? 180 LEU A CD2 1 
ATOM   1077 N N   . THR A 1 193 ? 3.127   -9.441  5.053   1.00 14.99 ? 181 THR A N   1 
ATOM   1078 C CA  . THR A 1 193 ? 3.130   -9.682  3.630   1.00 15.92 ? 181 THR A CA  1 
ATOM   1079 C C   . THR A 1 193 ? 4.163   -8.723  3.054   1.00 18.12 ? 181 THR A C   1 
ATOM   1080 O O   . THR A 1 193 ? 4.046   -7.522  3.212   1.00 18.39 ? 181 THR A O   1 
ATOM   1081 C CB  . THR A 1 193 ? 1.732   -9.437  3.047   1.00 18.17 ? 181 THR A CB  1 
ATOM   1082 O OG1 . THR A 1 193 ? 0.773   -10.265 3.733   1.00 18.48 ? 181 THR A OG1 1 
ATOM   1083 C CG2 . THR A 1 193 ? 1.726   -9.696  1.592   1.00 24.61 ? 181 THR A CG2 1 
ATOM   1084 N N   . TRP A 1 194 ? 5.195   -9.265  2.421   1.00 17.30 ? 182 TRP A N   1 
ATOM   1085 C CA  . TRP A 1 194 ? 6.241   -8.444  1.832   1.00 18.93 ? 182 TRP A CA  1 
ATOM   1086 C C   . TRP A 1 194 ? 6.061   -8.464  0.332   1.00 19.43 ? 182 TRP A C   1 
ATOM   1087 O O   . TRP A 1 194 ? 6.176   -9.519  -0.294  1.00 19.19 ? 182 TRP A O   1 
ATOM   1088 C CB  . TRP A 1 194 ? 7.602   -9.032  2.097   1.00 18.97 ? 182 TRP A CB  1 
ATOM   1089 C CG  . TRP A 1 194 ? 8.082   -9.022  3.503   1.00 19.46 ? 182 TRP A CG  1 
ATOM   1090 C CD1 . TRP A 1 194 ? 7.385   -9.337  4.618   1.00 18.82 ? 182 TRP A CD1 1 
ATOM   1091 C CD2 . TRP A 1 194 ? 9.409   -8.719  3.925   1.00 18.61 ? 182 TRP A CD2 1 
ATOM   1092 N NE1 . TRP A 1 194 ? 8.190   -9.227  5.723   1.00 18.41 ? 182 TRP A NE1 1 
ATOM   1093 C CE2 . TRP A 1 194 ? 9.443   -8.860  5.326   1.00 15.25 ? 182 TRP A CE2 1 
ATOM   1094 C CE3 . TRP A 1 194 ? 10.586  -8.361  3.249   1.00 17.35 ? 182 TRP A CE3 1 
ATOM   1095 C CZ2 . TRP A 1 194 ? 10.597  -8.630  6.069   1.00 20.02 ? 182 TRP A CZ2 1 
ATOM   1096 C CZ3 . TRP A 1 194 ? 11.717  -8.129  3.974   1.00 18.17 ? 182 TRP A CZ3 1 
ATOM   1097 C CH2 . TRP A 1 194 ? 11.730  -8.280  5.380   1.00 17.69 ? 182 TRP A CH2 1 
ATOM   1098 N N   . LEU A 1 195 ? 5.819   -7.292  -0.234  1.00 23.24 ? 183 LEU A N   1 
ATOM   1099 C CA  . LEU A 1 195 ? 5.595   -7.116  -1.657  1.00 23.97 ? 183 LEU A CA  1 
ATOM   1100 C C   . LEU A 1 195 ? 6.829   -6.398  -2.170  1.00 23.29 ? 183 LEU A C   1 
ATOM   1101 O O   . LEU A 1 195 ? 7.145   -5.344  -1.665  1.00 24.01 ? 183 LEU A O   1 
ATOM   1102 C CB  . LEU A 1 195 ? 4.359   -6.247  -1.864  1.00 24.87 ? 183 LEU A CB  1 
ATOM   1103 C CG  . LEU A 1 195 ? 3.170   -6.637  -0.980  1.00 27.69 ? 183 LEU A CG  1 
ATOM   1104 C CD1 . LEU A 1 195 ? 2.164   -5.529  -0.910  1.00 26.87 ? 183 LEU A CD1 1 
ATOM   1105 C CD2 . LEU A 1 195 ? 2.552   -7.907  -1.507  1.00 29.16 ? 183 LEU A CD2 1 
ATOM   1106 N N   . SER A 1 196 ? 7.535   -6.973  -3.142  1.00 24.40 ? 184 SER A N   1 
ATOM   1107 C CA  . SER A 1 196 ? 8.863   -6.466  -3.517  1.00 25.82 ? 184 SER A CA  1 
ATOM   1108 C C   . SER A 1 196 ? 9.073   -6.398  -5.009  1.00 27.85 ? 184 SER A C   1 
ATOM   1109 O O   . SER A 1 196 ? 8.701   -7.321  -5.741  1.00 30.21 ? 184 SER A O   1 
ATOM   1110 C CB  . SER A 1 196 ? 9.986   -7.337  -2.937  1.00 26.64 ? 184 SER A CB  1 
ATOM   1111 O OG  . SER A 1 196 ? 9.941   -7.394  -1.523  1.00 28.39 ? 184 SER A OG  1 
ATOM   1112 N N   . GLY A 1 197 ? 9.665   -5.292  -5.443  1.00 29.19 ? 185 GLY A N   1 
ATOM   1113 C CA  . GLY A 1 197 ? 10.167  -5.147  -6.803  1.00 32.53 ? 185 GLY A CA  1 
ATOM   1114 C C   . GLY A 1 197 ? 11.460  -5.912  -6.968  1.00 33.25 ? 185 GLY A C   1 
ATOM   1115 O O   . GLY A 1 197 ? 11.726  -6.463  -8.036  1.00 34.11 ? 185 GLY A O   1 
ATOM   1116 N N   . GLY A 1 198 ? 12.251  -5.944  -5.894  1.00 34.07 ? 186 GLY A N   1 
ATOM   1117 C CA  . GLY A 1 198 ? 13.542  -6.621  -5.885  1.00 34.12 ? 186 GLY A CA  1 
ATOM   1118 C C   . GLY A 1 198 ? 14.663  -5.630  -6.114  1.00 33.96 ? 186 GLY A C   1 
ATOM   1119 O O   . GLY A 1 198 ? 14.420  -4.450  -6.344  1.00 32.27 ? 186 GLY A O   1 
ATOM   1120 N N   . SER A 1 199 ? 15.895  -6.108  -6.037  1.00 33.51 ? 187 SER A N   1 
ATOM   1121 C CA  . SER A 1 199 ? 17.049  -5.251  -6.245  1.00 37.83 ? 187 SER A CA  1 
ATOM   1122 C C   . SER A 1 199 ? 17.217  -4.978  -7.742  1.00 38.35 ? 187 SER A C   1 
ATOM   1123 O O   . SER A 1 199 ? 17.827  -3.972  -8.130  1.00 42.77 ? 187 SER A O   1 
ATOM   1124 C CB  . SER A 1 199 ? 18.309  -5.898  -5.665  1.00 37.44 ? 187 SER A CB  1 
ATOM   1125 O OG  . SER A 1 199 ? 18.712  -7.018  -6.434  1.00 43.88 ? 187 SER A OG  1 
ATOM   1126 N N   . GLY A 1 211 ? -5.424  -10.555 -9.648  1.00 19.64 ? 199 GLY A N   1 
ATOM   1127 C CA  . GLY A 1 211 ? -4.779  -11.558 -10.472 1.00 20.84 ? 199 GLY A CA  1 
ATOM   1128 C C   . GLY A 1 211 ? -4.528  -12.874 -9.748  1.00 21.16 ? 199 GLY A C   1 
ATOM   1129 O O   . GLY A 1 211 ? -4.676  -12.966 -8.529  1.00 24.10 ? 199 GLY A O   1 
ATOM   1130 N N   . VAL A 1 212 ? -4.171  -13.890 -10.533 1.00 23.47 ? 200 VAL A N   1 
ATOM   1131 C CA  . VAL A 1 212 ? -3.830  -15.240 -10.047 1.00 22.40 ? 200 VAL A CA  1 
ATOM   1132 C C   . VAL A 1 212 ? -2.806  -15.180 -8.915  1.00 19.06 ? 200 VAL A C   1 
ATOM   1133 O O   . VAL A 1 212 ? -2.970  -15.841 -7.901  1.00 18.43 ? 200 VAL A O   1 
ATOM   1134 C CB  . VAL A 1 212 ? -3.235  -16.102 -11.191 1.00 24.59 ? 200 VAL A CB  1 
ATOM   1135 C CG1 . VAL A 1 212 ? -2.587  -17.390 -10.678 1.00 26.99 ? 200 VAL A CG1 1 
ATOM   1136 C CG2 . VAL A 1 212 ? -4.290  -16.444 -12.219 1.00 25.83 ? 200 VAL A CG2 1 
ATOM   1137 N N   . HIS A 1 213 ? -1.757  -14.388 -9.115  1.00 18.26 ? 201 HIS A N   1 
ATOM   1138 C CA  . HIS A 1 213 ? -0.636  -14.273 -8.176  1.00 19.65 ? 201 HIS A CA  1 
ATOM   1139 C C   . HIS A 1 213 ? -0.809  -13.149 -7.194  1.00 21.01 ? 201 HIS A C   1 
ATOM   1140 O O   . HIS A 1 213 ? -0.012  -13.005 -6.279  1.00 23.13 ? 201 HIS A O   1 
ATOM   1141 C CB  . HIS A 1 213 ? 0.684   -14.082 -8.928  1.00 18.46 ? 201 HIS A CB  1 
ATOM   1142 C CG  . HIS A 1 213 ? 1.041   -15.269 -9.754  1.00 24.37 ? 201 HIS A CG  1 
ATOM   1143 N ND1 . HIS A 1 213 ? 1.350   -16.489 -9.193  1.00 31.05 ? 201 HIS A ND1 1 
ATOM   1144 C CD2 . HIS A 1 213 ? 1.063   -15.452 -11.094 1.00 33.51 ? 201 HIS A CD2 1 
ATOM   1145 C CE1 . HIS A 1 213 ? 1.572   -17.368 -10.153 1.00 26.22 ? 201 HIS A CE1 1 
ATOM   1146 N NE2 . HIS A 1 213 ? 1.409   -16.763 -11.316 1.00 31.47 ? 201 HIS A NE2 1 
ATOM   1147 N N   . GLY A 1 214 ? -1.852  -12.353 -7.378  1.00 18.97 ? 202 GLY A N   1 
ATOM   1148 C CA  . GLY A 1 214 ? -2.008  -11.124 -6.621  1.00 17.70 ? 202 GLY A CA  1 
ATOM   1149 C C   . GLY A 1 214 ? -2.405  -10.015 -7.581  1.00 18.13 ? 202 GLY A C   1 
ATOM   1150 O O   . GLY A 1 214 ? -2.606  -10.278 -8.781  1.00 17.06 ? 202 GLY A O   1 
ATOM   1151 N N   . PRO A 1 215 ? -2.588  -8.792  -7.056  1.00 17.17 ? 203 PRO A N   1 
ATOM   1152 C CA  . PRO A 1 215 ? -2.945  -7.614  -7.841  1.00 17.78 ? 203 PRO A CA  1 
ATOM   1153 C C   . PRO A 1 215 ? -1.991  -7.422  -8.990  1.00 17.81 ? 203 PRO A C   1 
ATOM   1154 O O   . PRO A 1 215 ? -0.778  -7.405  -8.788  1.00 21.35 ? 203 PRO A O   1 
ATOM   1155 C CB  . PRO A 1 215 ? -2.813  -6.476  -6.812  1.00 17.12 ? 203 PRO A CB  1 
ATOM   1156 C CG  . PRO A 1 215 ? -3.168  -7.128  -5.542  1.00 19.46 ? 203 PRO A CG  1 
ATOM   1157 C CD  . PRO A 1 215 ? -2.525  -8.472  -5.620  1.00 19.25 ? 203 PRO A CD  1 
ATOM   1158 N N   . ARG A 1 216 ? -2.529  -7.260  -10.198 1.00 17.60 ? 204 ARG A N   1 
ATOM   1159 C CA  . ARG A 1 216 ? -1.709  -7.064  -11.381 1.00 18.27 ? 204 ARG A CA  1 
ATOM   1160 C C   . ARG A 1 216 ? -1.322  -5.604  -11.555 1.00 17.92 ? 204 ARG A C   1 
ATOM   1161 O O   . ARG A 1 216 ? -0.451  -5.276  -12.368 1.00 18.36 ? 204 ARG A O   1 
ATOM   1162 C CB  . ARG A 1 216 ? -2.433  -7.593  -12.614 1.00 17.21 ? 204 ARG A CB  1 
ATOM   1163 C CG  . ARG A 1 216 ? -2.478  -9.113  -12.627 1.00 15.99 ? 204 ARG A CG  1 
ATOM   1164 C CD  . ARG A 1 216 ? -3.297  -9.666  -13.740 1.00 16.43 ? 204 ARG A CD  1 
ATOM   1165 N NE  . ARG A 1 216 ? -4.685  -9.211  -13.701 1.00 17.39 ? 204 ARG A NE  1 
ATOM   1166 C CZ  . ARG A 1 216 ? -5.623  -9.596  -14.563 1.00 14.57 ? 204 ARG A CZ  1 
ATOM   1167 N NH1 . ARG A 1 216 ? -5.347  -10.456 -15.520 1.00 15.01 ? 204 ARG A NH1 1 
ATOM   1168 N NH2 . ARG A 1 216 ? -6.858  -9.116  -14.459 1.00 16.58 ? 204 ARG A NH2 1 
ATOM   1169 N N   . ARG A 1 217 ? -1.950  -4.745  -10.755 1.00 18.54 ? 205 ARG A N   1 
ATOM   1170 C CA  . ARG A 1 217 ? -1.719  -3.322  -10.781 1.00 19.08 ? 205 ARG A CA  1 
ATOM   1171 C C   . ARG A 1 217 ? -1.453  -2.816  -9.382  1.00 16.79 ? 205 ARG A C   1 
ATOM   1172 O O   . ARG A 1 217 ? -2.177  -3.138  -8.432  1.00 15.38 ? 205 ARG A O   1 
ATOM   1173 C CB  . ARG A 1 217 ? -2.916  -2.604  -11.385 1.00 18.92 ? 205 ARG A CB  1 
ATOM   1174 C CG  . ARG A 1 217 ? -3.201  -3.023  -12.832 1.00 24.59 ? 205 ARG A CG  1 
ATOM   1175 C CD  . ARG A 1 217 ? -4.578  -2.547  -13.276 1.00 26.99 ? 205 ARG A CD  1 
ATOM   1176 N NE  . ARG A 1 217 ? -4.648  -1.090  -13.167 1.00 37.40 ? 205 ARG A NE  1 
ATOM   1177 C CZ  . ARG A 1 217 ? -5.708  -0.393  -12.755 1.00 31.88 ? 205 ARG A CZ  1 
ATOM   1178 N NH1 . ARG A 1 217 ? -6.829  -1.000  -12.383 1.00 29.60 ? 205 ARG A NH1 1 
ATOM   1179 N NH2 . ARG A 1 217 ? -5.633  0.930   -12.704 1.00 33.82 ? 205 ARG A NH2 1 
ATOM   1180 N N   . LEU A 1 218 ? -0.377  -2.062  -9.249  1.00 16.79 ? 206 LEU A N   1 
ATOM   1181 C CA  . LEU A 1 218 ? -0.035  -1.448  -7.984  1.00 15.63 ? 206 LEU A CA  1 
ATOM   1182 C C   . LEU A 1 218 ? 0.278   0.008   -8.208  1.00 16.04 ? 206 LEU A C   1 
ATOM   1183 O O   . LEU A 1 218 ? 1.044   0.366   -9.125  1.00 16.57 ? 206 LEU A O   1 
ATOM   1184 C CB  . LEU A 1 218 ? 1.157   -2.153  -7.321  1.00 16.87 ? 206 LEU A CB  1 
ATOM   1185 C CG  . LEU A 1 218 ? 1.792   -1.414  -6.127  1.00 16.97 ? 206 LEU A CG  1 
ATOM   1186 C CD1 . LEU A 1 218 ? 0.836   -1.297  -4.954  1.00 20.94 ? 206 LEU A CD1 1 
ATOM   1187 C CD2 . LEU A 1 218 ? 3.108   -2.124  -5.772  1.00 18.11 ? 206 LEU A CD2 1 
ATOM   1188 N N   . GLN A 1 219 ? -0.375  0.843   -7.406  1.00 15.04 ? 207 GLN A N   1 
ATOM   1189 C CA  . GLN A 1 219 ? -0.062  2.270   -7.332  1.00 15.09 ? 207 GLN A CA  1 
ATOM   1190 C C   . GLN A 1 219 ? 0.501   2.533   -5.956  1.00 16.61 ? 207 GLN A C   1 
ATOM   1191 O O   . GLN A 1 219 ? -0.162  2.303   -4.960  1.00 17.89 ? 207 GLN A O   1 
ATOM   1192 C CB  . GLN A 1 219 ? -1.308  3.116   -7.529  1.00 14.83 ? 207 GLN A CB  1 
ATOM   1193 C CG  . GLN A 1 219 ? -1.145  4.605   -7.208  1.00 18.98 ? 207 GLN A CG  1 
ATOM   1194 C CD  . GLN A 1 219 ? -0.480  5.366   -8.326  1.00 16.71 ? 207 GLN A CD  1 
ATOM   1195 O OE1 . GLN A 1 219 ? -1.004  5.423   -9.426  1.00 19.53 ? 207 GLN A OE1 1 
ATOM   1196 N NE2 . GLN A 1 219 ? 0.676   5.966   -8.047  1.00 16.29 ? 207 GLN A NE2 1 
ATOM   1197 N N   . VAL A 1 220 ? 1.713   3.046   -5.915  1.00 16.59 ? 208 VAL A N   1 
ATOM   1198 C CA  . VAL A 1 220 ? 2.323   3.490   -4.688  1.00 15.50 ? 208 VAL A CA  1 
ATOM   1199 C C   . VAL A 1 220 ? 2.200   5.003   -4.627  1.00 17.99 ? 208 VAL A C   1 
ATOM   1200 O O   . VAL A 1 220 ? 2.521   5.720   -5.578  1.00 16.49 ? 208 VAL A O   1 
ATOM   1201 C CB  . VAL A 1 220 ? 3.827   3.087   -4.603  1.00 17.79 ? 208 VAL A CB  1 
ATOM   1202 C CG1 . VAL A 1 220 ? 4.482   3.712   -3.380  1.00 16.13 ? 208 VAL A CG1 1 
ATOM   1203 C CG2 . VAL A 1 220 ? 3.990   1.565   -4.621  1.00 18.21 ? 208 VAL A CG2 1 
ATOM   1204 N N   . ILE A 1 221 ? 1.711   5.475   -3.487  1.00 17.57 ? 209 ILE A N   1 
ATOM   1205 C CA  . ILE A 1 221 ? 1.585   6.882   -3.215  1.00 17.85 ? 209 ILE A CA  1 
ATOM   1206 C C   . ILE A 1 221 ? 2.410   7.154   -1.979  1.00 17.82 ? 209 ILE A C   1 
ATOM   1207 O O   . ILE A 1 221 ? 2.058   6.753   -0.877  1.00 16.17 ? 209 ILE A O   1 
ATOM   1208 C CB  . ILE A 1 221 ? 0.115   7.328   -3.004  1.00 16.57 ? 209 ILE A CB  1 
ATOM   1209 C CG1 . ILE A 1 221 ? -0.726  6.969   -4.227  1.00 20.81 ? 209 ILE A CG1 1 
ATOM   1210 C CG2 . ILE A 1 221 ? 0.045   8.850   -2.703  1.00 17.66 ? 209 ILE A CG2 1 
ATOM   1211 C CD1 . ILE A 1 221 ? -2.167  7.438   -4.140  1.00 18.57 ? 209 ILE A CD1 1 
ATOM   1212 N N   . VAL A 1 222 ? 3.548   7.815   -2.177  1.00 16.15 ? 210 VAL A N   1 
ATOM   1213 C CA  . VAL A 1 222 ? 4.320   8.306   -1.037  1.00 15.94 ? 210 VAL A CA  1 
ATOM   1214 C C   . VAL A 1 222 ? 3.787   9.655   -0.627  1.00 18.07 ? 210 VAL A C   1 
ATOM   1215 O O   . VAL A 1 222 ? 3.502   10.492  -1.467  1.00 17.44 ? 210 VAL A O   1 
ATOM   1216 C CB  . VAL A 1 222 ? 5.813   8.387   -1.357  1.00 17.50 ? 210 VAL A CB  1 
ATOM   1217 C CG1 . VAL A 1 222 ? 6.618   8.863   -0.114  1.00 20.70 ? 210 VAL A CG1 1 
ATOM   1218 C CG2 . VAL A 1 222 ? 6.278   7.068   -1.853  1.00 16.78 ? 210 VAL A CG2 1 
ATOM   1219 N N   . VAL A 1 223 ? 3.633   9.861   0.681   1.00 19.41 ? 211 VAL A N   1 
ATOM   1220 C CA  . VAL A 1 223 ? 3.082   11.098  1.154   1.00 20.61 ? 211 VAL A CA  1 
ATOM   1221 C C   . VAL A 1 223 ? 4.008   11.748  2.178   1.00 20.38 ? 211 VAL A C   1 
ATOM   1222 O O   . VAL A 1 223 ? 4.516   11.076  3.077   1.00 19.25 ? 211 VAL A O   1 
ATOM   1223 C CB  . VAL A 1 223 ? 1.615   10.941  1.684   1.00 20.48 ? 211 VAL A CB  1 
ATOM   1224 C CG1 . VAL A 1 223 ? 1.458   9.810   2.643   1.00 24.72 ? 211 VAL A CG1 1 
ATOM   1225 C CG2 . VAL A 1 223 ? 1.116   12.261  2.280   1.00 24.18 ? 211 VAL A CG2 1 
ATOM   1226 N N   . GLY A 1 224 ? 4.256   13.039  1.983   1.00 23.58 ? 212 GLY A N   1 
ATOM   1227 C CA  . GLY A 1 224 ? 4.830   13.881  3.043   1.00 28.59 ? 212 GLY A CA  1 
ATOM   1228 C C   . GLY A 1 224 ? 6.302   14.209  2.868   1.00 32.90 ? 212 GLY A C   1 
ATOM   1229 O O   . GLY A 1 224 ? 6.953   13.783  1.908   1.00 37.36 ? 212 GLY A O   1 
ATOM   1230 O OXT . GLY A 1 224 ? 6.885   14.915  3.706   1.00 34.30 ? 212 GLY A OXT 1 
HETATM 1231 O O   . HOH B 2 .   ? 18.362  14.327  2.215   1.00 14.77 ? 213 HOH A O   1 
HETATM 1232 O O   . HOH B 2 .   ? -4.523  -6.378  3.427   1.00 15.43 ? 214 HOH A O   1 
HETATM 1233 O O   . HOH B 2 .   ? -7.598  -12.940 4.804   1.00 16.67 ? 215 HOH A O   1 
HETATM 1234 O O   . HOH B 2 .   ? -13.418 -1.983  5.974   1.00 17.67 ? 216 HOH A O   1 
HETATM 1235 O O   . HOH B 2 .   ? -10.119 -6.361  7.001   1.00 18.70 ? 217 HOH A O   1 
HETATM 1236 O O   . HOH B 2 .   ? 4.449   -12.732 10.917  1.00 18.75 ? 218 HOH A O   1 
HETATM 1237 O O   . HOH B 2 .   ? 1.036   3.957   5.333   1.00 19.18 ? 219 HOH A O   1 
HETATM 1238 O O   . HOH B 2 .   ? -0.206  -5.693  -3.928  1.00 20.33 ? 220 HOH A O   1 
HETATM 1239 O O   . HOH B 2 .   ? 0.873   -14.518 11.779  1.00 21.03 ? 221 HOH A O   1 
HETATM 1240 O O   . HOH B 2 .   ? -2.496  -9.729  1.318   1.00 21.54 ? 222 HOH A O   1 
HETATM 1241 O O   . HOH B 2 .   ? 1.617   7.583   -10.367 1.00 21.62 ? 223 HOH A O   1 
HETATM 1242 O O   . HOH B 2 .   ? -5.302  -11.892 7.480   1.00 22.17 ? 224 HOH A O   1 
HETATM 1243 O O   . HOH B 2 .   ? 6.577   1.006   -13.543 1.00 22.36 ? 225 HOH A O   1 
HETATM 1244 O O   . HOH B 2 .   ? -2.251  -7.598  12.185  1.00 22.46 ? 226 HOH A O   1 
HETATM 1245 O O   . HOH B 2 .   ? 0.908   -1.424  -12.038 1.00 22.61 ? 227 HOH A O   1 
HETATM 1246 O O   . HOH B 2 .   ? -11.087 -3.455  7.671   1.00 23.40 ? 228 HOH A O   1 
HETATM 1247 O O   . HOH B 2 .   ? -5.362  -10.010 -7.223  1.00 23.62 ? 229 HOH A O   1 
HETATM 1248 O O   . HOH B 2 .   ? -2.247  9.819   -8.347  1.00 24.08 ? 230 HOH A O   1 
HETATM 1249 O O   . HOH B 2 .   ? 3.562   6.392   -12.017 1.00 24.25 ? 231 HOH A O   1 
HETATM 1250 O O   . HOH B 2 .   ? -4.473  -13.261 -13.359 1.00 24.40 ? 232 HOH A O   1 
HETATM 1251 O O   . HOH B 2 .   ? -6.141  16.464  -2.548  1.00 25.09 ? 233 HOH A O   1 
HETATM 1252 O O   . HOH B 2 .   ? -9.441  1.691   -10.251 1.00 25.12 ? 234 HOH A O   1 
HETATM 1253 O O   . HOH B 2 .   ? -0.060  -10.599 -10.224 1.00 25.27 ? 235 HOH A O   1 
HETATM 1254 O O   . HOH B 2 .   ? -4.712  -1.992  14.155  1.00 25.42 ? 236 HOH A O   1 
HETATM 1255 O O   . HOH B 2 .   ? 24.418  10.389  3.034   1.00 25.48 ? 237 HOH A O   1 
HETATM 1256 O O   . HOH B 2 .   ? 1.437   6.015   -13.643 1.00 25.72 ? 238 HOH A O   1 
HETATM 1257 O O   . HOH B 2 .   ? -10.458 -6.731  -8.577  1.00 25.80 ? 239 HOH A O   1 
HETATM 1258 O O   . HOH B 2 .   ? -9.601  10.078  -2.284  1.00 26.24 ? 240 HOH A O   1 
HETATM 1259 O O   . HOH B 2 .   ? -19.053 -5.672  3.762   1.00 26.82 ? 241 HOH A O   1 
HETATM 1260 O O   . HOH B 2 .   ? -11.817 4.555   7.216   1.00 26.92 ? 242 HOH A O   1 
HETATM 1261 O O   . HOH B 2 .   ? 19.252  7.017   -4.900  1.00 26.93 ? 243 HOH A O   1 
HETATM 1262 O O   . HOH B 2 .   ? 16.922  4.342   6.310   1.00 27.97 ? 244 HOH A O   1 
HETATM 1263 O O   . HOH B 2 .   ? -1.534  -12.425 -11.216 1.00 28.10 ? 245 HOH A O   1 
HETATM 1264 O O   . HOH B 2 .   ? -0.831  -7.624  -2.526  1.00 28.49 ? 246 HOH A O   1 
HETATM 1265 O O   . HOH B 2 .   ? 9.675   11.355  -10.533 1.00 28.82 ? 247 HOH A O   1 
HETATM 1266 O O   . HOH B 2 .   ? -0.643  -12.061 2.528   1.00 28.85 ? 248 HOH A O   1 
HETATM 1267 O O   . HOH B 2 .   ? 21.275  13.704  -0.851  1.00 29.52 ? 249 HOH A O   1 
HETATM 1268 O O   . HOH B 2 .   ? 9.302   -3.086  15.805  1.00 29.69 ? 250 HOH A O   1 
HETATM 1269 O O   . HOH B 2 .   ? 19.996  -5.054  5.199   1.00 29.79 ? 251 HOH A O   1 
HETATM 1270 O O   . HOH B 2 .   ? 16.822  6.882   6.726   1.00 30.13 ? 252 HOH A O   1 
HETATM 1271 O O   . HOH B 2 .   ? -17.478 -15.615 -2.858  1.00 30.50 ? 253 HOH A O   1 
HETATM 1272 O O   . HOH B 2 .   ? -9.500  -0.594  -11.623 1.00 30.58 ? 254 HOH A O   1 
HETATM 1273 O O   . HOH B 2 .   ? -15.929 -15.825 0.103   1.00 30.58 ? 255 HOH A O   1 
HETATM 1274 O O   . HOH B 2 .   ? 5.886   11.081  6.735   1.00 30.88 ? 256 HOH A O   1 
HETATM 1275 O O   . HOH B 2 .   ? -17.368 -5.662  -5.182  1.00 31.22 ? 257 HOH A O   1 
HETATM 1276 O O   . HOH B 2 .   ? 12.599  -3.292  -8.529  1.00 31.22 ? 258 HOH A O   1 
HETATM 1277 O O   . HOH B 2 .   ? 19.223  7.928   5.899   1.00 31.67 ? 259 HOH A O   1 
HETATM 1278 O O   . HOH B 2 .   ? 3.712   11.441  5.837   1.00 31.80 ? 260 HOH A O   1 
HETATM 1279 O O   . HOH B 2 .   ? 6.130   -3.464  14.401  1.00 32.18 ? 261 HOH A O   1 
HETATM 1280 O O   . HOH B 2 .   ? 0.066   19.062  2.763   1.00 32.25 ? 262 HOH A O   1 
HETATM 1281 O O   . HOH B 2 .   ? -0.419  5.842   7.014   1.00 32.66 ? 263 HOH A O   1 
HETATM 1282 O O   . HOH B 2 .   ? -11.743 8.599   -9.125  1.00 32.98 ? 264 HOH A O   1 
HETATM 1283 O O   . HOH B 2 .   ? -9.830  -9.258  -8.834  1.00 33.21 ? 265 HOH A O   1 
HETATM 1284 O O   . HOH B 2 .   ? -20.210 -3.114  4.543   1.00 33.54 ? 266 HOH A O   1 
HETATM 1285 O O   . HOH B 2 .   ? 1.362   3.410   10.839  1.00 33.61 ? 267 HOH A O   1 
HETATM 1286 O O   . HOH B 2 .   ? 0.466   -3.250  18.656  1.00 33.94 ? 268 HOH A O   1 
HETATM 1287 O O   . HOH B 2 .   ? 12.268  6.960   8.059   1.00 34.07 ? 269 HOH A O   1 
HETATM 1288 O O   . HOH B 2 .   ? 6.990   8.288   -10.842 1.00 34.33 ? 270 HOH A O   1 
HETATM 1289 O O   . HOH B 2 .   ? 2.097   -0.858  10.979  1.00 34.47 ? 271 HOH A O   1 
HETATM 1290 O O   . HOH B 2 .   ? 2.911   16.988  3.401   1.00 34.53 ? 272 HOH A O   1 
HETATM 1291 O O   . HOH B 2 .   ? -7.610  9.547   -13.204 1.00 34.99 ? 273 HOH A O   1 
HETATM 1292 O O   . HOH B 2 .   ? -2.536  -1.197  15.513  1.00 35.09 ? 274 HOH A O   1 
HETATM 1293 O O   . HOH B 2 .   ? 18.683  -1.503  -4.979  1.00 35.22 ? 275 HOH A O   1 
HETATM 1294 O O   . HOH B 2 .   ? -9.428  -3.898  -10.759 1.00 35.57 ? 276 HOH A O   1 
HETATM 1295 O O   . HOH B 2 .   ? 3.505   -2.731  -15.073 1.00 35.63 ? 277 HOH A O   1 
HETATM 1296 O O   . HOH B 2 .   ? 13.138  6.378   -11.558 1.00 35.69 ? 278 HOH A O   1 
HETATM 1297 O O   . HOH B 2 .   ? 11.500  9.792   -5.423  1.00 35.72 ? 279 HOH A O   1 
HETATM 1298 O O   . HOH B 2 .   ? -13.013 -8.359  8.717   1.00 36.11 ? 280 HOH A O   1 
HETATM 1299 O O   . HOH B 2 .   ? -13.465 -13.236 2.003   1.00 36.30 ? 281 HOH A O   1 
HETATM 1300 O O   . HOH B 2 .   ? -4.979  14.094  3.852   1.00 36.34 ? 282 HOH A O   1 
HETATM 1301 O O   . HOH B 2 .   ? -14.765 14.571  -0.843  1.00 36.51 ? 283 HOH A O   1 
HETATM 1302 O O   . HOH B 2 .   ? 18.246  3.297   -8.104  1.00 36.55 ? 284 HOH A O   1 
HETATM 1303 O O   . HOH B 2 .   ? 20.136  2.490   -6.283  1.00 36.86 ? 285 HOH A O   1 
HETATM 1304 O O   . HOH B 2 .   ? 19.177  11.254  -4.889  1.00 36.88 ? 286 HOH A O   1 
HETATM 1305 O O   . HOH B 2 .   ? -12.701 -5.945  -10.892 1.00 36.96 ? 287 HOH A O   1 
HETATM 1306 O O   . HOH B 2 .   ? 7.775   -8.836  -7.666  1.00 37.01 ? 288 HOH A O   1 
HETATM 1307 O O   . HOH B 2 .   ? 1.648   -6.132  -5.697  1.00 37.10 ? 289 HOH A O   1 
HETATM 1308 O O   . HOH B 2 .   ? -2.039  7.986   -10.364 1.00 37.36 ? 290 HOH A O   1 
HETATM 1309 O O   . HOH B 2 .   ? -0.641  12.057  -8.080  1.00 37.92 ? 291 HOH A O   1 
HETATM 1310 O O   . HOH B 2 .   ? 6.458   11.785  -7.988  1.00 38.18 ? 292 HOH A O   1 
HETATM 1311 O O   . HOH B 2 .   ? 3.528   -16.073 -6.668  1.00 38.19 ? 293 HOH A O   1 
HETATM 1312 O O   . HOH B 2 .   ? 24.521  2.988   1.756   1.00 38.34 ? 294 HOH A O   1 
HETATM 1313 O O   . HOH B 2 .   ? 9.750   10.188  -4.039  1.00 38.66 ? 295 HOH A O   1 
HETATM 1314 O O   . HOH B 2 .   ? -7.849  3.046   -12.162 1.00 39.46 ? 296 HOH A O   1 
HETATM 1315 O O   . HOH B 2 .   ? 9.723   3.310   9.882   1.00 39.76 ? 297 HOH A O   1 
HETATM 1316 O O   . HOH B 2 .   ? -3.729  15.483  -6.308  1.00 40.07 ? 298 HOH A O   1 
HETATM 1317 O O   . HOH B 2 .   ? 19.705  5.162   6.214   1.00 40.47 ? 299 HOH A O   1 
HETATM 1318 O O   . HOH B 2 .   ? -5.168  -4.323  14.519  1.00 40.61 ? 300 HOH A O   1 
HETATM 1319 O O   . HOH B 2 .   ? -4.548  -13.853 -5.682  1.00 40.87 ? 301 HOH A O   1 
HETATM 1320 O O   . HOH B 2 .   ? -8.120  -12.232 -7.783  1.00 40.94 ? 302 HOH A O   1 
HETATM 1321 O O   . HOH B 2 .   ? 18.181  6.469   -7.414  1.00 40.98 ? 303 HOH A O   1 
HETATM 1322 O O   . HOH B 2 .   ? -8.967  -3.147  8.975   1.00 41.15 ? 304 HOH A O   1 
HETATM 1323 O O   . HOH B 2 .   ? -2.649  5.168   8.618   1.00 41.54 ? 305 HOH A O   1 
HETATM 1324 O O   . HOH B 2 .   ? -10.384 -16.596 2.837   1.00 41.71 ? 306 HOH A O   1 
HETATM 1325 O O   . HOH B 2 .   ? 7.535   2.056   9.920   1.00 41.95 ? 307 HOH A O   1 
HETATM 1326 O O   . HOH B 2 .   ? 4.469   2.361   10.321  1.00 42.50 ? 308 HOH A O   1 
HETATM 1327 O O   . HOH B 2 .   ? -10.165 6.014   10.501  1.00 42.76 ? 309 HOH A O   1 
HETATM 1328 O O   . HOH B 2 .   ? 9.617   -7.781  -9.184  1.00 42.79 ? 310 HOH A O   1 
HETATM 1329 O O   . HOH B 2 .   ? 13.737  0.538   11.444  1.00 42.83 ? 311 HOH A O   1 
HETATM 1330 O O   . HOH B 2 .   ? 15.844  2.874   10.206  1.00 43.86 ? 312 HOH A O   1 
HETATM 1331 O O   . HOH B 2 .   ? -0.884  0.689   10.886  1.00 43.86 ? 313 HOH A O   1 
HETATM 1332 O O   . HOH B 2 .   ? 15.166  -3.010  -9.755  1.00 44.34 ? 314 HOH A O   1 
HETATM 1333 O O   . HOH B 2 .   ? -7.479  -4.003  -12.686 1.00 44.38 ? 315 HOH A O   1 
HETATM 1334 O O   . HOH B 2 .   ? 10.432  11.761  -7.989  1.00 44.47 ? 316 HOH A O   1 
HETATM 1335 O O   . HOH B 2 .   ? 15.731  2.283   -12.194 1.00 44.71 ? 317 HOH A O   1 
HETATM 1336 O O   . HOH B 2 .   ? 21.453  0.768   -1.709  1.00 44.99 ? 318 HOH A O   1 
HETATM 1337 O O   . HOH B 2 .   ? 0.205   -3.239  -14.113 1.00 45.26 ? 319 HOH A O   1 
HETATM 1338 O O   . HOH B 2 .   ? -12.779 14.160  3.311   1.00 45.26 ? 320 HOH A O   1 
HETATM 1339 O O   . HOH B 2 .   ? -8.616  -10.467 -11.572 1.00 45.66 ? 321 HOH A O   1 
HETATM 1340 O O   . HOH B 2 .   ? 13.956  -4.063  16.298  1.00 45.76 ? 322 HOH A O   1 
HETATM 1341 O O   . HOH B 2 .   ? -17.092 3.429   -10.223 1.00 45.90 ? 323 HOH A O   1 
HETATM 1342 O O   . HOH B 2 .   ? 9.974   -0.569  -15.678 1.00 45.96 ? 324 HOH A O   1 
HETATM 1343 O O   . HOH B 2 .   ? -6.914  -5.539  10.016  1.00 46.33 ? 325 HOH A O   1 
HETATM 1344 O O   . HOH B 2 .   ? -16.846 0.388   -11.209 1.00 47.26 ? 326 HOH A O   1 
HETATM 1345 O O   . HOH B 2 .   ? 0.753   20.650  -0.587  1.00 47.36 ? 327 HOH A O   1 
HETATM 1346 O O   . HOH B 2 .   ? 13.114  -4.607  18.799  1.00 47.50 ? 328 HOH A O   1 
HETATM 1347 O O   . HOH B 2 .   ? 4.265   14.634  -7.524  1.00 48.04 ? 329 HOH A O   1 
HETATM 1348 O O   . HOH B 2 .   ? -10.412 9.235   10.144  1.00 48.24 ? 330 HOH A O   1 
HETATM 1349 O O   . HOH B 2 .   ? 6.325   -3.229  -3.544  1.00 48.49 ? 331 HOH A O   1 
HETATM 1350 O O   . HOH B 2 .   ? -14.675 -18.479 -2.976  1.00 48.67 ? 332 HOH A O   1 
HETATM 1351 O O   . HOH B 2 .   ? -8.843  -6.085  -13.595 1.00 48.99 ? 333 HOH A O   1 
HETATM 1352 O O   . HOH B 2 .   ? -18.935 6.599   -8.579  1.00 49.14 ? 334 HOH A O   1 
HETATM 1353 O O   . HOH B 2 .   ? 9.998   14.380  1.279   1.00 49.33 ? 335 HOH A O   1 
HETATM 1354 O O   . HOH B 2 .   ? 11.932  13.727  3.059   1.00 50.30 ? 336 HOH A O   1 
HETATM 1355 O O   . HOH B 2 .   ? -13.603 3.370   9.575   1.00 51.47 ? 337 HOH A O   1 
HETATM 1356 O O   . HOH B 2 .   ? 19.391  -5.107  -10.084 1.00 51.68 ? 338 HOH A O   1 
HETATM 1357 O O   . HOH B 2 .   ? -11.170 -14.589 1.638   1.00 51.71 ? 339 HOH A O   1 
HETATM 1358 O O   . HOH B 2 .   ? 24.863  10.754  0.532   1.00 51.97 ? 340 HOH A O   1 
HETATM 1359 O O   . HOH B 2 .   ? -15.705 13.749  1.432   1.00 54.41 ? 341 HOH A O   1 
HETATM 1360 O O   . HOH B 2 .   ? 13.904  -7.539  -9.507  1.00 54.53 ? 342 HOH A O   1 
HETATM 1361 O O   . HOH B 2 .   ? -4.376  4.754   10.855  1.00 54.86 ? 343 HOH A O   1 
HETATM 1362 O O   . HOH B 2 .   ? -10.306 4.973   -15.358 1.00 55.49 ? 344 HOH A O   1 
# 
